data_2FCY
# 
_entry.id   2FCY 
# 
_audit_conform.dict_name       mmcif_pdbx.dic 
_audit_conform.dict_version    5.377 
_audit_conform.dict_location   http://mmcif.pdb.org/dictionaries/ascii/mmcif_pdbx.dic 
# 
loop_
_database_2.database_id 
_database_2.database_code 
_database_2.pdbx_database_accession 
_database_2.pdbx_DOI 
PDB   2FCY         pdb_00002fcy 10.2210/pdb2fcy/pdb 
NDB   DR0024       ?            ?                   
RCSB  RCSB035729   ?            ?                   
WWPDB D_1000035729 ?            ?                   
# 
loop_
_pdbx_database_related.db_name 
_pdbx_database_related.db_id 
_pdbx_database_related.details 
_pdbx_database_related.content_type 
PDB 2FCX 'HIV-1 DIS kissing-loop in complex with Neamine'      unspecified 
PDB 1XP7 'subtype F HIV-1 DIS kissing-loop'                    unspecified 
PDB 1Y3S 'subtype F HIV-1 DIS kissing-loop'                    unspecified 
PDB 1FCZ 'HIV-1 DIS kissing-loop in complex with Ribostamycin' unspecified 
PDB 2FD0 'HIV-1 DIS kissing-loop in complex with lividomycin'  unspecified 
# 
_pdbx_database_status.status_code                     REL 
_pdbx_database_status.entry_id                        2FCY 
_pdbx_database_status.recvd_initial_deposition_date   2005-12-13 
_pdbx_database_status.deposit_site                    RCSB 
_pdbx_database_status.process_site                    RCSB 
_pdbx_database_status.status_code_sf                  REL 
_pdbx_database_status.status_code_mr                  ? 
_pdbx_database_status.SG_entry                        ? 
_pdbx_database_status.pdb_format_compatible           Y 
_pdbx_database_status.status_code_cs                  ? 
_pdbx_database_status.status_code_nmr_data            ? 
_pdbx_database_status.methods_development_category    ? 
# 
loop_
_audit_author.name 
_audit_author.pdbx_ordinal 
'Ennifar, E.'    1 
'Paillart, J.C.' 2 
'Marquet, R.'    3 
'Dumas, P.'      4 
# 
_citation.id                        primary 
_citation.title                     
'Targeting the dimerization initiation site of HIV-1 RNA with aminoglycosides: from crystal to cell.' 
_citation.journal_abbrev            'Nucleic Acids Res.' 
_citation.journal_volume            34 
_citation.page_first                2328 
_citation.page_last                 2339 
_citation.year                      2006 
_citation.journal_id_ASTM           NARHAD 
_citation.country                   UK 
_citation.journal_id_ISSN           0305-1048 
_citation.journal_id_CSD            0389 
_citation.book_publisher            ? 
_citation.pdbx_database_id_PubMed   16679451 
_citation.pdbx_database_id_DOI      10.1093/nar/gkl317 
# 
loop_
_citation_author.citation_id 
_citation_author.name 
_citation_author.ordinal 
_citation_author.identifier_ORCID 
primary 'Ennifar, E.'     1 ? 
primary 'Paillart, J.C.'  2 ? 
primary 'Bodlenner, A.'   3 ? 
primary 'Walter, P.'      4 ? 
primary 'Weibel, J.-M.'   5 ? 
primary 'Aubertin, A.-M.' 6 ? 
primary 'Pale, P.'        7 ? 
primary 'Dumas, P.'       8 ? 
primary 'Marquet, R.'     9 ? 
# 
_cell.entry_id           2FCY 
_cell.length_a           27.105 
_cell.length_b           113.702 
_cell.length_c           96.165 
_cell.angle_alpha        90.00 
_cell.angle_beta         90.00 
_cell.angle_gamma        90.00 
_cell.Z_PDB              16 
_cell.pdbx_unique_axis   ? 
_cell.length_a_esd       ? 
_cell.length_b_esd       ? 
_cell.length_c_esd       ? 
_cell.angle_alpha_esd    ? 
_cell.angle_beta_esd     ? 
_cell.angle_gamma_esd    ? 
# 
_symmetry.entry_id                         2FCY 
_symmetry.space_group_name_H-M             'C 2 2 21' 
_symmetry.pdbx_full_space_group_name_H-M   ? 
_symmetry.cell_setting                     ? 
_symmetry.Int_Tables_number                20 
_symmetry.space_group_name_Hall            ? 
# 
loop_
_entity.id 
_entity.type 
_entity.src_method 
_entity.pdbx_description 
_entity.formula_weight 
_entity.pdbx_number_of_molecules 
_entity.pdbx_ec 
_entity.pdbx_mutation 
_entity.pdbx_fragment 
_entity.details 
1 polymer     syn 'HIV-1 DIS RNA' 7465.368 2  ? ? ? ? 
2 non-polymer syn NEOMYCIN        614.644  2  ? ? ? ? 
3 non-polymer syn 'POTASSIUM ION' 39.098   6  ? ? ? ? 
4 non-polymer syn 'CHLORIDE ION'  35.453   1  ? ? ? ? 
5 non-polymer syn 'SULFATE ION'   96.063   1  ? ? ? ? 
6 water       nat water           18.015   74 ? ? ? ? 
# 
_entity_poly.entity_id                      1 
_entity_poly.type                           polyribonucleotide 
_entity_poly.nstd_linkage                   no 
_entity_poly.nstd_monomer                   yes 
_entity_poly.pdbx_seq_one_letter_code       'CU(5BU)GCUGAAGUGCACACAGCAAG' 
_entity_poly.pdbx_seq_one_letter_code_can   CUUGCUGAAGUGCACACAGCAAG 
_entity_poly.pdbx_strand_id                 A,B 
_entity_poly.pdbx_target_identifier         ? 
# 
loop_
_entity_poly_seq.entity_id 
_entity_poly_seq.num 
_entity_poly_seq.mon_id 
_entity_poly_seq.hetero 
1 1  C   n 
1 2  U   n 
1 3  5BU n 
1 4  G   n 
1 5  C   n 
1 6  U   n 
1 7  G   n 
1 8  A   n 
1 9  A   n 
1 10 G   n 
1 11 U   n 
1 12 G   n 
1 13 C   n 
1 14 A   n 
1 15 C   n 
1 16 A   n 
1 17 C   n 
1 18 A   n 
1 19 G   n 
1 20 C   n 
1 21 A   n 
1 22 A   n 
1 23 G   n 
# 
_pdbx_entity_src_syn.entity_id              1 
_pdbx_entity_src_syn.pdbx_src_id            1 
_pdbx_entity_src_syn.pdbx_alt_source_flag   sample 
_pdbx_entity_src_syn.pdbx_beg_seq_num       ? 
_pdbx_entity_src_syn.pdbx_end_seq_num       ? 
_pdbx_entity_src_syn.organism_scientific    ? 
_pdbx_entity_src_syn.organism_common_name   ? 
_pdbx_entity_src_syn.ncbi_taxonomy_id       ? 
_pdbx_entity_src_syn.details                'This sequence occurs naturally in subtype F HIV-1' 
# 
_struct_ref.id                         1 
_struct_ref.entity_id                  1 
_struct_ref.db_name                    PDB 
_struct_ref.db_code                    2FCY 
_struct_ref.pdbx_db_accession          2FCY 
_struct_ref.pdbx_db_isoform            ? 
_struct_ref.pdbx_seq_one_letter_code   ? 
_struct_ref.pdbx_align_begin           ? 
# 
loop_
_struct_ref_seq.align_id 
_struct_ref_seq.ref_id 
_struct_ref_seq.pdbx_PDB_id_code 
_struct_ref_seq.pdbx_strand_id 
_struct_ref_seq.seq_align_beg 
_struct_ref_seq.pdbx_seq_align_beg_ins_code 
_struct_ref_seq.seq_align_end 
_struct_ref_seq.pdbx_seq_align_end_ins_code 
_struct_ref_seq.pdbx_db_accession 
_struct_ref_seq.db_align_beg 
_struct_ref_seq.pdbx_db_align_beg_ins_code 
_struct_ref_seq.db_align_end 
_struct_ref_seq.pdbx_db_align_end_ins_code 
_struct_ref_seq.pdbx_auth_seq_align_beg 
_struct_ref_seq.pdbx_auth_seq_align_end 
1 1 2FCY A 1 ? 23 ? 2FCY 1 ? 23 ? 1 23 
2 1 2FCY B 1 ? 23 ? 2FCY 1 ? 23 ? 1 23 
# 
loop_
_chem_comp.id 
_chem_comp.type 
_chem_comp.mon_nstd_flag 
_chem_comp.name 
_chem_comp.pdbx_synonyms 
_chem_comp.formula 
_chem_comp.formula_weight 
5BU 'RNA linking' n "5-BROMO-URIDINE-5'-MONOPHOSPHATE" ?                                           'C9 H12 Br N2 O9 P' 403.077 
A   'RNA linking' y "ADENOSINE-5'-MONOPHOSPHATE"       ?                                           'C10 H14 N5 O7 P'   347.221 
C   'RNA linking' y "CYTIDINE-5'-MONOPHOSPHATE"        ?                                           'C9 H14 N3 O8 P'    323.197 
CL  non-polymer   . 'CHLORIDE ION'                     ?                                           'Cl -1'             35.453  
G   'RNA linking' y "GUANOSINE-5'-MONOPHOSPHATE"       ?                                           'C10 H14 N5 O8 P'   363.221 
HOH non-polymer   . WATER                              ?                                           'H2 O'              18.015  
K   non-polymer   . 'POTASSIUM ION'                    ?                                           'K 1'               39.098  
NMY non-polymer   . NEOMYCIN                           'MYCIFRADIN; NEOMAS; PIMAVECORT; VONAMYCIN' 'C23 H46 N6 O13'    614.644 
SO4 non-polymer   . 'SULFATE ION'                      ?                                           'O4 S -2'           96.063  
U   'RNA linking' y "URIDINE-5'-MONOPHOSPHATE"         ?                                           'C9 H13 N2 O9 P'    324.181 
# 
_exptl.entry_id          2FCY 
_exptl.method            'X-RAY DIFFRACTION' 
_exptl.crystals_number   1 
# 
_exptl_crystal.id                    1 
_exptl_crystal.density_meas          ? 
_exptl_crystal.density_Matthews      2.48 
_exptl_crystal.density_percent_sol   50.43 
_exptl_crystal.description           ? 
_exptl_crystal.F_000                 ? 
_exptl_crystal.preparation           ? 
# 
_exptl_crystal_grow.crystal_id      1 
_exptl_crystal_grow.method          'VAPOR DIFFUSION, SITTING DROP' 
_exptl_crystal_grow.temp            310 
_exptl_crystal_grow.temp_details    ? 
_exptl_crystal_grow.pH              7.0 
_exptl_crystal_grow.pdbx_details    'MPD, KCl, MgCl2, Na cacodylate pH 7.0, VAPOR DIFFUSION, SITTING DROP, temperature 310K' 
_exptl_crystal_grow.pdbx_pH_range   . 
# 
_diffrn.id                     1 
_diffrn.ambient_temp           100 
_diffrn.ambient_temp_details   ? 
_diffrn.crystal_id             1 
# 
_diffrn_detector.diffrn_id              1 
_diffrn_detector.detector               CCD 
_diffrn_detector.type                   MARRESEARCH 
_diffrn_detector.pdbx_collection_date   2004-12-01 
_diffrn_detector.details                ? 
# 
_diffrn_radiation.diffrn_id                        1 
_diffrn_radiation.wavelength_id                    1 
_diffrn_radiation.pdbx_monochromatic_or_laue_m_l   M 
_diffrn_radiation.monochromator                    ? 
_diffrn_radiation.pdbx_diffrn_protocol             'SINGLE WAVELENGTH' 
_diffrn_radiation.pdbx_scattering_type             x-ray 
# 
_diffrn_radiation_wavelength.id           1 
_diffrn_radiation_wavelength.wavelength   0.91946 
_diffrn_radiation_wavelength.wt           1.0 
# 
_diffrn_source.diffrn_id                   1 
_diffrn_source.source                      SYNCHROTRON 
_diffrn_source.type                        'SLS BEAMLINE X06SA' 
_diffrn_source.pdbx_synchrotron_site       SLS 
_diffrn_source.pdbx_synchrotron_beamline   X06SA 
_diffrn_source.pdbx_wavelength             ? 
_diffrn_source.pdbx_wavelength_list        0.91946 
# 
_reflns.entry_id                     2FCY 
_reflns.observed_criterion_sigma_I   0 
_reflns.observed_criterion_sigma_F   0 
_reflns.d_resolution_low             40 
_reflns.d_resolution_high            2.2 
_reflns.number_obs                   7689 
_reflns.number_all                   ? 
_reflns.percent_possible_obs         96.7 
_reflns.pdbx_Rmerge_I_obs            ? 
_reflns.pdbx_Rsym_value              0.059 
_reflns.pdbx_netI_over_sigmaI        20.7 
_reflns.B_iso_Wilson_estimate        53.8 
_reflns.pdbx_redundancy              4.3 
_reflns.R_free_details               ? 
_reflns.pdbx_chi_squared             ? 
_reflns.pdbx_scaling_rejects         ? 
_reflns.pdbx_diffrn_id               1 
_reflns.pdbx_ordinal                 1 
# 
_reflns_shell.d_res_high             2.2 
_reflns_shell.d_res_low              ? 
_reflns_shell.percent_possible_all   90.2 
_reflns_shell.Rmerge_I_obs           ? 
_reflns_shell.pdbx_Rsym_value        0.231 
_reflns_shell.meanI_over_sigI_obs    6.4 
_reflns_shell.pdbx_redundancy        ? 
_reflns_shell.percent_possible_obs   ? 
_reflns_shell.number_unique_all      ? 
_reflns_shell.number_measured_all    ? 
_reflns_shell.number_measured_obs    ? 
_reflns_shell.number_unique_obs      ? 
_reflns_shell.pdbx_chi_squared       ? 
_reflns_shell.pdbx_diffrn_id         ? 
_reflns_shell.pdbx_ordinal           1 
# 
_refine.entry_id                                 2FCY 
_refine.ls_number_reflns_obs                     7669 
_refine.ls_number_reflns_all                     ? 
_refine.pdbx_ls_sigma_I                          ? 
_refine.pdbx_ls_sigma_F                          0.0 
_refine.pdbx_data_cutoff_high_absF               787754.23 
_refine.pdbx_data_cutoff_low_absF                0.000000 
_refine.pdbx_data_cutoff_high_rms_absF           787754.23 
_refine.ls_d_res_low                             18.22 
_refine.ls_d_res_high                            2.20 
_refine.ls_percent_reflns_obs                    96.8 
_refine.ls_R_factor_obs                          0.235 
_refine.ls_R_factor_all                          ? 
_refine.ls_R_factor_R_work                       0.235 
_refine.ls_R_factor_R_free                       0.253 
_refine.ls_R_factor_R_free_error                 0.010 
_refine.ls_R_factor_R_free_error_details         ? 
_refine.ls_percent_reflns_R_free                 8.4 
_refine.ls_number_reflns_R_free                  644 
_refine.ls_number_parameters                     ? 
_refine.ls_number_restraints                     ? 
_refine.occupancy_min                            ? 
_refine.occupancy_max                            ? 
_refine.correlation_coeff_Fo_to_Fc               ? 
_refine.correlation_coeff_Fo_to_Fc_free          ? 
_refine.B_iso_mean                               35.1 
_refine.aniso_B[1][1]                            3.74 
_refine.aniso_B[2][2]                            -4.67 
_refine.aniso_B[3][3]                            0.93 
_refine.aniso_B[1][2]                            0.00 
_refine.aniso_B[1][3]                            0.00 
_refine.aniso_B[2][3]                            0.00 
_refine.solvent_model_details                    'FLAT MODEL' 
_refine.solvent_model_param_ksol                 0.361152 
_refine.solvent_model_param_bsol                 35.2886 
_refine.pdbx_solvent_vdw_probe_radii             ? 
_refine.pdbx_solvent_ion_probe_radii             ? 
_refine.pdbx_solvent_shrinkage_radii             ? 
_refine.pdbx_ls_cross_valid_method               THROUGHOUT 
_refine.details                                  ? 
_refine.pdbx_starting_model                      2FCX 
_refine.pdbx_method_to_determine_struct          'MOLECULAR REPLACEMENT' 
_refine.pdbx_isotropic_thermal_model             RESTRAINED 
_refine.pdbx_stereochemistry_target_values       ? 
_refine.pdbx_stereochem_target_val_spec_case     ? 
_refine.pdbx_R_Free_selection_details            RANDOM 
_refine.pdbx_overall_ESU_R                       ? 
_refine.pdbx_overall_ESU_R_Free                  ? 
_refine.overall_SU_ML                            ? 
_refine.overall_SU_B                             ? 
_refine.ls_redundancy_reflns_obs                 ? 
_refine.overall_SU_R_Cruickshank_DPI             ? 
_refine.overall_SU_R_free                        ? 
_refine.ls_wR_factor_R_free                      ? 
_refine.ls_wR_factor_R_work                      ? 
_refine.overall_FOM_free_R_set                   ? 
_refine.overall_FOM_work_R_set                   ? 
_refine.pdbx_refine_id                           'X-RAY DIFFRACTION' 
_refine.pdbx_diffrn_id                           1 
_refine.pdbx_TLS_residual_ADP_flag               ? 
_refine.pdbx_overall_phase_error                 ? 
_refine.pdbx_overall_SU_R_free_Cruickshank_DPI   ? 
_refine.pdbx_overall_SU_R_Blow_DPI               ? 
_refine.pdbx_overall_SU_R_free_Blow_DPI          ? 
# 
_refine_analyze.entry_id                        2FCY 
_refine_analyze.Luzzati_coordinate_error_obs    0.34 
_refine_analyze.Luzzati_sigma_a_obs             0.36 
_refine_analyze.Luzzati_d_res_low_obs           5.00 
_refine_analyze.Luzzati_coordinate_error_free   0.40 
_refine_analyze.Luzzati_sigma_a_free            0.39 
_refine_analyze.Luzzati_d_res_low_free          ? 
_refine_analyze.number_disordered_residues      ? 
_refine_analyze.occupancy_sum_hydrogen          ? 
_refine_analyze.occupancy_sum_non_hydrogen      ? 
_refine_analyze.pdbx_refine_id                  'X-RAY DIFFRACTION' 
# 
_refine_hist.pdbx_refine_id                   'X-RAY DIFFRACTION' 
_refine_hist.cycle_id                         LAST 
_refine_hist.pdbx_number_atoms_protein        0 
_refine_hist.pdbx_number_atoms_nucleic_acid   980 
_refine_hist.pdbx_number_atoms_ligand         96 
_refine_hist.number_atoms_solvent             74 
_refine_hist.number_atoms_total               1150 
_refine_hist.d_res_high                       2.20 
_refine_hist.d_res_low                        18.22 
# 
loop_
_refine_ls_restr.type 
_refine_ls_restr.dev_ideal 
_refine_ls_restr.dev_ideal_target 
_refine_ls_restr.weight 
_refine_ls_restr.number 
_refine_ls_restr.pdbx_refine_id 
_refine_ls_restr.pdbx_restraint_function 
c_bond_d                0.005 ? ? ? 'X-RAY DIFFRACTION' ? 
c_bond_d_na             ?     ? ? ? 'X-RAY DIFFRACTION' ? 
c_bond_d_prot           ?     ? ? ? 'X-RAY DIFFRACTION' ? 
c_angle_d               ?     ? ? ? 'X-RAY DIFFRACTION' ? 
c_angle_d_na            ?     ? ? ? 'X-RAY DIFFRACTION' ? 
c_angle_d_prot          ?     ? ? ? 'X-RAY DIFFRACTION' ? 
c_angle_deg             1.2   ? ? ? 'X-RAY DIFFRACTION' ? 
c_angle_deg_na          ?     ? ? ? 'X-RAY DIFFRACTION' ? 
c_angle_deg_prot        ?     ? ? ? 'X-RAY DIFFRACTION' ? 
c_dihedral_angle_d      13.3  ? ? ? 'X-RAY DIFFRACTION' ? 
c_dihedral_angle_d_na   ?     ? ? ? 'X-RAY DIFFRACTION' ? 
c_dihedral_angle_d_prot ?     ? ? ? 'X-RAY DIFFRACTION' ? 
c_improper_angle_d      1.43  ? ? ? 'X-RAY DIFFRACTION' ? 
c_improper_angle_d_na   ?     ? ? ? 'X-RAY DIFFRACTION' ? 
c_improper_angle_d_prot ?     ? ? ? 'X-RAY DIFFRACTION' ? 
c_mcbond_it             ?     ? ? ? 'X-RAY DIFFRACTION' ? 
c_mcangle_it            ?     ? ? ? 'X-RAY DIFFRACTION' ? 
c_scbond_it             ?     ? ? ? 'X-RAY DIFFRACTION' ? 
c_scangle_it            ?     ? ? ? 'X-RAY DIFFRACTION' ? 
# 
_refine_ls_shell.pdbx_total_number_of_bins_used   6 
_refine_ls_shell.d_res_high                       2.20 
_refine_ls_shell.d_res_low                        2.34 
_refine_ls_shell.number_reflns_R_work             1095 
_refine_ls_shell.R_factor_R_work                  0.345 
_refine_ls_shell.percent_reflns_obs               92.0 
_refine_ls_shell.R_factor_R_free                  0.309 
_refine_ls_shell.R_factor_R_free_error            0.031 
_refine_ls_shell.percent_reflns_R_free            8.4 
_refine_ls_shell.number_reflns_R_free             101 
_refine_ls_shell.number_reflns_all                ? 
_refine_ls_shell.R_factor_all                     ? 
_refine_ls_shell.number_reflns_obs                ? 
_refine_ls_shell.redundancy_reflns_obs            ? 
_refine_ls_shell.pdbx_refine_id                   'X-RAY DIFFRACTION' 
# 
loop_
_pdbx_xplor_file.serial_no 
_pdbx_xplor_file.param_file 
_pdbx_xplor_file.topol_file 
_pdbx_xplor_file.pdbx_refine_id 
1 water_rep.param water.top     'X-RAY DIFFRACTION' 
2 dna-rna.param   dna-rna.top   'X-RAY DIFFRACTION' 
3 ion.param       ion.top       'X-RAY DIFFRACTION' 
4 bru_rep.param   bru.top       'X-RAY DIFFRACTION' 
5 neomycine.param neomycine.top 'X-RAY DIFFRACTION' 
# 
_struct.entry_id                  2FCY 
_struct.title                     'HIV-1 DIS kissing-loop in complex with Neomycin' 
_struct.pdbx_model_details        ? 
_struct.pdbx_CASP_flag            ? 
_struct.pdbx_model_type_details   ? 
# 
_struct_keywords.entry_id        2FCY 
_struct_keywords.pdbx_keywords   RNA 
_struct_keywords.text            'HIV-1, RNA, aminoglycoside, antibiotics' 
# 
loop_
_struct_asym.id 
_struct_asym.pdbx_blank_PDB_chainid_flag 
_struct_asym.pdbx_modified 
_struct_asym.entity_id 
_struct_asym.details 
A N N 1 ? 
B N N 1 ? 
C N N 2 ? 
D N N 3 ? 
E N N 3 ? 
F N N 3 ? 
G N N 3 ? 
H N N 2 ? 
I N N 3 ? 
J N N 3 ? 
K N N 4 ? 
L N N 5 ? 
M N N 6 ? 
N N N 6 ? 
# 
loop_
_struct_conn.id 
_struct_conn.conn_type_id 
_struct_conn.pdbx_leaving_atom_flag 
_struct_conn.pdbx_PDB_id 
_struct_conn.ptnr1_label_asym_id 
_struct_conn.ptnr1_label_comp_id 
_struct_conn.ptnr1_label_seq_id 
_struct_conn.ptnr1_label_atom_id 
_struct_conn.pdbx_ptnr1_label_alt_id 
_struct_conn.pdbx_ptnr1_PDB_ins_code 
_struct_conn.pdbx_ptnr1_standard_comp_id 
_struct_conn.ptnr1_symmetry 
_struct_conn.ptnr2_label_asym_id 
_struct_conn.ptnr2_label_comp_id 
_struct_conn.ptnr2_label_seq_id 
_struct_conn.ptnr2_label_atom_id 
_struct_conn.pdbx_ptnr2_label_alt_id 
_struct_conn.pdbx_ptnr2_PDB_ins_code 
_struct_conn.ptnr1_auth_asym_id 
_struct_conn.ptnr1_auth_comp_id 
_struct_conn.ptnr1_auth_seq_id 
_struct_conn.ptnr2_auth_asym_id 
_struct_conn.ptnr2_auth_comp_id 
_struct_conn.ptnr2_auth_seq_id 
_struct_conn.ptnr2_symmetry 
_struct_conn.pdbx_ptnr3_label_atom_id 
_struct_conn.pdbx_ptnr3_label_seq_id 
_struct_conn.pdbx_ptnr3_label_comp_id 
_struct_conn.pdbx_ptnr3_label_asym_id 
_struct_conn.pdbx_ptnr3_label_alt_id 
_struct_conn.pdbx_ptnr3_PDB_ins_code 
_struct_conn.details 
_struct_conn.pdbx_dist_value 
_struct_conn.pdbx_value_order 
_struct_conn.pdbx_role 
covale1  covale both ? A U   2  "O3'" ? ? ? 1_555 A 5BU 3  P  ? ? A U   2    A 5BU 3    1_555 ? ? ? ? ? ? ?            1.601 ? ? 
covale2  covale both ? A 5BU 3  "O3'" ? ? ? 1_555 A G   4  P  ? ? A 5BU 3    A G   4    1_555 ? ? ? ? ? ? ?            1.601 ? ? 
covale3  covale both ? B U   2  "O3'" ? ? ? 1_555 B 5BU 3  P  ? ? B U   2    B 5BU 3    1_555 ? ? ? ? ? ? ?            1.615 ? ? 
covale4  covale both ? B 5BU 3  "O3'" ? ? ? 1_555 B G   4  P  ? ? B 5BU 3    B G   4    1_555 ? ? ? ? ? ? ?            1.609 ? ? 
metalc1  metalc ?    ? A 5BU 3  O4    ? ? ? 1_555 F K   .  K  ? ? A 5BU 3    A K   1004 1_555 ? ? ? ? ? ? ?            2.800 ? ? 
metalc2  metalc ?    ? A G   4  O6    ? ? ? 1_555 F K   .  K  ? ? A G   4    A K   1004 1_555 ? ? ? ? ? ? ?            2.770 ? ? 
metalc3  metalc ?    ? A A   8  N1    ? ? ? 1_555 D K   .  K  ? ? A A   8    A K   1002 1_555 ? ? ? ? ? ? ?            2.705 ? ? 
metalc4  metalc ?    ? A A   8  OP1   ? ? ? 1_555 E K   .  K  ? ? A A   8    A K   1003 1_555 ? ? ? ? ? ? ?            2.643 ? ? 
metalc5  metalc ?    ? A A   8  "O4'" ? ? ? 1_555 G K   .  K  ? ? A A   8    A K   1005 1_555 ? ? ? ? ? ? ?            3.184 ? ? 
metalc6  metalc ?    ? A A   9  OP2   ? ? ? 1_555 E K   .  K  ? ? A A   9    A K   1003 1_555 ? ? ? ? ? ? ?            3.012 ? ? 
metalc7  metalc ?    ? C NMY .  O4    ? ? ? 1_555 E K   .  K  ? ? A NMY 1001 A K   1003 1_555 ? ? ? ? ? ? ?            3.045 ? ? 
metalc8  metalc ?    ? E K   .  K     ? ? ? 1_555 M HOH .  O  ? ? A K   1003 A HOH 1008 1_555 ? ? ? ? ? ? ?            3.254 ? ? 
metalc9  metalc ?    ? E K   .  K     ? ? ? 1_555 M HOH .  O  ? ? A K   1003 A HOH 1031 1_555 ? ? ? ? ? ? ?            3.216 ? ? 
metalc10 metalc ?    ? E K   .  K     ? ? ? 1_555 M HOH .  O  ? ? A K   1003 A HOH 1033 1_555 ? ? ? ? ? ? ?            2.975 ? ? 
metalc11 metalc ?    ? E K   .  K     ? ? ? 1_555 M HOH .  O  ? ? A K   1003 A HOH 1036 1_555 ? ? ? ? ? ? ?            3.278 ? ? 
metalc12 metalc ?    ? F K   .  K     ? ? ? 1_555 M HOH .  O  ? ? A K   1004 A HOH 1016 1_555 ? ? ? ? ? ? ?            2.668 ? ? 
metalc13 metalc ?    ? G K   .  K     ? ? ? 1_555 B A   9  N1 ? ? A K   1005 B A   9    3_555 ? ? ? ? ? ? ?            3.289 ? ? 
metalc14 metalc ?    ? G K   .  K     ? ? ? 1_555 K CL  .  CL ? ? A K   1005 B CL  2004 3_555 ? ? ? ? ? ? ?            2.999 ? ? 
metalc15 metalc ?    ? G K   .  K     ? ? ? 1_555 N HOH .  O  ? ? A K   1005 B HOH 2007 3_555 ? ? ? ? ? ? ?            3.169 ? ? 
metalc16 metalc ?    ? G K   .  K     ? ? ? 1_555 N HOH .  O  ? ? A K   1005 B HOH 2011 3_555 ? ? ? ? ? ? ?            3.589 ? ? 
metalc17 metalc ?    ? B 5BU 3  BR    ? ? ? 1_555 J K   .  K  ? ? B 5BU 3    B K   2003 1_555 ? ? ? ? ? ? ?            3.708 ? ? 
metalc18 metalc ?    ? B 5BU 3  O4    ? ? ? 1_555 J K   .  K  ? ? B 5BU 3    B K   2003 1_555 ? ? ? ? ? ? ?            2.790 ? ? 
metalc19 metalc ?    ? B G   4  O6    ? ? ? 1_555 J K   .  K  ? ? B G   4    B K   2003 1_555 ? ? ? ? ? ? ?            2.752 ? ? 
metalc20 metalc ?    ? B A   8  OP1   ? ? ? 1_555 I K   .  K  ? ? B A   8    B K   2002 1_555 ? ? ? ? ? ? ?            2.913 ? ? 
metalc21 metalc ?    ? B A   9  OP2   ? ? ? 1_555 I K   .  K  ? ? B A   9    B K   2002 1_555 ? ? ? ? ? ? ?            2.838 ? ? 
metalc22 metalc ?    ? H NMY .  O4    ? ? ? 1_555 I K   .  K  ? ? B NMY 2001 B K   2002 1_555 ? ? ? ? ? ? ?            2.853 ? ? 
metalc23 metalc ?    ? I K   .  K     ? ? ? 1_555 N HOH .  O  ? ? B K   2002 B HOH 2019 1_555 ? ? ? ? ? ? ?            2.864 ? ? 
metalc24 metalc ?    ? J K   .  K     ? ? ? 1_555 N HOH .  O  ? ? B K   2003 B HOH 2022 1_555 ? ? ? ? ? ? ?            2.464 ? ? 
metalc25 metalc ?    ? J K   .  K     ? ? ? 1_555 N HOH .  O  ? ? B K   2003 B HOH 2032 1_555 ? ? ? ? ? ? ?            3.233 ? ? 
hydrog1  hydrog ?    ? A C   1  N3    ? ? ? 1_555 A G   23 N1 ? ? A C   1    A G   23   1_555 ? ? ? ? ? ? WATSON-CRICK ?     ? ? 
hydrog2  hydrog ?    ? A C   1  N4    ? ? ? 1_555 A G   23 O6 ? ? A C   1    A G   23   1_555 ? ? ? ? ? ? WATSON-CRICK ?     ? ? 
hydrog3  hydrog ?    ? A C   1  O2    ? ? ? 1_555 A G   23 N2 ? ? A C   1    A G   23   1_555 ? ? ? ? ? ? WATSON-CRICK ?     ? ? 
hydrog4  hydrog ?    ? A U   2  N3    ? ? ? 1_555 A A   22 N1 ? ? A U   2    A A   22   1_555 ? ? ? ? ? ? WATSON-CRICK ?     ? ? 
hydrog5  hydrog ?    ? A U   2  O4    ? ? ? 1_555 A A   22 N6 ? ? A U   2    A A   22   1_555 ? ? ? ? ? ? WATSON-CRICK ?     ? ? 
hydrog6  hydrog ?    ? A 5BU 3  N3    ? ? ? 1_555 A A   21 N1 ? ? A 5BU 3    A A   21   1_555 ? ? ? ? ? ? WATSON-CRICK ?     ? ? 
hydrog7  hydrog ?    ? A 5BU 3  O4    ? ? ? 1_555 A A   21 N6 ? ? A 5BU 3    A A   21   1_555 ? ? ? ? ? ? WATSON-CRICK ?     ? ? 
hydrog8  hydrog ?    ? A G   4  N1    ? ? ? 1_555 A C   20 N3 ? ? A G   4    A C   20   1_555 ? ? ? ? ? ? WATSON-CRICK ?     ? ? 
hydrog9  hydrog ?    ? A G   4  N2    ? ? ? 1_555 A C   20 O2 ? ? A G   4    A C   20   1_555 ? ? ? ? ? ? WATSON-CRICK ?     ? ? 
hydrog10 hydrog ?    ? A G   4  O6    ? ? ? 1_555 A C   20 N4 ? ? A G   4    A C   20   1_555 ? ? ? ? ? ? WATSON-CRICK ?     ? ? 
hydrog11 hydrog ?    ? A C   5  N3    ? ? ? 1_555 A G   19 N1 ? ? A C   5    A G   19   1_555 ? ? ? ? ? ? WATSON-CRICK ?     ? ? 
hydrog12 hydrog ?    ? A C   5  N4    ? ? ? 1_555 A G   19 O6 ? ? A C   5    A G   19   1_555 ? ? ? ? ? ? WATSON-CRICK ?     ? ? 
hydrog13 hydrog ?    ? A C   5  O2    ? ? ? 1_555 A G   19 N2 ? ? A C   5    A G   19   1_555 ? ? ? ? ? ? WATSON-CRICK ?     ? ? 
hydrog14 hydrog ?    ? A U   6  N3    ? ? ? 1_555 A A   18 N1 ? ? A U   6    A A   18   1_555 ? ? ? ? ? ? WATSON-CRICK ?     ? ? 
hydrog15 hydrog ?    ? A U   6  O4    ? ? ? 1_555 A A   18 N6 ? ? A U   6    A A   18   1_555 ? ? ? ? ? ? WATSON-CRICK ?     ? ? 
hydrog16 hydrog ?    ? A G   7  N1    ? ? ? 1_555 A C   17 N3 ? ? A G   7    A C   17   1_555 ? ? ? ? ? ? WATSON-CRICK ?     ? ? 
hydrog17 hydrog ?    ? A G   7  N2    ? ? ? 1_555 A C   17 O2 ? ? A G   7    A C   17   1_555 ? ? ? ? ? ? WATSON-CRICK ?     ? ? 
hydrog18 hydrog ?    ? A G   7  O6    ? ? ? 1_555 A C   17 N4 ? ? A G   7    A C   17   1_555 ? ? ? ? ? ? WATSON-CRICK ?     ? ? 
hydrog19 hydrog ?    ? A G   10 N1    ? ? ? 1_555 B C   15 N3 ? ? A G   10   B C   15   1_555 ? ? ? ? ? ? WATSON-CRICK ?     ? ? 
hydrog20 hydrog ?    ? A G   10 N2    ? ? ? 1_555 B C   15 O2 ? ? A G   10   B C   15   1_555 ? ? ? ? ? ? WATSON-CRICK ?     ? ? 
hydrog21 hydrog ?    ? A G   10 O6    ? ? ? 1_555 B C   15 N4 ? ? A G   10   B C   15   1_555 ? ? ? ? ? ? WATSON-CRICK ?     ? ? 
hydrog22 hydrog ?    ? A U   11 N3    ? ? ? 1_555 B A   14 N1 ? ? A U   11   B A   14   1_555 ? ? ? ? ? ? WATSON-CRICK ?     ? ? 
hydrog23 hydrog ?    ? A U   11 O4    ? ? ? 1_555 B A   14 N6 ? ? A U   11   B A   14   1_555 ? ? ? ? ? ? WATSON-CRICK ?     ? ? 
hydrog24 hydrog ?    ? A G   12 N1    ? ? ? 1_555 B C   13 N3 ? ? A G   12   B C   13   1_555 ? ? ? ? ? ? WATSON-CRICK ?     ? ? 
hydrog25 hydrog ?    ? A G   12 N2    ? ? ? 1_555 B C   13 O2 ? ? A G   12   B C   13   1_555 ? ? ? ? ? ? WATSON-CRICK ?     ? ? 
hydrog26 hydrog ?    ? A G   12 O6    ? ? ? 1_555 B C   13 N4 ? ? A G   12   B C   13   1_555 ? ? ? ? ? ? WATSON-CRICK ?     ? ? 
hydrog27 hydrog ?    ? A C   13 N3    ? ? ? 1_555 B G   12 N1 ? ? A C   13   B G   12   1_555 ? ? ? ? ? ? WATSON-CRICK ?     ? ? 
hydrog28 hydrog ?    ? A C   13 N4    ? ? ? 1_555 B G   12 O6 ? ? A C   13   B G   12   1_555 ? ? ? ? ? ? WATSON-CRICK ?     ? ? 
hydrog29 hydrog ?    ? A C   13 O2    ? ? ? 1_555 B G   12 N2 ? ? A C   13   B G   12   1_555 ? ? ? ? ? ? WATSON-CRICK ?     ? ? 
hydrog30 hydrog ?    ? A A   14 N1    ? ? ? 1_555 B U   11 N3 ? ? A A   14   B U   11   1_555 ? ? ? ? ? ? WATSON-CRICK ?     ? ? 
hydrog31 hydrog ?    ? A A   14 N6    ? ? ? 1_555 B U   11 O4 ? ? A A   14   B U   11   1_555 ? ? ? ? ? ? WATSON-CRICK ?     ? ? 
hydrog32 hydrog ?    ? A C   15 N3    ? ? ? 1_555 B G   10 N1 ? ? A C   15   B G   10   1_555 ? ? ? ? ? ? WATSON-CRICK ?     ? ? 
hydrog33 hydrog ?    ? A C   15 N4    ? ? ? 1_555 B G   10 O6 ? ? A C   15   B G   10   1_555 ? ? ? ? ? ? WATSON-CRICK ?     ? ? 
hydrog34 hydrog ?    ? A C   15 O2    ? ? ? 1_555 B G   10 N2 ? ? A C   15   B G   10   1_555 ? ? ? ? ? ? WATSON-CRICK ?     ? ? 
hydrog35 hydrog ?    ? B C   1  N3    ? ? ? 1_555 B G   23 N1 ? ? B C   1    B G   23   1_555 ? ? ? ? ? ? WATSON-CRICK ?     ? ? 
hydrog36 hydrog ?    ? B C   1  N4    ? ? ? 1_555 B G   23 O6 ? ? B C   1    B G   23   1_555 ? ? ? ? ? ? WATSON-CRICK ?     ? ? 
hydrog37 hydrog ?    ? B C   1  O2    ? ? ? 1_555 B G   23 N2 ? ? B C   1    B G   23   1_555 ? ? ? ? ? ? WATSON-CRICK ?     ? ? 
hydrog38 hydrog ?    ? B U   2  N3    ? ? ? 1_555 B A   22 N1 ? ? B U   2    B A   22   1_555 ? ? ? ? ? ? WATSON-CRICK ?     ? ? 
hydrog39 hydrog ?    ? B U   2  O4    ? ? ? 1_555 B A   22 N6 ? ? B U   2    B A   22   1_555 ? ? ? ? ? ? WATSON-CRICK ?     ? ? 
hydrog40 hydrog ?    ? B 5BU 3  N3    ? ? ? 1_555 B A   21 N1 ? ? B 5BU 3    B A   21   1_555 ? ? ? ? ? ? WATSON-CRICK ?     ? ? 
hydrog41 hydrog ?    ? B 5BU 3  O4    ? ? ? 1_555 B A   21 N6 ? ? B 5BU 3    B A   21   1_555 ? ? ? ? ? ? WATSON-CRICK ?     ? ? 
hydrog42 hydrog ?    ? B G   4  N1    ? ? ? 1_555 B C   20 N3 ? ? B G   4    B C   20   1_555 ? ? ? ? ? ? WATSON-CRICK ?     ? ? 
hydrog43 hydrog ?    ? B G   4  N2    ? ? ? 1_555 B C   20 O2 ? ? B G   4    B C   20   1_555 ? ? ? ? ? ? WATSON-CRICK ?     ? ? 
hydrog44 hydrog ?    ? B G   4  O6    ? ? ? 1_555 B C   20 N4 ? ? B G   4    B C   20   1_555 ? ? ? ? ? ? WATSON-CRICK ?     ? ? 
hydrog45 hydrog ?    ? B C   5  N3    ? ? ? 1_555 B G   19 N1 ? ? B C   5    B G   19   1_555 ? ? ? ? ? ? WATSON-CRICK ?     ? ? 
hydrog46 hydrog ?    ? B C   5  N4    ? ? ? 1_555 B G   19 O6 ? ? B C   5    B G   19   1_555 ? ? ? ? ? ? WATSON-CRICK ?     ? ? 
hydrog47 hydrog ?    ? B C   5  O2    ? ? ? 1_555 B G   19 N2 ? ? B C   5    B G   19   1_555 ? ? ? ? ? ? WATSON-CRICK ?     ? ? 
hydrog48 hydrog ?    ? B U   6  N3    ? ? ? 1_555 B A   18 N1 ? ? B U   6    B A   18   1_555 ? ? ? ? ? ? WATSON-CRICK ?     ? ? 
hydrog49 hydrog ?    ? B U   6  O4    ? ? ? 1_555 B A   18 N6 ? ? B U   6    B A   18   1_555 ? ? ? ? ? ? WATSON-CRICK ?     ? ? 
hydrog50 hydrog ?    ? B G   7  N1    ? ? ? 1_555 B C   17 N3 ? ? B G   7    B C   17   1_555 ? ? ? ? ? ? WATSON-CRICK ?     ? ? 
hydrog51 hydrog ?    ? B G   7  N2    ? ? ? 1_555 B C   17 O2 ? ? B G   7    B C   17   1_555 ? ? ? ? ? ? WATSON-CRICK ?     ? ? 
hydrog52 hydrog ?    ? B G   7  O6    ? ? ? 1_555 B C   17 N4 ? ? B G   7    B C   17   1_555 ? ? ? ? ? ? WATSON-CRICK ?     ? ? 
# 
loop_
_struct_conn_type.id 
_struct_conn_type.criteria 
_struct_conn_type.reference 
covale ? ? 
metalc ? ? 
hydrog ? ? 
# 
loop_
_struct_site.id 
_struct_site.pdbx_evidence_code 
_struct_site.pdbx_auth_asym_id 
_struct_site.pdbx_auth_comp_id 
_struct_site.pdbx_auth_seq_id 
_struct_site.pdbx_auth_ins_code 
_struct_site.pdbx_num_residues 
_struct_site.details 
AC1 Software A NMY 1001 ? 20 'BINDING SITE FOR RESIDUE NMY A 1001' 
AC2 Software B NMY 2001 ? 16 'BINDING SITE FOR RESIDUE NMY B 2001' 
AC3 Software A K   1002 ? 1  'BINDING SITE FOR RESIDUE K A 1002'   
AC4 Software A K   1003 ? 4  'BINDING SITE FOR RESIDUE K A 1003'   
AC5 Software A K   1004 ? 3  'BINDING SITE FOR RESIDUE K A 1004'   
AC6 Software A K   1005 ? 3  'BINDING SITE FOR RESIDUE K A 1005'   
AC7 Software B K   2002 ? 4  'BINDING SITE FOR RESIDUE K B 2002'   
AC8 Software B K   2003 ? 3  'BINDING SITE FOR RESIDUE K B 2003'   
AC9 Software B CL  2004 ? 2  'BINDING SITE FOR RESIDUE CL B 2004'  
BC1 Software B SO4 32   ? 3  'BINDING SITE FOR RESIDUE SO4 B 32'   
# 
loop_
_struct_site_gen.id 
_struct_site_gen.site_id 
_struct_site_gen.pdbx_num_res 
_struct_site_gen.label_comp_id 
_struct_site_gen.label_asym_id 
_struct_site_gen.label_seq_id 
_struct_site_gen.pdbx_auth_ins_code 
_struct_site_gen.auth_comp_id 
_struct_site_gen.auth_asym_id 
_struct_site_gen.auth_seq_id 
_struct_site_gen.label_atom_id 
_struct_site_gen.label_alt_id 
_struct_site_gen.symmetry 
_struct_site_gen.details 
1  AC1 20 U   A 6  ? U   A 6    . ? 1_555 ? 
2  AC1 20 G   A 7  ? G   A 7    . ? 1_555 ? 
3  AC1 20 A   A 8  ? A   A 8    . ? 1_555 ? 
4  AC1 20 A   A 9  ? A   A 9    . ? 1_555 ? 
5  AC1 20 C   A 13 ? C   A 13   . ? 1_555 ? 
6  AC1 20 A   A 14 ? A   A 14   . ? 1_555 ? 
7  AC1 20 C   A 15 ? C   A 15   . ? 1_555 ? 
8  AC1 20 A   A 16 ? A   A 16   . ? 1_555 ? 
9  AC1 20 K   E .  ? K   A 1003 . ? 1_555 ? 
10 AC1 20 HOH M .  ? HOH A 1010 . ? 1_555 ? 
11 AC1 20 HOH M .  ? HOH A 1012 . ? 1_555 ? 
12 AC1 20 HOH M .  ? HOH A 1022 . ? 1_555 ? 
13 AC1 20 HOH M .  ? HOH A 1023 . ? 1_555 ? 
14 AC1 20 HOH M .  ? HOH A 1025 . ? 1_555 ? 
15 AC1 20 HOH M .  ? HOH A 1033 . ? 1_555 ? 
16 AC1 20 HOH M .  ? HOH A 1037 . ? 1_555 ? 
17 AC1 20 G   B 10 ? G   B 10   . ? 1_555 ? 
18 AC1 20 U   B 11 ? U   B 11   . ? 1_555 ? 
19 AC1 20 HOH N .  ? HOH B 2023 . ? 1_555 ? 
20 AC1 20 HOH N .  ? HOH B 2035 . ? 1_555 ? 
21 AC2 16 G   A 10 ? G   A 10   . ? 1_555 ? 
22 AC2 16 U   A 11 ? U   A 11   . ? 1_555 ? 
23 AC2 16 HOH M .  ? HOH A 1035 . ? 1_555 ? 
24 AC2 16 G   B 7  ? G   B 7    . ? 1_555 ? 
25 AC2 16 A   B 8  ? A   B 8    . ? 1_555 ? 
26 AC2 16 C   B 13 ? C   B 13   . ? 1_555 ? 
27 AC2 16 A   B 14 ? A   B 14   . ? 1_555 ? 
28 AC2 16 C   B 15 ? C   B 15   . ? 1_555 ? 
29 AC2 16 A   B 16 ? A   B 16   . ? 1_555 ? 
30 AC2 16 K   I .  ? K   B 2002 . ? 1_555 ? 
31 AC2 16 HOH N .  ? HOH B 2008 . ? 1_555 ? 
32 AC2 16 HOH N .  ? HOH B 2019 . ? 1_555 ? 
33 AC2 16 HOH N .  ? HOH B 2024 . ? 1_555 ? 
34 AC2 16 HOH N .  ? HOH B 2028 . ? 1_555 ? 
35 AC2 16 HOH N .  ? HOH B 2034 . ? 1_555 ? 
36 AC2 16 HOH N .  ? HOH B 2035 . ? 1_555 ? 
37 AC3 1  A   A 8  ? A   A 8    . ? 1_555 ? 
38 AC4 4  A   A 8  ? A   A 8    . ? 1_555 ? 
39 AC4 4  A   A 9  ? A   A 9    . ? 1_555 ? 
40 AC4 4  NMY C .  ? NMY A 1001 . ? 1_555 ? 
41 AC4 4  HOH M .  ? HOH A 1033 . ? 1_555 ? 
42 AC5 3  5BU A 3  ? 5BU A 3    . ? 1_555 ? 
43 AC5 3  G   A 4  ? G   A 4    . ? 1_555 ? 
44 AC5 3  HOH M .  ? HOH A 1016 . ? 1_555 ? 
45 AC6 3  A   A 8  ? A   A 8    . ? 1_555 ? 
46 AC6 3  A   B 9  ? A   B 9    . ? 3_555 ? 
47 AC6 3  CL  K .  ? CL  B 2004 . ? 3_555 ? 
48 AC7 4  A   B 8  ? A   B 8    . ? 1_555 ? 
49 AC7 4  A   B 9  ? A   B 9    . ? 1_555 ? 
50 AC7 4  NMY H .  ? NMY B 2001 . ? 1_555 ? 
51 AC7 4  HOH N .  ? HOH B 2019 . ? 1_555 ? 
52 AC8 3  5BU B 3  ? 5BU B 3    . ? 1_555 ? 
53 AC8 3  G   B 4  ? G   B 4    . ? 1_555 ? 
54 AC8 3  HOH N .  ? HOH B 2022 . ? 1_555 ? 
55 AC9 2  K   G .  ? K   A 1005 . ? 3_555 ? 
56 AC9 2  A   B 8  ? A   B 8    . ? 1_555 ? 
57 BC1 3  C   B 1  ? C   B 1    . ? 1_555 ? 
58 BC1 3  U   B 2  ? U   B 2    . ? 1_555 ? 
59 BC1 3  HOH N .  ? HOH B 2027 . ? 1_555 ? 
# 
_atom_sites.entry_id                    2FCY 
_atom_sites.fract_transf_matrix[1][1]   0.01883384 
_atom_sites.fract_transf_matrix[1][2]   0.00503402 
_atom_sites.fract_transf_matrix[1][3]   0.03132272 
_atom_sites.fract_transf_matrix[2][1]   -0.00654464 
_atom_sites.fract_transf_matrix[2][2]   -0.00373491 
_atom_sites.fract_transf_matrix[2][3]   0.00453544 
_atom_sites.fract_transf_matrix[3][1]   0.00448091 
_atom_sites.fract_transf_matrix[3][2]   -0.00930722 
_atom_sites.fract_transf_matrix[3][3]   -0.00119849 
_atom_sites.fract_transf_vector[1]      0.162979 
_atom_sites.fract_transf_vector[2]      0.866896 
_atom_sites.fract_transf_vector[3]      0.114426 
# 
loop_
_atom_type.symbol 
BR 
C  
CL 
K  
N  
O  
P  
S  
# 
loop_
_atom_site.group_PDB 
_atom_site.id 
_atom_site.type_symbol 
_atom_site.label_atom_id 
_atom_site.label_alt_id 
_atom_site.label_comp_id 
_atom_site.label_asym_id 
_atom_site.label_entity_id 
_atom_site.label_seq_id 
_atom_site.pdbx_PDB_ins_code 
_atom_site.Cartn_x 
_atom_site.Cartn_y 
_atom_site.Cartn_z 
_atom_site.occupancy 
_atom_site.B_iso_or_equiv 
_atom_site.pdbx_formal_charge 
_atom_site.auth_seq_id 
_atom_site.auth_comp_id 
_atom_site.auth_asym_id 
_atom_site.auth_atom_id 
_atom_site.pdbx_PDB_model_num 
ATOM   1    O  "O5'" . C   A 1 1  ? 16.528  14.441  -12.929 1.00 45.69 ? 1    C   A "O5'" 1 
ATOM   2    C  "C5'" . C   A 1 1  ? 16.646  15.712  -12.286 1.00 42.98 ? 1    C   A "C5'" 1 
ATOM   3    C  "C4'" . C   A 1 1  ? 15.928  16.786  -13.064 1.00 40.09 ? 1    C   A "C4'" 1 
ATOM   4    O  "O4'" . C   A 1 1  ? 16.405  16.772  -14.432 1.00 38.27 ? 1    C   A "O4'" 1 
ATOM   5    C  "C3'" . C   A 1 1  ? 14.425  16.604  -13.200 1.00 39.17 ? 1    C   A "C3'" 1 
ATOM   6    O  "O3'" . C   A 1 1  ? 13.723  17.091  -12.058 1.00 39.26 ? 1    C   A "O3'" 1 
ATOM   7    C  "C2'" . C   A 1 1  ? 14.113  17.423  -14.445 1.00 38.07 ? 1    C   A "C2'" 1 
ATOM   8    O  "O2'" . C   A 1 1  ? 14.038  18.808  -14.175 1.00 37.89 ? 1    C   A "O2'" 1 
ATOM   9    C  "C1'" . C   A 1 1  ? 15.347  17.135  -15.306 1.00 36.68 ? 1    C   A "C1'" 1 
ATOM   10   N  N1    . C   A 1 1  ? 15.145  16.046  -16.277 1.00 33.64 ? 1    C   A N1    1 
ATOM   11   C  C2    . C   A 1 1  ? 14.462  16.325  -17.463 1.00 31.44 ? 1    C   A C2    1 
ATOM   12   O  O2    . C   A 1 1  ? 14.020  17.467  -17.643 1.00 31.90 ? 1    C   A O2    1 
ATOM   13   N  N3    . C   A 1 1  ? 14.295  15.350  -18.378 1.00 31.09 ? 1    C   A N3    1 
ATOM   14   C  C4    . C   A 1 1  ? 14.766  14.127  -18.141 1.00 32.20 ? 1    C   A C4    1 
ATOM   15   N  N4    . C   A 1 1  ? 14.594  13.195  -19.085 1.00 29.85 ? 1    C   A N4    1 
ATOM   16   C  C5    . C   A 1 1  ? 15.442  13.805  -16.930 1.00 32.30 ? 1    C   A C5    1 
ATOM   17   C  C6    . C   A 1 1  ? 15.614  14.789  -16.034 1.00 32.48 ? 1    C   A C6    1 
ATOM   18   P  P     . U   A 1 2  ? 12.333  16.410  -11.623 1.00 40.94 ? 2    U   A P     1 
ATOM   19   O  OP1   . U   A 1 2  ? 11.937  16.965  -10.299 1.00 43.08 ? 2    U   A OP1   1 
ATOM   20   O  OP2   . U   A 1 2  ? 12.488  14.942  -11.787 1.00 41.57 ? 2    U   A OP2   1 
ATOM   21   O  "O5'" . U   A 1 2  ? 11.276  16.922  -12.704 1.00 40.59 ? 2    U   A "O5'" 1 
ATOM   22   C  "C5'" . U   A 1 2  ? 10.898  18.309  -12.772 1.00 38.94 ? 2    U   A "C5'" 1 
ATOM   23   C  "C4'" . U   A 1 2  ? 9.979   18.540  -13.949 1.00 38.21 ? 2    U   A "C4'" 1 
ATOM   24   O  "O4'" . U   A 1 2  ? 10.684  18.292  -15.193 1.00 37.02 ? 2    U   A "O4'" 1 
ATOM   25   C  "C3'" . U   A 1 2  ? 8.776   17.617  -14.023 1.00 37.34 ? 2    U   A "C3'" 1 
ATOM   26   O  "O3'" . U   A 1 2  ? 7.737   18.092  -13.188 1.00 38.24 ? 2    U   A "O3'" 1 
ATOM   27   C  "C2'" . U   A 1 2  ? 8.400   17.697  -15.496 1.00 37.26 ? 2    U   A "C2'" 1 
ATOM   28   O  "O2'" . U   A 1 2  ? 7.687   18.874  -15.801 1.00 38.06 ? 2    U   A "O2'" 1 
ATOM   29   C  "C1'" . U   A 1 2  ? 9.778   17.776  -16.154 1.00 35.73 ? 2    U   A "C1'" 1 
ATOM   30   N  N1    . U   A 1 2  ? 10.278  16.475  -16.621 1.00 34.23 ? 2    U   A N1    1 
ATOM   31   C  C2    . U   A 1 2  ? 9.804   16.026  -17.828 1.00 32.63 ? 2    U   A C2    1 
ATOM   32   O  O2    . U   A 1 2  ? 8.972   16.642  -18.475 1.00 30.20 ? 2    U   A O2    1 
ATOM   33   N  N3    . U   A 1 2  ? 10.329  14.834  -18.254 1.00 32.64 ? 2    U   A N3    1 
ATOM   34   C  C4    . U   A 1 2  ? 11.257  14.055  -17.598 1.00 32.82 ? 2    U   A C4    1 
ATOM   35   O  O4    . U   A 1 2  ? 11.693  13.036  -18.148 1.00 34.60 ? 2    U   A O4    1 
ATOM   36   C  C5    . U   A 1 2  ? 11.675  14.577  -16.331 1.00 32.43 ? 2    U   A C5    1 
ATOM   37   C  C6    . U   A 1 2  ? 11.183  15.742  -15.899 1.00 33.64 ? 2    U   A C6    1 
HETATM 38   P  P     . 5BU A 1 3  ? 6.736   17.050  -12.498 1.00 39.09 ? 3    5BU A P     1 
HETATM 39   O  OP1   . 5BU A 1 3  ? 5.897   17.850  -11.579 1.00 41.33 ? 3    5BU A OP1   1 
HETATM 40   O  OP2   . 5BU A 1 3  ? 7.545   15.925  -11.966 1.00 40.69 ? 3    5BU A OP2   1 
HETATM 41   O  "O5'" . 5BU A 1 3  ? 5.831   16.518  -13.699 1.00 38.72 ? 3    5BU A "O5'" 1 
HETATM 42   C  "C5'" . 5BU A 1 3  ? 4.959   17.422  -14.416 1.00 38.05 ? 3    5BU A "C5'" 1 
HETATM 43   C  "C4'" . 5BU A 1 3  ? 4.381   16.742  -15.633 1.00 37.17 ? 3    5BU A "C4'" 1 
HETATM 44   O  "O4'" . 5BU A 1 3  ? 5.429   16.475  -16.599 1.00 37.80 ? 3    5BU A "O4'" 1 
HETATM 45   C  "C3'" . 5BU A 1 3  ? 3.762   15.381  -15.383 1.00 37.40 ? 3    5BU A "C3'" 1 
HETATM 46   O  "O3'" . 5BU A 1 3  ? 2.435   15.520  -14.933 1.00 38.72 ? 3    5BU A "O3'" 1 
HETATM 47   C  "C2'" . 5BU A 1 3  ? 3.802   14.750  -16.766 1.00 36.84 ? 3    5BU A "C2'" 1 
HETATM 48   O  "O2'" . 5BU A 1 3  ? 2.750   15.219  -17.584 1.00 38.73 ? 3    5BU A "O2'" 1 
HETATM 49   C  "C1'" . 5BU A 1 3  ? 5.146   15.265  -17.286 1.00 36.67 ? 3    5BU A "C1'" 1 
HETATM 50   N  N1    . 5BU A 1 3  ? 6.255   14.332  -17.039 1.00 36.56 ? 3    5BU A N1    1 
HETATM 51   C  C2    . 5BU A 1 3  ? 6.496   13.383  -18.002 1.00 34.13 ? 3    5BU A C2    1 
HETATM 52   O  O2    . 5BU A 1 3  ? 5.839   13.300  -19.018 1.00 31.64 ? 3    5BU A O2    1 
HETATM 53   N  N3    . 5BU A 1 3  ? 7.538   12.535  -17.732 1.00 33.80 ? 3    5BU A N3    1 
HETATM 54   C  C4    . 5BU A 1 3  ? 8.352   12.543  -16.610 1.00 35.23 ? 3    5BU A C4    1 
HETATM 55   O  O4    . 5BU A 1 3  ? 9.290   11.748  -16.541 1.00 34.99 ? 3    5BU A O4    1 
HETATM 56   C  C5    . 5BU A 1 3  ? 8.039   13.554  -15.647 1.00 36.78 ? 3    5BU A C5    1 
HETATM 57   C  C6    . 5BU A 1 3  ? 7.026   14.399  -15.889 1.00 36.29 ? 3    5BU A C6    1 
HETATM 58   BR BR    . 5BU A 1 3  ? 8.855   13.494  -13.906 0.36 40.96 ? 3    5BU A BR    1 
ATOM   59   P  P     . G   A 1 4  ? 1.768   14.358  -14.057 1.00 40.39 ? 4    G   A P     1 
ATOM   60   O  OP1   . G   A 1 4  ? 0.345   14.737  -13.850 1.00 41.01 ? 4    G   A OP1   1 
ATOM   61   O  OP2   . G   A 1 4  ? 2.654   14.104  -12.885 1.00 41.28 ? 4    G   A OP2   1 
ATOM   62   O  "O5'" . G   A 1 4  ? 1.812   13.063  -14.990 1.00 40.04 ? 4    G   A "O5'" 1 
ATOM   63   C  "C5'" . G   A 1 4  ? 0.824   12.865  -16.004 1.00 38.67 ? 4    G   A "C5'" 1 
ATOM   64   C  "C4'" . G   A 1 4  ? 1.265   11.791  -16.971 1.00 39.60 ? 4    G   A "C4'" 1 
ATOM   65   O  "O4'" . G   A 1 4  ? 2.677   11.958  -17.268 1.00 37.10 ? 4    G   A "O4'" 1 
ATOM   66   C  "C3'" . G   A 1 4  ? 1.259   10.347  -16.501 1.00 39.47 ? 4    G   A "C3'" 1 
ATOM   67   O  "O3'" . G   A 1 4  ? -0.059  9.808   -16.455 1.00 43.00 ? 4    G   A "O3'" 1 
ATOM   68   C  "C2'" . G   A 1 4  ? 2.070   9.705   -17.624 1.00 37.40 ? 4    G   A "C2'" 1 
ATOM   69   O  "O2'" . G   A 1 4  ? 1.352   9.650   -18.839 1.00 36.18 ? 4    G   A "O2'" 1 
ATOM   70   C  "C1'" . G   A 1 4  ? 3.162   10.753  -17.836 1.00 35.79 ? 4    G   A "C1'" 1 
ATOM   71   N  N9    . G   A 1 4  ? 4.429   10.388  -17.212 1.00 34.12 ? 4    G   A N9    1 
ATOM   72   C  C8    . G   A 1 4  ? 4.975   10.879  -16.047 1.00 31.36 ? 4    G   A C8    1 
ATOM   73   N  N7    . G   A 1 4  ? 6.142   10.363  -15.774 1.00 28.94 ? 4    G   A N7    1 
ATOM   74   C  C5    . G   A 1 4  ? 6.380   9.478   -16.821 1.00 28.46 ? 4    G   A C5    1 
ATOM   75   C  C6    . G   A 1 4  ? 7.498   8.639   -17.081 1.00 24.75 ? 4    G   A C6    1 
ATOM   76   O  O6    . G   A 1 4  ? 8.548   8.531   -16.436 1.00 22.15 ? 4    G   A O6    1 
ATOM   77   N  N1    . G   A 1 4  ? 7.314   7.883   -18.237 1.00 23.81 ? 4    G   A N1    1 
ATOM   78   C  C2    . G   A 1 4  ? 6.203   7.939   -19.045 1.00 26.94 ? 4    G   A C2    1 
ATOM   79   N  N2    . G   A 1 4  ? 6.197   7.130   -20.106 1.00 22.34 ? 4    G   A N2    1 
ATOM   80   N  N3    . G   A 1 4  ? 5.165   8.738   -18.824 1.00 29.28 ? 4    G   A N3    1 
ATOM   81   C  C4    . G   A 1 4  ? 5.324   9.472   -17.701 1.00 29.75 ? 4    G   A C4    1 
ATOM   82   P  P     . C   A 1 5  ? -0.372  8.524   -15.537 1.00 47.94 ? 5    C   A P     1 
ATOM   83   O  OP1   . C   A 1 5  ? -1.848  8.372   -15.481 1.00 48.89 ? 5    C   A OP1   1 
ATOM   84   O  OP2   . C   A 1 5  ? 0.399   8.660   -14.277 1.00 47.85 ? 5    C   A OP2   1 
ATOM   85   O  "O5'" . C   A 1 5  ? 0.227   7.290   -16.353 1.00 44.58 ? 5    C   A "O5'" 1 
ATOM   86   C  "C5'" . C   A 1 5  ? -0.297  6.953   -17.654 1.00 41.75 ? 5    C   A "C5'" 1 
ATOM   87   C  "C4'" . C   A 1 5  ? 0.549   5.884   -18.317 1.00 38.07 ? 5    C   A "C4'" 1 
ATOM   88   O  "O4'" . C   A 1 5  ? 1.895   6.383   -18.551 1.00 35.34 ? 5    C   A "O4'" 1 
ATOM   89   C  "C3'" . C   A 1 5  ? 0.785   4.594   -17.542 1.00 36.41 ? 5    C   A "C3'" 1 
ATOM   90   O  "O3'" . C   A 1 5  ? -0.327  3.715   -17.616 1.00 37.19 ? 5    C   A "O3'" 1 
ATOM   91   C  "C2'" . C   A 1 5  ? 1.998   4.025   -18.264 1.00 34.20 ? 5    C   A "C2'" 1 
ATOM   92   O  "O2'" . C   A 1 5  ? 1.652   3.480   -19.514 1.00 35.69 ? 5    C   A "O2'" 1 
ATOM   93   C  "C1'" . C   A 1 5  ? 2.810   5.294   -18.516 1.00 34.28 ? 5    C   A "C1'" 1 
ATOM   94   N  N1    . C   A 1 5  ? 3.798   5.545   -17.462 1.00 30.74 ? 5    C   A N1    1 
ATOM   95   C  C2    . C   A 1 5  ? 5.024   4.883   -17.528 1.00 27.68 ? 5    C   A C2    1 
ATOM   96   O  O2    . C   A 1 5  ? 5.218   4.065   -18.450 1.00 26.47 ? 5    C   A O2    1 
ATOM   97   N  N3    . C   A 1 5  ? 5.961   5.137   -16.591 1.00 26.56 ? 5    C   A N3    1 
ATOM   98   C  C4    . C   A 1 5  ? 5.705   5.999   -15.607 1.00 26.68 ? 5    C   A C4    1 
ATOM   99   N  N4    . C   A 1 5  ? 6.668   6.233   -14.721 1.00 25.04 ? 5    C   A N4    1 
ATOM   100  C  C5    . C   A 1 5  ? 4.452   6.665   -15.495 1.00 26.55 ? 5    C   A C5    1 
ATOM   101  C  C6    . C   A 1 5  ? 3.536   6.413   -16.438 1.00 28.40 ? 5    C   A C6    1 
ATOM   102  P  P     . U   A 1 6  ? -0.672  2.753   -16.368 1.00 38.24 ? 6    U   A P     1 
ATOM   103  O  OP1   . U   A 1 6  ? -1.957  2.082   -16.689 1.00 39.22 ? 6    U   A OP1   1 
ATOM   104  O  OP2   . U   A 1 6  ? -0.545  3.556   -15.132 1.00 35.86 ? 6    U   A OP2   1 
ATOM   105  O  "O5'" . U   A 1 6  ? 0.471   1.646   -16.383 1.00 37.08 ? 6    U   A "O5'" 1 
ATOM   106  C  "C5'" . U   A 1 6  ? 0.538   0.688   -17.454 1.00 36.34 ? 6    U   A "C5'" 1 
ATOM   107  C  "C4'" . U   A 1 6  ? 1.884   0.004   -17.472 1.00 34.66 ? 6    U   A "C4'" 1 
ATOM   108  O  "O4'" . U   A 1 6  ? 2.924   1.013   -17.573 1.00 32.73 ? 6    U   A "O4'" 1 
ATOM   109  C  "C3'" . U   A 1 6  ? 2.299   -0.778  -16.234 1.00 34.44 ? 6    U   A "C3'" 1 
ATOM   110  O  "O3'" . U   A 1 6  ? 1.707   -2.068  -16.152 1.00 34.11 ? 6    U   A "O3'" 1 
ATOM   111  C  "C2'" . U   A 1 6  ? 3.806   -0.868  -16.430 1.00 33.09 ? 6    U   A "C2'" 1 
ATOM   112  O  "O2'" . U   A 1 6  ? 4.185   -1.811  -17.404 1.00 32.37 ? 6    U   A "O2'" 1 
ATOM   113  C  "C1'" . U   A 1 6  ? 4.116   0.526   -16.970 1.00 32.39 ? 6    U   A "C1'" 1 
ATOM   114  N  N1    . U   A 1 6  ? 4.511   1.439   -15.890 1.00 31.68 ? 6    U   A N1    1 
ATOM   115  C  C2    . U   A 1 6  ? 5.786   1.294   -15.372 1.00 30.52 ? 6    U   A C2    1 
ATOM   116  O  O2    . U   A 1 6  ? 6.566   0.447   -15.767 1.00 30.67 ? 6    U   A O2    1 
ATOM   117  N  N3    . U   A 1 6  ? 6.112   2.175   -14.374 1.00 28.97 ? 6    U   A N3    1 
ATOM   118  C  C4    . U   A 1 6  ? 5.308   3.166   -13.846 1.00 28.58 ? 6    U   A C4    1 
ATOM   119  O  O4    . U   A 1 6  ? 5.749   3.889   -12.946 1.00 23.83 ? 6    U   A O4    1 
ATOM   120  C  C5    . U   A 1 6  ? 3.994   3.245   -14.428 1.00 27.63 ? 6    U   A C5    1 
ATOM   121  C  C6    . U   A 1 6  ? 3.653   2.399   -15.407 1.00 29.44 ? 6    U   A C6    1 
ATOM   122  P  P     . G   A 1 7  ? 1.605   -2.812  -14.724 1.00 34.01 ? 7    G   A P     1 
ATOM   123  O  OP1   . G   A 1 7  ? 0.884   -4.087  -14.927 1.00 36.19 ? 7    G   A OP1   1 
ATOM   124  O  OP2   . G   A 1 7  ? 1.097   -1.837  -13.746 1.00 36.33 ? 7    G   A OP2   1 
ATOM   125  O  "O5'" . G   A 1 7  ? 3.110   -3.144  -14.328 1.00 35.92 ? 7    G   A "O5'" 1 
ATOM   126  C  "C5'" . G   A 1 7  ? 3.901   -4.064  -15.095 1.00 30.45 ? 7    G   A "C5'" 1 
ATOM   127  C  "C4'" . G   A 1 7  ? 5.300   -4.139  -14.524 1.00 30.17 ? 7    G   A "C4'" 1 
ATOM   128  O  "O4'" . G   A 1 7  ? 5.915   -2.823  -14.579 1.00 27.43 ? 7    G   A "O4'" 1 
ATOM   129  C  "C3'" . G   A 1 7  ? 5.394   -4.508  -13.049 1.00 29.43 ? 7    G   A "C3'" 1 
ATOM   130  O  "O3'" . G   A 1 7  ? 5.315   -5.907  -12.816 1.00 28.90 ? 7    G   A "O3'" 1 
ATOM   131  C  "C2'" . G   A 1 7  ? 6.764   -3.968  -12.672 1.00 29.88 ? 7    G   A "C2'" 1 
ATOM   132  O  "O2'" . G   A 1 7  ? 7.802   -4.827  -13.097 1.00 29.48 ? 7    G   A "O2'" 1 
ATOM   133  C  "C1'" . G   A 1 7  ? 6.805   -2.674  -13.485 1.00 28.11 ? 7    G   A "C1'" 1 
ATOM   134  N  N9    . G   A 1 7  ? 6.428   -1.486  -12.725 1.00 26.25 ? 7    G   A N9    1 
ATOM   135  C  C8    . G   A 1 7  ? 5.207   -0.851  -12.708 1.00 26.27 ? 7    G   A C8    1 
ATOM   136  N  N7    . G   A 1 7  ? 5.196   0.216   -11.948 1.00 24.44 ? 7    G   A N7    1 
ATOM   137  C  C5    . G   A 1 7  ? 6.485   0.286   -11.427 1.00 22.41 ? 7    G   A C5    1 
ATOM   138  C  C6    . G   A 1 7  ? 7.081   1.242   -10.552 1.00 22.52 ? 7    G   A C6    1 
ATOM   139  O  O6    . G   A 1 7  ? 6.577   2.264   -10.064 1.00 24.57 ? 7    G   A O6    1 
ATOM   140  N  N1    . G   A 1 7  ? 8.406   0.923   -10.271 1.00 21.18 ? 7    G   A N1    1 
ATOM   141  C  C2    . G   A 1 7  ? 9.085   -0.156  -10.781 1.00 21.76 ? 7    G   A C2    1 
ATOM   142  N  N2    . G   A 1 7  ? 10.370  -0.273  -10.403 1.00 20.29 ? 7    G   A N2    1 
ATOM   143  N  N3    . G   A 1 7  ? 8.547   -1.044  -11.606 1.00 22.16 ? 7    G   A N3    1 
ATOM   144  C  C4    . G   A 1 7  ? 7.254   -0.763  -11.884 1.00 23.20 ? 7    G   A C4    1 
ATOM   145  P  P     . A   A 1 8  ? 4.773   -6.444  -11.400 1.00 31.47 ? 8    A   A P     1 
ATOM   146  O  OP1   . A   A 1 8  ? 5.519   -5.794  -10.290 1.00 32.03 ? 8    A   A OP1   1 
ATOM   147  O  OP2   . A   A 1 8  ? 4.737   -7.918  -11.495 1.00 32.06 ? 8    A   A OP2   1 
ATOM   148  O  "O5'" . A   A 1 8  ? 3.314   -5.817  -11.293 1.00 32.03 ? 8    A   A "O5'" 1 
ATOM   149  C  "C5'" . A   A 1 8  ? 2.176   -6.519  -11.738 1.00 29.29 ? 8    A   A "C5'" 1 
ATOM   150  C  "C4'" . A   A 1 8  ? 0.986   -6.169  -10.881 1.00 27.17 ? 8    A   A "C4'" 1 
ATOM   151  O  "O4'" . A   A 1 8  ? -0.025  -7.162  -11.195 1.00 25.45 ? 8    A   A "O4'" 1 
ATOM   152  C  "C3'" . A   A 1 8  ? 1.205   -6.251  -9.365  1.00 27.10 ? 8    A   A "C3'" 1 
ATOM   153  O  "O3'" . A   A 1 8  ? 1.480   -4.961  -8.753  1.00 28.78 ? 8    A   A "O3'" 1 
ATOM   154  C  "C2'" . A   A 1 8  ? -0.072  -6.916  -8.854  1.00 25.65 ? 8    A   A "C2'" 1 
ATOM   155  O  "O2'" . A   A 1 8  ? -1.162  -6.036  -8.709  1.00 25.95 ? 8    A   A "O2'" 1 
ATOM   156  C  "C1'" . A   A 1 8  ? -0.412  -7.844  -10.017 1.00 23.51 ? 8    A   A "C1'" 1 
ATOM   157  N  N9    . A   A 1 8  ? 0.237   -9.151  -10.014 1.00 16.70 ? 8    A   A N9    1 
ATOM   158  C  C8    . A   A 1 8  ? 1.393   -9.542  -10.649 1.00 15.92 ? 8    A   A C8    1 
ATOM   159  N  N7    . A   A 1 8  ? 1.663   -10.825 -10.509 1.00 14.73 ? 8    A   A N7    1 
ATOM   160  C  C5    . A   A 1 8  ? 0.625   -11.298 -9.713  1.00 12.57 ? 8    A   A C5    1 
ATOM   161  C  C6    . A   A 1 8  ? 0.326   -12.571 -9.194  1.00 10.86 ? 8    A   A C6    1 
ATOM   162  N  N6    . A   A 1 8  ? 1.080   -13.651 -9.392  1.00 15.96 ? 8    A   A N6    1 
ATOM   163  N  N1    . A   A 1 8  ? -0.788  -12.696 -8.436  1.00 16.22 ? 8    A   A N1    1 
ATOM   164  C  C2    . A   A 1 8  ? -1.539  -11.611 -8.213  1.00 14.00 ? 8    A   A C2    1 
ATOM   165  N  N3    . A   A 1 8  ? -1.359  -10.366 -8.636  1.00 12.07 ? 8    A   A N3    1 
ATOM   166  C  C4    . A   A 1 8  ? -0.250  -10.274 -9.388  1.00 13.08 ? 8    A   A C4    1 
ATOM   167  P  P     . A   A 1 9  ? 1.937   -4.879  -7.194  1.00 31.59 ? 9    A   A P     1 
ATOM   168  O  OP1   . A   A 1 9  ? 1.955   -3.471  -6.728  1.00 32.41 ? 9    A   A OP1   1 
ATOM   169  O  OP2   . A   A 1 9  ? 3.153   -5.701  -7.044  1.00 30.25 ? 9    A   A OP2   1 
ATOM   170  O  "O5'" . A   A 1 9  ? 0.728   -5.589  -6.429  1.00 27.58 ? 9    A   A "O5'" 1 
ATOM   171  C  "C5'" . A   A 1 9  ? 0.815   -5.922  -5.034  1.00 26.84 ? 9    A   A "C5'" 1 
ATOM   172  C  "C4'" . A   A 1 9  ? -0.198  -6.994  -4.683  1.00 27.97 ? 9    A   A "C4'" 1 
ATOM   173  O  "O4'" . A   A 1 9  ? -0.098  -8.084  -5.643  1.00 26.09 ? 9    A   A "O4'" 1 
ATOM   174  C  "C3'" . A   A 1 9  ? 0.039   -7.633  -3.321  1.00 29.16 ? 9    A   A "C3'" 1 
ATOM   175  O  "O3'" . A   A 1 9  ? -1.156  -8.282  -2.899  1.00 33.28 ? 9    A   A "O3'" 1 
ATOM   176  C  "C2'" . A   A 1 9  ? 1.015   -8.740  -3.685  1.00 28.18 ? 9    A   A "C2'" 1 
ATOM   177  O  "O2'" . A   A 1 9  ? 1.057   -9.768  -2.712  1.00 32.10 ? 9    A   A "O2'" 1 
ATOM   178  C  "C1'" . A   A 1 9  ? 0.389   -9.241  -4.989  1.00 23.89 ? 9    A   A "C1'" 1 
ATOM   179  N  N9    . A   A 1 9  ? 1.351   -9.903  -5.867  1.00 18.65 ? 9    A   A N9    1 
ATOM   180  C  C8    . A   A 1 9  ? 2.260   -9.329  -6.723  1.00 17.30 ? 9    A   A C8    1 
ATOM   181  N  N7    . A   A 1 9  ? 3.035   -10.199 -7.334  1.00 14.12 ? 9    A   A N7    1 
ATOM   182  C  C5    . A   A 1 9  ? 2.597   -11.426 -6.866  1.00 12.14 ? 9    A   A C5    1 
ATOM   183  C  C6    . A   A 1 9  ? 3.021   -12.738 -7.119  1.00 11.23 ? 9    A   A C6    1 
ATOM   184  N  N6    . A   A 1 9  ? 4.029   -13.056 -7.962  1.00 8.89  ? 9    A   A N6    1 
ATOM   185  N  N1    . A   A 1 9  ? 2.378   -13.738 -6.477  1.00 8.89  ? 9    A   A N1    1 
ATOM   186  C  C2    . A   A 1 9  ? 1.370   -13.428 -5.637  1.00 12.77 ? 9    A   A C2    1 
ATOM   187  N  N3    . A   A 1 9  ? 0.884   -12.232 -5.310  1.00 13.38 ? 9    A   A N3    1 
ATOM   188  C  C4    . A   A 1 9  ? 1.549   -11.261 -5.968  1.00 11.95 ? 9    A   A C4    1 
ATOM   189  P  P     . G   A 1 10 ? -2.065  -7.652  -1.735  1.00 37.98 ? 10   G   A P     1 
ATOM   190  O  OP1   . G   A 1 10 ? -1.354  -6.542  -1.024  1.00 34.82 ? 10   G   A OP1   1 
ATOM   191  O  OP2   . G   A 1 10 ? -2.606  -8.797  -0.961  1.00 38.27 ? 10   G   A OP2   1 
ATOM   192  O  "O5'" . G   A 1 10 ? -3.301  -7.052  -2.535  1.00 36.18 ? 10   G   A "O5'" 1 
ATOM   193  C  "C5'" . G   A 1 10 ? -4.155  -7.911  -3.319  1.00 34.22 ? 10   G   A "C5'" 1 
ATOM   194  C  "C4'" . G   A 1 10 ? -5.590  -7.456  -3.197  1.00 32.91 ? 10   G   A "C4'" 1 
ATOM   195  O  "O4'" . G   A 1 10 ? -6.117  -7.800  -1.889  1.00 31.62 ? 10   G   A "O4'" 1 
ATOM   196  C  "C3'" . G   A 1 10 ? -5.761  -5.951  -3.291  1.00 31.74 ? 10   G   A "C3'" 1 
ATOM   197  O  "O3'" . G   A 1 10 ? -5.815  -5.534  -4.646  1.00 31.72 ? 10   G   A "O3'" 1 
ATOM   198  C  "C2'" . G   A 1 10 ? -7.066  -5.737  -2.541  1.00 31.23 ? 10   G   A "C2'" 1 
ATOM   199  O  "O2'" . G   A 1 10 ? -8.191  -6.096  -3.325  1.00 32.69 ? 10   G   A "O2'" 1 
ATOM   200  C  "C1'" . G   A 1 10 ? -6.909  -6.736  -1.392  1.00 30.59 ? 10   G   A "C1'" 1 
ATOM   201  N  N9    . G   A 1 10 ? -6.191  -6.161  -0.260  1.00 29.79 ? 10   G   A N9    1 
ATOM   202  C  C8    . G   A 1 10 ? -4.958  -6.547  0.206   1.00 28.01 ? 10   G   A C8    1 
ATOM   203  N  N7    . G   A 1 10 ? -4.539  -5.824  1.210   1.00 28.55 ? 10   G   A N7    1 
ATOM   204  C  C5    . G   A 1 10 ? -5.561  -4.910  1.430   1.00 27.93 ? 10   G   A C5    1 
ATOM   205  C  C6    . G   A 1 10 ? -5.670  -3.859  2.386   1.00 26.09 ? 10   G   A C6    1 
ATOM   206  O  O6    . G   A 1 10 ? -4.861  -3.524  3.257   1.00 23.38 ? 10   G   A O6    1 
ATOM   207  N  N1    . G   A 1 10 ? -6.873  -3.169  2.254   1.00 25.23 ? 10   G   A N1    1 
ATOM   208  C  C2    . G   A 1 10 ? -7.849  -3.451  1.327   1.00 26.64 ? 10   G   A C2    1 
ATOM   209  N  N2    . G   A 1 10 ? -8.936  -2.651  1.357   1.00 26.65 ? 10   G   A N2    1 
ATOM   210  N  N3    . G   A 1 10 ? -7.764  -4.432  0.435   1.00 28.16 ? 10   G   A N3    1 
ATOM   211  C  C4    . G   A 1 10 ? -6.599  -5.112  0.540   1.00 28.95 ? 10   G   A C4    1 
ATOM   212  P  P     . U   A 1 11 ? -5.352  -4.053  -5.035  1.00 35.51 ? 11   U   A P     1 
ATOM   213  O  OP1   . U   A 1 11 ? -5.557  -3.880  -6.495  1.00 36.34 ? 11   U   A OP1   1 
ATOM   214  O  OP2   . U   A 1 11 ? -4.004  -3.819  -4.442  1.00 36.60 ? 11   U   A OP2   1 
ATOM   215  O  "O5'" . U   A 1 11 ? -6.395  -3.107  -4.299  1.00 34.79 ? 11   U   A "O5'" 1 
ATOM   216  C  "C5'" . U   A 1 11 ? -7.766  -3.102  -4.697  1.00 31.71 ? 11   U   A "C5'" 1 
ATOM   217  C  "C4'" . U   A 1 11 ? -8.513  -2.033  -3.954  1.00 31.04 ? 11   U   A "C4'" 1 
ATOM   218  O  "O4'" . U   A 1 11 ? -8.506  -2.342  -2.533  1.00 28.34 ? 11   U   A "O4'" 1 
ATOM   219  C  "C3'" . U   A 1 11 ? -7.907  -0.642  -4.013  1.00 31.39 ? 11   U   A "C3'" 1 
ATOM   220  O  "O3'" . U   A 1 11 ? -8.224  0.029   -5.222  1.00 35.85 ? 11   U   A "O3'" 1 
ATOM   221  C  "C2'" . U   A 1 11 ? -8.563  0.010   -2.810  1.00 29.49 ? 11   U   A "C2'" 1 
ATOM   222  O  "O2'" . U   A 1 11 ? -9.921  0.303   -3.069  1.00 27.72 ? 11   U   A "O2'" 1 
ATOM   223  C  "C1'" . U   A 1 11 ? -8.508  -1.132  -1.795  1.00 27.41 ? 11   U   A "C1'" 1 
ATOM   224  N  N1    . U   A 1 11 ? -7.287  -1.067  -0.976  1.00 25.18 ? 11   U   A N1    1 
ATOM   225  C  C2    . U   A 1 11 ? -7.241  -0.069  -0.032  1.00 24.28 ? 11   U   A C2    1 
ATOM   226  O  O2    . U   A 1 11 ? -8.159  0.722   0.128   1.00 23.93 ? 11   U   A O2    1 
ATOM   227  N  N3    . U   A 1 11 ? -6.096  -0.024  0.716   1.00 21.33 ? 11   U   A N3    1 
ATOM   228  C  C4    . U   A 1 11 ? -5.010  -0.862  0.623   1.00 22.97 ? 11   U   A C4    1 
ATOM   229  O  O4    . U   A 1 11 ? -4.054  -0.690  1.377   1.00 22.26 ? 11   U   A O4    1 
ATOM   230  C  C5    . U   A 1 11 ? -5.125  -1.885  -0.389  1.00 21.78 ? 11   U   A C5    1 
ATOM   231  C  C6    . U   A 1 11 ? -6.235  -1.946  -1.134  1.00 21.98 ? 11   U   A C6    1 
ATOM   232  P  P     . G   A 1 12 ? -7.240  1.173   -5.781  1.00 39.82 ? 12   G   A P     1 
ATOM   233  O  OP1   . G   A 1 12 ? -7.710  1.581   -7.129  1.00 39.73 ? 12   G   A OP1   1 
ATOM   234  O  OP2   . G   A 1 12 ? -5.834  0.721   -5.596  1.00 38.89 ? 12   G   A OP2   1 
ATOM   235  O  "O5'" . G   A 1 12 ? -7.478  2.398   -4.798  1.00 39.63 ? 12   G   A "O5'" 1 
ATOM   236  C  "C5'" . G   A 1 12 ? -8.765  3.005   -4.683  1.00 38.28 ? 12   G   A "C5'" 1 
ATOM   237  C  "C4'" . G   A 1 12 ? -8.704  4.145   -3.702  1.00 38.33 ? 12   G   A "C4'" 1 
ATOM   238  O  "O4'" . G   A 1 12 ? -8.521  3.627   -2.357  1.00 37.61 ? 12   G   A "O4'" 1 
ATOM   239  C  "C3'" . G   A 1 12 ? -7.518  5.075   -3.888  1.00 37.63 ? 12   G   A "C3'" 1 
ATOM   240  O  "O3'" . G   A 1 12 ? -7.745  6.010   -4.928  1.00 38.52 ? 12   G   A "O3'" 1 
ATOM   241  C  "C2'" . G   A 1 12 ? -7.408  5.718   -2.514  1.00 36.21 ? 12   G   A "C2'" 1 
ATOM   242  O  "O2'" . G   A 1 12 ? -8.403  6.698   -2.281  1.00 36.29 ? 12   G   A "O2'" 1 
ATOM   243  C  "C1'" . G   A 1 12 ? -7.698  4.517   -1.614  1.00 34.17 ? 12   G   A "C1'" 1 
ATOM   244  N  N9    . G   A 1 12 ? -6.477  3.813   -1.232  1.00 30.89 ? 12   G   A N9    1 
ATOM   245  C  C8    . G   A 1 12 ? -5.921  2.714   -1.836  1.00 30.49 ? 12   G   A C8    1 
ATOM   246  N  N7    . G   A 1 12 ? -4.815  2.316   -1.260  1.00 26.81 ? 12   G   A N7    1 
ATOM   247  C  C5    . G   A 1 12 ? -4.635  3.208   -0.210  1.00 26.38 ? 12   G   A C5    1 
ATOM   248  C  C6    . G   A 1 12 ? -3.594  3.292   0.780   1.00 25.64 ? 12   G   A C6    1 
ATOM   249  O  O6    . G   A 1 12 ? -2.584  2.566   0.917   1.00 23.16 ? 12   G   A O6    1 
ATOM   250  N  N1    . G   A 1 12 ? -3.806  4.357   1.651   1.00 23.72 ? 12   G   A N1    1 
ATOM   251  C  C2    . G   A 1 12 ? -4.866  5.237   1.578   1.00 26.88 ? 12   G   A C2    1 
ATOM   252  N  N2    . G   A 1 12 ? -4.898  6.222   2.491   1.00 26.07 ? 12   G   A N2    1 
ATOM   253  N  N3    . G   A 1 12 ? -5.828  5.167   0.672   1.00 26.49 ? 12   G   A N3    1 
ATOM   254  C  C4    . G   A 1 12 ? -5.650  4.139   -0.183  1.00 27.91 ? 12   G   A C4    1 
ATOM   255  P  P     . C   A 1 13 ? -6.497  6.633   -5.716  1.00 39.46 ? 13   C   A P     1 
ATOM   256  O  OP1   . C   A 1 13 ? -7.056  7.450   -6.815  1.00 37.74 ? 13   C   A OP1   1 
ATOM   257  O  OP2   . C   A 1 13 ? -5.534  5.544   -6.030  1.00 37.76 ? 13   C   A OP2   1 
ATOM   258  O  "O5'" . C   A 1 13 ? -5.838  7.614   -4.642  1.00 38.29 ? 13   C   A "O5'" 1 
ATOM   259  C  "C5'" . C   A 1 13 ? -6.553  8.792   -4.184  1.00 37.43 ? 13   C   A "C5'" 1 
ATOM   260  C  "C4'" . C   A 1 13 ? -5.732  9.556   -3.163  1.00 36.88 ? 13   C   A "C4'" 1 
ATOM   261  O  "O4'" . C   A 1 13 ? -5.628  8.782   -1.934  1.00 36.88 ? 13   C   A "O4'" 1 
ATOM   262  C  "C3'" . C   A 1 13 ? -4.282  9.826   -3.541  1.00 37.10 ? 13   C   A "C3'" 1 
ATOM   263  O  "O3'" . C   A 1 13 ? -4.105  10.916  -4.436  1.00 36.51 ? 13   C   A "O3'" 1 
ATOM   264  C  "C2'" . C   A 1 13 ? -3.649  10.065  -2.180  1.00 35.47 ? 13   C   A "C2'" 1 
ATOM   265  O  "O2'" . C   A 1 13 ? -3.983  11.323  -1.640  1.00 35.95 ? 13   C   A "O2'" 1 
ATOM   266  C  "C1'" . C   A 1 13 ? -4.344  8.989   -1.349  1.00 34.13 ? 13   C   A "C1'" 1 
ATOM   267  N  N1    . C   A 1 13 ? -3.584  7.727   -1.396  1.00 29.99 ? 13   C   A N1    1 
ATOM   268  C  C2    . C   A 1 13 ? -2.586  7.517   -0.444  1.00 29.45 ? 13   C   A C2    1 
ATOM   269  O  O2    . C   A 1 13 ? -2.341  8.418   0.371   1.00 29.76 ? 13   C   A O2    1 
ATOM   270  N  N3    . C   A 1 13 ? -1.900  6.352   -0.442  1.00 30.24 ? 13   C   A N3    1 
ATOM   271  C  C4    . C   A 1 13 ? -2.155  5.428   -1.371  1.00 28.71 ? 13   C   A C4    1 
ATOM   272  N  N4    . C   A 1 13 ? -1.440  4.293   -1.337  1.00 29.44 ? 13   C   A N4    1 
ATOM   273  C  C5    . C   A 1 13 ? -3.152  5.626   -2.377  1.00 28.97 ? 13   C   A C5    1 
ATOM   274  C  C6    . C   A 1 13 ? -3.843  6.780   -2.346  1.00 29.27 ? 13   C   A C6    1 
ATOM   275  P  P     . A   A 1 14 ? -2.911  10.862  -5.519  1.00 40.51 ? 14   A   A P     1 
ATOM   276  O  OP1   . A   A 1 14 ? -2.990  12.103  -6.330  1.00 40.74 ? 14   A   A OP1   1 
ATOM   277  O  OP2   . A   A 1 14 ? -2.934  9.537   -6.194  1.00 41.04 ? 14   A   A OP2   1 
ATOM   278  O  "O5'" . A   A 1 14 ? -1.582  10.900  -4.649  1.00 37.16 ? 14   A   A "O5'" 1 
ATOM   279  C  "C5'" . A   A 1 14 ? -1.382  11.953  -3.721  1.00 35.36 ? 14   A   A "C5'" 1 
ATOM   280  C  "C4'" . A   A 1 14 ? -0.204  11.663  -2.835  1.00 34.46 ? 14   A   A "C4'" 1 
ATOM   281  O  "O4'" . A   A 1 14 ? -0.465  10.537  -1.960  1.00 32.30 ? 14   A   A "O4'" 1 
ATOM   282  C  "C3'" . A   A 1 14 ? 1.089   11.257  -3.501  1.00 33.51 ? 14   A   A "C3'" 1 
ATOM   283  O  "O3'" . A   A 1 14 ? 1.692   12.381  -4.122  1.00 35.33 ? 14   A   A "O3'" 1 
ATOM   284  C  "C2'" . A   A 1 14 ? 1.864   10.757  -2.291  1.00 33.19 ? 14   A   A "C2'" 1 
ATOM   285  O  "O2'" . A   A 1 14 ? 2.290   11.810  -1.451  1.00 31.92 ? 14   A   A "O2'" 1 
ATOM   286  C  "C1'" . A   A 1 14 ? 0.774   9.990   -1.539  1.00 30.46 ? 14   A   A "C1'" 1 
ATOM   287  N  N9    . A   A 1 14 ? 0.811   8.571   -1.879  1.00 26.99 ? 14   A   A N9    1 
ATOM   288  C  C8    . A   A 1 14 ? 0.063   7.883   -2.800  1.00 25.20 ? 14   A   A C8    1 
ATOM   289  N  N7    . A   A 1 14 ? 0.376   6.611   -2.891  1.00 24.35 ? 14   A   A N7    1 
ATOM   290  C  C5    . A   A 1 14 ? 1.397   6.450   -1.959  1.00 22.55 ? 14   A   A C5    1 
ATOM   291  C  C6    . A   A 1 14 ? 2.172   5.336   -1.578  1.00 20.20 ? 14   A   A C6    1 
ATOM   292  N  N6    . A   A 1 14 ? 2.052   4.116   -2.123  1.00 17.93 ? 14   A   A N6    1 
ATOM   293  N  N1    . A   A 1 14 ? 3.099   5.518   -0.607  1.00 17.81 ? 14   A   A N1    1 
ATOM   294  C  C2    . A   A 1 14 ? 3.245   6.746   -0.081  1.00 21.36 ? 14   A   A C2    1 
ATOM   295  N  N3    . A   A 1 14 ? 2.588   7.871   -0.367  1.00 22.85 ? 14   A   A N3    1 
ATOM   296  C  C4    . A   A 1 14 ? 1.665   7.651   -1.322  1.00 23.33 ? 14   A   A C4    1 
ATOM   297  P  P     . C   A 1 15 ? 3.062   12.205  -4.943  1.00 37.94 ? 15   C   A P     1 
ATOM   298  O  OP1   . C   A 1 15 ? 3.424   13.527  -5.534  1.00 38.61 ? 15   C   A OP1   1 
ATOM   299  O  OP2   . C   A 1 15 ? 2.980   11.013  -5.820  1.00 37.55 ? 15   C   A OP2   1 
ATOM   300  O  "O5'" . C   A 1 15 ? 4.091   11.912  -3.779  1.00 36.50 ? 15   C   A "O5'" 1 
ATOM   301  C  "C5'" . C   A 1 15 ? 5.422   11.603  -4.075  1.00 33.43 ? 15   C   A "C5'" 1 
ATOM   302  C  "C4'" . C   A 1 15 ? 6.108   11.086  -2.853  1.00 32.26 ? 15   C   A "C4'" 1 
ATOM   303  O  "O4'" . C   A 1 15 ? 5.259   10.125  -2.169  1.00 30.56 ? 15   C   A "O4'" 1 
ATOM   304  C  "C3'" . C   A 1 15 ? 7.312   10.279  -3.263  1.00 31.62 ? 15   C   A "C3'" 1 
ATOM   305  O  "O3'" . C   A 1 15 ? 8.387   11.125  -3.598  1.00 34.89 ? 15   C   A "O3'" 1 
ATOM   306  C  "C2'" . C   A 1 15 ? 7.507   9.347   -2.086  1.00 29.54 ? 15   C   A "C2'" 1 
ATOM   307  O  "O2'" . C   A 1 15 ? 8.192   9.924   -0.990  1.00 30.92 ? 15   C   A "O2'" 1 
ATOM   308  C  "C1'" . C   A 1 15 ? 6.050   9.031   -1.732  1.00 27.86 ? 15   C   A "C1'" 1 
ATOM   309  N  N1    . C   A 1 15 ? 5.603   7.809   -2.423  1.00 24.35 ? 15   C   A N1    1 
ATOM   310  C  C2    . C   A 1 15 ? 6.256   6.635   -2.114  1.00 21.49 ? 15   C   A C2    1 
ATOM   311  O  O2    . C   A 1 15 ? 7.160   6.678   -1.270  1.00 20.41 ? 15   C   A O2    1 
ATOM   312  N  N3    . C   A 1 15 ? 5.897   5.478   -2.734  1.00 20.10 ? 15   C   A N3    1 
ATOM   313  C  C4    . C   A 1 15 ? 4.914   5.487   -3.630  1.00 22.03 ? 15   C   A C4    1 
ATOM   314  N  N4    . C   A 1 15 ? 4.589   4.324   -4.202  1.00 19.32 ? 15   C   A N4    1 
ATOM   315  C  C5    . C   A 1 15 ? 4.218   6.689   -3.974  1.00 21.37 ? 15   C   A C5    1 
ATOM   316  C  C6    . C   A 1 15 ? 4.591   7.817   -3.349  1.00 22.50 ? 15   C   A C6    1 
ATOM   317  P  P     . A   A 1 16 ? 9.112   10.937  -5.013  1.00 40.67 ? 16   A   A P     1 
ATOM   318  O  OP1   . A   A 1 16 ? 9.947   12.159  -5.222  1.00 40.43 ? 16   A   A OP1   1 
ATOM   319  O  OP2   . A   A 1 16 ? 8.111   10.539  -6.041  1.00 39.51 ? 16   A   A OP2   1 
ATOM   320  O  "O5'" . A   A 1 16 ? 10.041  9.682   -4.737  1.00 39.96 ? 16   A   A "O5'" 1 
ATOM   321  C  "C5'" . A   A 1 16 ? 10.751  9.597   -3.503  1.00 38.96 ? 16   A   A "C5'" 1 
ATOM   322  C  "C4'" . A   A 1 16 ? 11.237  8.200   -3.277  1.00 38.11 ? 16   A   A "C4'" 1 
ATOM   323  O  "O4'" . A   A 1 16 ? 10.125  7.320   -2.976  1.00 36.05 ? 16   A   A "O4'" 1 
ATOM   324  C  "C3'" . A   A 1 16 ? 11.882  7.533   -4.474  1.00 37.86 ? 16   A   A "C3'" 1 
ATOM   325  O  "O3'" . A   A 1 16 ? 13.211  7.989   -4.675  1.00 39.80 ? 16   A   A "O3'" 1 
ATOM   326  C  "C2'" . A   A 1 16 ? 11.839  6.077   -4.045  1.00 36.12 ? 16   A   A "C2'" 1 
ATOM   327  O  "O2'" . A   A 1 16 ? 12.830  5.802   -3.077  1.00 37.71 ? 16   A   A "O2'" 1 
ATOM   328  C  "C1'" . A   A 1 16 ? 10.461  6.007   -3.379  1.00 33.61 ? 16   A   A "C1'" 1 
ATOM   329  N  N9    . A   A 1 16 ? 9.429   5.512   -4.289  1.00 30.11 ? 16   A   A N9    1 
ATOM   330  C  C8    . A   A 1 16 ? 8.421   6.182   -4.932  1.00 31.21 ? 16   A   A C8    1 
ATOM   331  N  N7    . A   A 1 16 ? 7.666   5.408   -5.679  1.00 27.92 ? 16   A   A N7    1 
ATOM   332  C  C5    . A   A 1 16 ? 8.213   4.148   -5.511  1.00 25.81 ? 16   A   A C5    1 
ATOM   333  C  C6    . A   A 1 16 ? 7.870   2.883   -6.031  1.00 24.89 ? 16   A   A C6    1 
ATOM   334  N  N6    . A   A 1 16 ? 6.841   2.666   -6.853  1.00 23.37 ? 16   A   A N6    1 
ATOM   335  N  N1    . A   A 1 16 ? 8.633   1.833   -5.672  1.00 26.03 ? 16   A   A N1    1 
ATOM   336  C  C2    . A   A 1 16 ? 9.664   2.042   -4.847  1.00 28.54 ? 16   A   A C2    1 
ATOM   337  N  N3    . A   A 1 16 ? 10.084  3.175   -4.288  1.00 28.56 ? 16   A   A N3    1 
ATOM   338  C  C4    . A   A 1 16 ? 9.305   4.199   -4.665  1.00 28.59 ? 16   A   A C4    1 
ATOM   339  P  P     . C   A 1 17 ? 13.830  8.008   -6.161  1.00 41.41 ? 17   C   A P     1 
ATOM   340  O  OP1   . C   A 1 17 ? 15.209  8.543   -6.030  1.00 41.52 ? 17   C   A OP1   1 
ATOM   341  O  OP2   . C   A 1 17 ? 12.860  8.672   -7.074  1.00 39.01 ? 17   C   A OP2   1 
ATOM   342  O  "O5'" . C   A 1 17 ? 13.928  6.468   -6.556  1.00 40.76 ? 17   C   A "O5'" 1 
ATOM   343  C  "C5'" . C   A 1 17 ? 14.850  5.607   -5.872  1.00 40.14 ? 17   C   A "C5'" 1 
ATOM   344  C  "C4'" . C   A 1 17 ? 14.723  4.192   -6.379  1.00 39.12 ? 17   C   A "C4'" 1 
ATOM   345  O  "O4'" . C   A 1 17 ? 13.421  3.657   -6.027  1.00 36.18 ? 17   C   A "O4'" 1 
ATOM   346  C  "C3'" . C   A 1 17 ? 14.774  4.028   -7.885  1.00 39.05 ? 17   C   A "C3'" 1 
ATOM   347  O  "O3'" . C   A 1 17 ? 16.100  4.077   -8.397  1.00 40.82 ? 17   C   A "O3'" 1 
ATOM   348  C  "C2'" . C   A 1 17 ? 14.115  2.670   -8.070  1.00 37.96 ? 17   C   A "C2'" 1 
ATOM   349  O  "O2'" . C   A 1 17 ? 14.967  1.591   -7.759  1.00 41.43 ? 17   C   A "O2'" 1 
ATOM   350  C  "C1'" . C   A 1 17 ? 13.008  2.737   -7.021  1.00 34.28 ? 17   C   A "C1'" 1 
ATOM   351  N  N1    . C   A 1 17 ? 11.745  3.202   -7.602  1.00 31.09 ? 17   C   A N1    1 
ATOM   352  C  C2    . C   A 1 17 ? 10.953  2.266   -8.273  1.00 29.13 ? 17   C   A C2    1 
ATOM   353  O  O2    . C   A 1 17 ? 11.356  1.092   -8.355  1.00 31.40 ? 17   C   A O2    1 
ATOM   354  N  N3    . C   A 1 17 ? 9.778   2.660   -8.821  1.00 26.11 ? 17   C   A N3    1 
ATOM   355  C  C4    . C   A 1 17 ? 9.396   3.934   -8.727  1.00 26.39 ? 17   C   A C4    1 
ATOM   356  N  N4    . C   A 1 17 ? 8.229   4.274   -9.285  1.00 22.88 ? 17   C   A N4    1 
ATOM   357  C  C5    . C   A 1 17 ? 10.197  4.916   -8.055  1.00 24.82 ? 17   C   A C5    1 
ATOM   358  C  C6    . C   A 1 17 ? 11.349  4.505   -7.507  1.00 28.17 ? 17   C   A C6    1 
ATOM   359  P  P     . A   A 1 18 ? 16.354  4.660   -9.871  1.00 44.44 ? 18   A   A P     1 
ATOM   360  O  OP1   . A   A 1 18 ? 17.816  4.809   -10.072 1.00 45.67 ? 18   A   A OP1   1 
ATOM   361  O  OP2   . A   A 1 18 ? 15.466  5.836   -10.052 1.00 45.15 ? 18   A   A OP2   1 
ATOM   362  O  "O5'" . A   A 1 18 ? 15.835  3.503   -10.835 1.00 43.43 ? 18   A   A "O5'" 1 
ATOM   363  C  "C5'" . A   A 1 18 ? 16.470  2.210   -10.859 1.00 41.78 ? 18   A   A "C5'" 1 
ATOM   364  C  "C4'" . A   A 1 18 ? 15.727  1.289   -11.802 1.00 41.51 ? 18   A   A "C4'" 1 
ATOM   365  O  "O4'" . A   A 1 18 ? 14.378  1.079   -11.305 1.00 40.46 ? 18   A   A "O4'" 1 
ATOM   366  C  "C3'" . A   A 1 18 ? 15.516  1.834   -13.204 1.00 41.60 ? 18   A   A "C3'" 1 
ATOM   367  O  "O3'" . A   A 1 18 ? 16.648  1.633   -14.047 1.00 41.70 ? 18   A   A "O3'" 1 
ATOM   368  C  "C2'" . A   A 1 18 ? 14.305  1.046   -13.681 1.00 40.85 ? 18   A   A "C2'" 1 
ATOM   369  O  "O2'" . A   A 1 18 ? 14.657  -0.252  -14.123 1.00 41.48 ? 18   A   A "O2'" 1 
ATOM   370  C  "C1'" . A   A 1 18 ? 13.478  0.959   -12.394 1.00 39.17 ? 18   A   A "C1'" 1 
ATOM   371  N  N9    . A   A 1 18 ? 12.464  2.007   -12.263 1.00 37.51 ? 18   A   A N9    1 
ATOM   372  C  C8    . A   A 1 18 ? 12.571  3.197   -11.590 1.00 37.42 ? 18   A   A C8    1 
ATOM   373  N  N7    . A   A 1 18 ? 11.479  3.922   -11.621 1.00 35.00 ? 18   A   A N7    1 
ATOM   374  C  C5    . A   A 1 18 ? 10.595  3.160   -12.368 1.00 34.90 ? 18   A   A C5    1 
ATOM   375  C  C6    . A   A 1 18 ? 9.260   3.364   -12.751 1.00 34.37 ? 18   A   A C6    1 
ATOM   376  N  N6    . A   A 1 18 ? 8.545   4.431   -12.409 1.00 34.24 ? 18   A   A N6    1 
ATOM   377  N  N1    . A   A 1 18 ? 8.674   2.415   -13.503 1.00 34.26 ? 18   A   A N1    1 
ATOM   378  C  C2    . A   A 1 18 ? 9.382   1.331   -13.830 1.00 34.66 ? 18   A   A C2    1 
ATOM   379  N  N3    . A   A 1 18 ? 10.629  1.018   -13.522 1.00 35.58 ? 18   A   A N3    1 
ATOM   380  C  C4    . A   A 1 18 ? 11.192  1.985   -12.781 1.00 36.13 ? 18   A   A C4    1 
ATOM   381  P  P     . G   A 1 19 ? 16.845  2.558   -15.351 1.00 43.99 ? 19   G   A P     1 
ATOM   382  O  OP1   . G   A 1 19 ? 18.190  2.273   -15.924 1.00 45.23 ? 19   G   A OP1   1 
ATOM   383  O  OP2   . G   A 1 19 ? 16.486  3.946   -14.960 1.00 43.76 ? 19   G   A OP2   1 
ATOM   384  O  "O5'" . G   A 1 19 ? 15.747  2.038   -16.381 1.00 41.97 ? 19   G   A "O5'" 1 
ATOM   385  C  "C5'" . G   A 1 19 ? 15.881  0.746   -17.005 1.00 40.36 ? 19   G   A "C5'" 1 
ATOM   386  C  "C4'" . G   A 1 19 ? 14.651  0.427   -17.814 1.00 39.86 ? 19   G   A "C4'" 1 
ATOM   387  O  "O4'" . G   A 1 19 ? 13.492  0.316   -16.938 1.00 39.79 ? 19   G   A "O4'" 1 
ATOM   388  C  "C3'" . G   A 1 19 ? 14.242  1.495   -18.814 1.00 39.89 ? 19   G   A "C3'" 1 
ATOM   389  O  "O3'" . G   A 1 19 ? 15.023  1.417   -20.003 1.00 41.93 ? 19   G   A "O3'" 1 
ATOM   390  C  "C2'" . G   A 1 19 ? 12.767  1.168   -19.031 1.00 38.42 ? 19   G   A "C2'" 1 
ATOM   391  O  "O2'" . G   A 1 19 ? 12.571  0.049   -19.863 1.00 38.57 ? 19   G   A "O2'" 1 
ATOM   392  C  "C1'" . G   A 1 19 ? 12.333  0.793   -17.615 1.00 36.77 ? 19   G   A "C1'" 1 
ATOM   393  N  N9    . G   A 1 19 ? 11.835  1.964   -16.905 1.00 34.61 ? 19   G   A N9    1 
ATOM   394  C  C8    . G   A 1 19 ? 12.547  2.792   -16.073 1.00 33.56 ? 19   G   A C8    1 
ATOM   395  N  N7    . G   A 1 19 ? 11.843  3.794   -15.620 1.00 33.21 ? 19   G   A N7    1 
ATOM   396  C  C5    . G   A 1 19 ? 10.583  3.608   -16.177 1.00 31.16 ? 19   G   A C5    1 
ATOM   397  C  C6    . G   A 1 19 ? 9.398   4.388   -16.059 1.00 31.08 ? 19   G   A C6    1 
ATOM   398  O  O6    . G   A 1 19 ? 9.222   5.445   -15.415 1.00 28.19 ? 19   G   A O6    1 
ATOM   399  N  N1    . G   A 1 19 ? 8.350   3.835   -16.798 1.00 28.08 ? 19   G   A N1    1 
ATOM   400  C  C2    . G   A 1 19 ? 8.436   2.694   -17.561 1.00 27.63 ? 19   G   A C2    1 
ATOM   401  N  N2    . G   A 1 19 ? 7.329   2.334   -18.213 1.00 24.23 ? 19   G   A N2    1 
ATOM   402  N  N3    . G   A 1 19 ? 9.531   1.965   -17.680 1.00 28.22 ? 19   G   A N3    1 
ATOM   403  C  C4    . G   A 1 19 ? 10.560  2.476   -16.965 1.00 31.10 ? 19   G   A C4    1 
ATOM   404  P  P     . C   A 1 20 ? 15.189  2.716   -20.940 1.00 45.68 ? 20   C   A P     1 
ATOM   405  O  OP1   . C   A 1 20 ? 16.103  2.373   -22.061 1.00 44.72 ? 20   C   A OP1   1 
ATOM   406  O  OP2   . C   A 1 20 ? 15.523  3.863   -20.046 1.00 45.27 ? 20   C   A OP2   1 
ATOM   407  O  "O5'" . C   A 1 20 ? 13.728  2.949   -21.543 1.00 43.71 ? 20   C   A "O5'" 1 
ATOM   408  C  "C5'" . C   A 1 20 ? 13.134  1.991   -22.444 1.00 42.01 ? 20   C   A "C5'" 1 
ATOM   409  C  "C4'" . C   A 1 20 ? 11.671  2.314   -22.668 1.00 40.61 ? 20   C   A "C4'" 1 
ATOM   410  O  "O4'" . C   A 1 20 ? 10.982  2.308   -21.389 1.00 39.67 ? 20   C   A "O4'" 1 
ATOM   411  C  "C3'" . C   A 1 20 ? 11.353  3.692   -23.229 1.00 40.19 ? 20   C   A "C3'" 1 
ATOM   412  O  "O3'" . C   A 1 20 ? 11.504  3.771   -24.638 1.00 41.93 ? 20   C   A "O3'" 1 
ATOM   413  C  "C2'" . C   A 1 20 ? 9.901   3.880   -22.807 1.00 39.57 ? 20   C   A "C2'" 1 
ATOM   414  O  "O2'" . C   A 1 20 ? 8.977   3.197   -23.633 1.00 39.98 ? 20   C   A "O2'" 1 
ATOM   415  C  "C1'" . C   A 1 20 ? 9.919   3.255   -21.413 1.00 37.23 ? 20   C   A "C1'" 1 
ATOM   416  N  N1    . C   A 1 20 ? 10.182  4.267   -20.383 1.00 32.23 ? 20   C   A N1    1 
ATOM   417  C  C2    . C   A 1 20 ? 9.122   5.058   -19.927 1.00 29.70 ? 20   C   A C2    1 
ATOM   418  O  O2    . C   A 1 20 ? 7.997   4.881   -20.406 1.00 31.54 ? 20   C   A O2    1 
ATOM   419  N  N3    . C   A 1 20 ? 9.354   5.997   -18.984 1.00 27.26 ? 20   C   A N3    1 
ATOM   420  C  C4    . C   A 1 20 ? 10.587  6.166   -18.507 1.00 28.34 ? 20   C   A C4    1 
ATOM   421  N  N4    . C   A 1 20 ? 10.777  7.107   -17.589 1.00 26.79 ? 20   C   A N4    1 
ATOM   422  C  C5    . C   A 1 20 ? 11.686  5.373   -18.954 1.00 30.32 ? 20   C   A C5    1 
ATOM   423  C  C6    . C   A 1 20 ? 11.440  4.442   -19.879 1.00 29.60 ? 20   C   A C6    1 
ATOM   424  P  P     . A   A 1 21 ? 11.739  5.204   -25.330 1.00 43.22 ? 21   A   A P     1 
ATOM   425  O  OP1   . A   A 1 21 ? 12.002  4.996   -26.782 1.00 44.35 ? 21   A   A OP1   1 
ATOM   426  O  OP2   . A   A 1 21 ? 12.724  5.941   -24.500 1.00 39.87 ? 21   A   A OP2   1 
ATOM   427  O  "O5'" . A   A 1 21 ? 10.328  5.919   -25.205 1.00 41.01 ? 21   A   A "O5'" 1 
ATOM   428  C  "C5'" . A   A 1 21 ? 9.213   5.482   -25.993 1.00 38.87 ? 21   A   A "C5'" 1 
ATOM   429  C  "C4'" . A   A 1 21 ? 8.045   6.398   -25.759 1.00 39.65 ? 21   A   A "C4'" 1 
ATOM   430  O  "O4'" . A   A 1 21 ? 7.721   6.384   -24.347 1.00 39.27 ? 21   A   A "O4'" 1 
ATOM   431  C  "C3'" . A   A 1 21 ? 8.337   7.860   -26.046 1.00 39.96 ? 21   A   A "C3'" 1 
ATOM   432  O  "O3'" . A   A 1 21 ? 8.177   8.144   -27.425 1.00 42.05 ? 21   A   A "O3'" 1 
ATOM   433  C  "C2'" . A   A 1 21 ? 7.309   8.565   -25.176 1.00 39.13 ? 21   A   A "C2'" 1 
ATOM   434  O  "O2'" . A   A 1 21 ? 6.010   8.518   -25.730 1.00 39.73 ? 21   A   A "O2'" 1 
ATOM   435  C  "C1'" . A   A 1 21 ? 7.331   7.680   -23.932 1.00 36.96 ? 21   A   A "C1'" 1 
ATOM   436  N  N9    . A   A 1 21 ? 8.268   8.129   -22.903 1.00 33.57 ? 21   A   A N9    1 
ATOM   437  C  C8    . A   A 1 21 ? 9.572   7.743   -22.705 1.00 31.13 ? 21   A   A C8    1 
ATOM   438  N  N7    . A   A 1 21 ? 10.131  8.293   -21.656 1.00 27.27 ? 21   A   A N7    1 
ATOM   439  C  C5    . A   A 1 21 ? 9.130   9.106   -21.132 1.00 27.77 ? 21   A   A C5    1 
ATOM   440  C  C6    . A   A 1 21 ? 9.083   9.960   -19.998 1.00 26.76 ? 21   A   A C6    1 
ATOM   441  N  N6    . A   A 1 21 ? 10.094  10.116  -19.134 1.00 21.21 ? 21   A   A N6    1 
ATOM   442  N  N1    . A   A 1 21 ? 7.940   10.645  -19.778 1.00 26.41 ? 21   A   A N1    1 
ATOM   443  C  C2    . A   A 1 21 ? 6.909   10.465  -20.622 1.00 27.48 ? 21   A   A C2    1 
ATOM   444  N  N3    . A   A 1 21 ? 6.825   9.678   -21.700 1.00 30.46 ? 21   A   A N3    1 
ATOM   445  C  C4    . A   A 1 21 ? 7.985   9.025   -21.902 1.00 30.06 ? 21   A   A C4    1 
ATOM   446  P  P     . A   A 1 22 ? 9.031   9.324   -28.103 1.00 43.22 ? 22   A   A P     1 
ATOM   447  O  OP1   . A   A 1 22 ? 8.770   9.237   -29.568 1.00 43.35 ? 22   A   A OP1   1 
ATOM   448  O  OP2   . A   A 1 22 ? 10.430  9.266   -27.594 1.00 41.32 ? 22   A   A OP2   1 
ATOM   449  O  "O5'" . A   A 1 22 ? 8.377   10.660  -27.534 1.00 42.54 ? 22   A   A "O5'" 1 
ATOM   450  C  "C5'" . A   A 1 22 ? 7.021   11.015  -27.842 1.00 40.15 ? 22   A   A "C5'" 1 
ATOM   451  C  "C4'" . A   A 1 22 ? 6.617   12.246  -27.059 1.00 38.46 ? 22   A   A "C4'" 1 
ATOM   452  O  "O4'" . A   A 1 22 ? 6.463   11.912  -25.648 1.00 36.62 ? 22   A   A "O4'" 1 
ATOM   453  C  "C3'" . A   A 1 22 ? 7.623   13.384  -27.044 1.00 36.93 ? 22   A   A "C3'" 1 
ATOM   454  O  "O3'" . A   A 1 22 ? 7.607   14.160  -28.234 1.00 37.86 ? 22   A   A "O3'" 1 
ATOM   455  C  "C2'" . A   A 1 22 ? 7.167   14.171  -25.826 1.00 36.45 ? 22   A   A "C2'" 1 
ATOM   456  O  "O2'" . A   A 1 22 ? 6.007   14.931  -26.109 1.00 33.62 ? 22   A   A "O2'" 1 
ATOM   457  C  "C1'" . A   A 1 22 ? 6.818   13.035  -24.854 1.00 35.19 ? 22   A   A "C1'" 1 
ATOM   458  N  N9    . A   A 1 22 ? 7.966   12.664  -24.027 1.00 32.37 ? 22   A   A N9    1 
ATOM   459  C  C8    . A   A 1 22 ? 8.915   11.717  -24.311 1.00 31.90 ? 22   A   A C8    1 
ATOM   460  N  N7    . A   A 1 22 ? 9.866   11.636  -23.413 1.00 28.59 ? 22   A   A N7    1 
ATOM   461  C  C5    . A   A 1 22 ? 9.511   12.582  -22.464 1.00 28.33 ? 22   A   A C5    1 
ATOM   462  C  C6    . A   A 1 22 ? 10.121  12.995  -21.265 1.00 26.77 ? 22   A   A C6    1 
ATOM   463  N  N6    . A   A 1 22 ? 11.272  12.491  -20.805 1.00 25.02 ? 22   A   A N6    1 
ATOM   464  N  N1    . A   A 1 22 ? 9.509   13.965  -20.552 1.00 26.73 ? 22   A   A N1    1 
ATOM   465  C  C2    . A   A 1 22 ? 8.367   14.482  -21.021 1.00 28.45 ? 22   A   A C2    1 
ATOM   466  N  N3    . A   A 1 22 ? 7.703   14.182  -22.137 1.00 30.66 ? 22   A   A N3    1 
ATOM   467  C  C4    . A   A 1 22 ? 8.334   13.215  -22.823 1.00 30.57 ? 22   A   A C4    1 
ATOM   468  P  P     . G   A 1 23 ? 8.972   14.832  -28.767 1.00 39.08 ? 23   G   A P     1 
ATOM   469  O  OP1   . G   A 1 23 ? 8.721   15.439  -30.099 1.00 39.59 ? 23   G   A OP1   1 
ATOM   470  O  OP2   . G   A 1 23 ? 10.054  13.833  -28.615 1.00 41.29 ? 23   G   A OP2   1 
ATOM   471  O  "O5'" . G   A 1 23 ? 9.261   16.011  -27.731 1.00 37.47 ? 23   G   A "O5'" 1 
ATOM   472  C  "C5'" . G   A 1 23 ? 8.296   17.057  -27.541 1.00 34.53 ? 23   G   A "C5'" 1 
ATOM   473  C  "C4'" . G   A 1 23 ? 8.675   17.920  -26.364 1.00 33.04 ? 23   G   A "C4'" 1 
ATOM   474  O  "O4'" . G   A 1 23 ? 8.602   17.159  -25.131 1.00 29.48 ? 23   G   A "O4'" 1 
ATOM   475  C  "C3'" . G   A 1 23 ? 10.086  18.476  -26.356 1.00 32.43 ? 23   G   A "C3'" 1 
ATOM   476  O  "O3'" . G   A 1 23 ? 10.277  19.530  -27.303 1.00 33.55 ? 23   G   A "O3'" 1 
ATOM   477  C  "C2'" . G   A 1 23 ? 10.250  18.852  -24.889 1.00 31.56 ? 23   G   A "C2'" 1 
ATOM   478  O  "O2'" . G   A 1 23 ? 9.557   20.042  -24.581 1.00 30.68 ? 23   G   A "O2'" 1 
ATOM   479  C  "C1'" . G   A 1 23 ? 9.544   17.676  -24.203 1.00 29.13 ? 23   G   A "C1'" 1 
ATOM   480  N  N9    . G   A 1 23 ? 10.476  16.607  -23.864 1.00 27.06 ? 23   G   A N9    1 
ATOM   481  C  C8    . G   A 1 23 ? 10.838  15.546  -24.657 1.00 26.60 ? 23   G   A C8    1 
ATOM   482  N  N7    . G   A 1 23 ? 11.721  14.768  -24.098 1.00 25.35 ? 23   G   A N7    1 
ATOM   483  C  C5    . G   A 1 23 ? 11.952  15.341  -22.854 1.00 25.70 ? 23   G   A C5    1 
ATOM   484  C  C6    . G   A 1 23 ? 12.814  14.941  -21.807 1.00 25.73 ? 23   G   A C6    1 
ATOM   485  O  O6    . G   A 1 23 ? 13.569  13.966  -21.765 1.00 25.95 ? 23   G   A O6    1 
ATOM   486  N  N1    . G   A 1 23 ? 12.750  15.815  -20.727 1.00 25.07 ? 23   G   A N1    1 
ATOM   487  C  C2    . G   A 1 23 ? 11.955  16.931  -20.664 1.00 24.39 ? 23   G   A C2    1 
ATOM   488  N  N2    . G   A 1 23 ? 12.052  17.668  -19.550 1.00 19.89 ? 23   G   A N2    1 
ATOM   489  N  N3    . G   A 1 23 ? 11.130  17.304  -21.627 1.00 24.80 ? 23   G   A N3    1 
ATOM   490  C  C4    . G   A 1 23 ? 11.186  16.473  -22.690 1.00 25.60 ? 23   G   A C4    1 
ATOM   491  O  "O5'" . C   B 1 1  ? -20.547 -5.711  13.420  1.00 37.13 ? 1    C   B "O5'" 1 
ATOM   492  C  "C5'" . C   B 1 1  ? -21.478 -4.663  13.128  1.00 36.06 ? 1    C   B "C5'" 1 
ATOM   493  C  "C4'" . C   B 1 1  ? -21.605 -3.720  14.304  1.00 34.83 ? 1    C   B "C4'" 1 
ATOM   494  O  "O4'" . C   B 1 1  ? -22.058 -4.467  15.465  1.00 33.70 ? 1    C   B "O4'" 1 
ATOM   495  C  "C3'" . C   B 1 1  ? -20.307 -3.073  14.772  1.00 33.68 ? 1    C   B "C3'" 1 
ATOM   496  O  "O3'" . C   B 1 1  ? -19.951 -1.936  13.983  1.00 32.71 ? 1    C   B "O3'" 1 
ATOM   497  C  "C2'" . C   B 1 1  ? -20.645 -2.711  16.215  1.00 33.77 ? 1    C   B "C2'" 1 
ATOM   498  O  "O2'" . C   B 1 1  ? -21.470 -1.570  16.320  1.00 33.58 ? 1    C   B "O2'" 1 
ATOM   499  C  "C1'" . C   B 1 1  ? -21.465 -3.930  16.638  1.00 33.12 ? 1    C   B "C1'" 1 
ATOM   500  N  N1    . C   B 1 1  ? -20.650 -4.977  17.276  1.00 33.33 ? 1    C   B N1    1 
ATOM   501  C  C2    . C   B 1 1  ? -20.201 -4.765  18.583  1.00 32.25 ? 1    C   B C2    1 
ATOM   502  O  O2    . C   B 1 1  ? -20.501 -3.706  19.151  1.00 32.75 ? 1    C   B O2    1 
ATOM   503  N  N3    . C   B 1 1  ? -19.456 -5.720  19.192  1.00 31.16 ? 1    C   B N3    1 
ATOM   504  C  C4    . C   B 1 1  ? -19.170 -6.851  18.544  1.00 32.21 ? 1    C   B C4    1 
ATOM   505  N  N4    . C   B 1 1  ? -18.451 -7.774  19.188  1.00 31.10 ? 1    C   B N4    1 
ATOM   506  C  C5    . C   B 1 1  ? -19.612 -7.090  17.209  1.00 29.74 ? 1    C   B C5    1 
ATOM   507  C  C6    . C   B 1 1  ? -20.340 -6.133  16.618  1.00 31.06 ? 1    C   B C6    1 
ATOM   508  P  P     . U   B 1 2  ? -18.433 -1.763  13.465  1.00 34.35 ? 2    U   B P     1 
ATOM   509  O  OP1   . U   B 1 2  ? -18.458 -0.776  12.356  1.00 33.96 ? 2    U   B OP1   1 
ATOM   510  O  OP2   . U   B 1 2  ? -17.877 -3.117  13.233  1.00 33.86 ? 2    U   B OP2   1 
ATOM   511  O  "O5'" . U   B 1 2  ? -17.658 -1.137  14.709  1.00 32.38 ? 2    U   B "O5'" 1 
ATOM   512  C  "C5'" . U   B 1 2  ? -17.976 0.179   15.185  1.00 32.65 ? 2    U   B "C5'" 1 
ATOM   513  C  "C4'" . U   B 1 2  ? -17.455 0.372   16.593  1.00 33.17 ? 2    U   B "C4'" 1 
ATOM   514  O  "O4'" . U   B 1 2  ? -18.022 -0.657  17.451  1.00 33.46 ? 2    U   B "O4'" 1 
ATOM   515  C  "C3'" . U   B 1 2  ? -15.958 0.210   16.806  1.00 32.51 ? 2    U   B "C3'" 1 
ATOM   516  O  "O3'" . U   B 1 2  ? -15.203 1.359   16.426  1.00 33.44 ? 2    U   B "O3'" 1 
ATOM   517  C  "C2'" . U   B 1 2  ? -15.891 -0.069  18.300  1.00 32.62 ? 2    U   B "C2'" 1 
ATOM   518  O  "O2'" . U   B 1 2  ? -16.075 1.089   19.087  1.00 32.28 ? 2    U   B "O2'" 1 
ATOM   519  C  "C1'" . U   B 1 2  ? -17.108 -0.973  18.487  1.00 31.81 ? 2    U   B "C1'" 1 
ATOM   520  N  N1    . U   B 1 2  ? -16.772 -2.399  18.392  1.00 31.80 ? 2    U   B N1    1 
ATOM   521  C  C2    . U   B 1 2  ? -16.076 -2.975  19.452  1.00 31.23 ? 2    U   B C2    1 
ATOM   522  O  O2    . U   B 1 2  ? -15.744 -2.352  20.457  1.00 31.96 ? 2    U   B O2    1 
ATOM   523  N  N3    . U   B 1 2  ? -15.793 -4.308  19.293  1.00 30.60 ? 2    U   B N3    1 
ATOM   524  C  C4    . U   B 1 2  ? -16.141 -5.113  18.225  1.00 30.63 ? 2    U   B C4    1 
ATOM   525  O  O4    . U   B 1 2  ? -15.954 -6.317  18.306  1.00 31.12 ? 2    U   B O4    1 
ATOM   526  C  C5    . U   B 1 2  ? -16.851 -4.447  17.178  1.00 32.49 ? 2    U   B C5    1 
ATOM   527  C  C6    . U   B 1 2  ? -17.132 -3.145  17.294  1.00 30.68 ? 2    U   B C6    1 
HETATM 528  P  P     . 5BU B 1 3  ? -13.681 1.181   15.913  1.00 34.67 ? 3    5BU B P     1 
HETATM 529  O  OP1   . 5BU B 1 3  ? -13.167 2.502   15.460  1.00 37.10 ? 3    5BU B OP1   1 
HETATM 530  O  OP2   . 5BU B 1 3  ? -13.622 0.017   14.989  1.00 36.90 ? 3    5BU B OP2   1 
HETATM 531  O  "O5'" . 5BU B 1 3  ? -12.893 0.776   17.235  1.00 33.44 ? 3    5BU B "O5'" 1 
HETATM 532  C  "C5'" . 5BU B 1 3  ? -12.742 1.715   18.305  1.00 32.34 ? 3    5BU B "C5'" 1 
HETATM 533  C  "C4'" . 5BU B 1 3  ? -11.943 1.102   19.424  1.00 33.77 ? 3    5BU B "C4'" 1 
HETATM 534  O  "O4'" . 5BU B 1 3  ? -12.655 -0.058  19.935  1.00 34.20 ? 3    5BU B "O4'" 1 
HETATM 535  C  "C3'" . 5BU B 1 3  ? -10.583 0.536   19.048  1.00 34.17 ? 3    5BU B "C3'" 1 
HETATM 536  O  "O3'" . 5BU B 1 3  ? -9.568  1.531   18.941  1.00 37.61 ? 3    5BU B "O3'" 1 
HETATM 537  C  "C2'" . 5BU B 1 3  ? -10.327 -0.426  20.199  1.00 31.62 ? 3    5BU B "C2'" 1 
HETATM 538  O  "O2'" . 5BU B 1 3  ? -9.963  0.260   21.383  1.00 30.69 ? 3    5BU B "O2'" 1 
HETATM 539  C  "C1'" . 5BU B 1 3  ? -11.721 -1.024  20.384  1.00 30.08 ? 3    5BU B "C1'" 1 
HETATM 540  N  N1    . 5BU B 1 3  ? -11.928 -2.266  19.626  1.00 28.01 ? 3    5BU B N1    1 
HETATM 541  C  C2    . 5BU B 1 3  ? -11.344 -3.410  20.140  1.00 27.78 ? 3    5BU B C2    1 
HETATM 542  O  O2    . 5BU B 1 3  ? -10.624 -3.398  21.134  1.00 26.77 ? 3    5BU B O2    1 
HETATM 543  N  N3    . 5BU B 1 3  ? -11.625 -4.565  19.448  1.00 24.27 ? 3    5BU B N3    1 
HETATM 544  C  C4    . 5BU B 1 3  ? -12.392 -4.684  18.312  1.00 25.50 ? 3    5BU B C4    1 
HETATM 545  O  O4    . 5BU B 1 3  ? -12.600 -5.806  17.841  1.00 24.48 ? 3    5BU B O4    1 
HETATM 546  C  C5    . 5BU B 1 3  ? -12.931 -3.447  17.811  1.00 25.06 ? 3    5BU B C5    1 
HETATM 547  C  C6    . 5BU B 1 3  ? -12.686 -2.308  18.472  1.00 26.53 ? 3    5BU B C6    1 
HETATM 548  BR BR    . 5BU B 1 3  ? -13.731 -3.404  16.066  0.40 29.55 ? 3    5BU B BR    1 
ATOM   549  P  P     . G   B 1 4  ? -8.307  1.270   17.975  1.00 41.40 ? 4    G   B P     1 
ATOM   550  O  OP1   . G   B 1 4  ? -7.539  2.534   17.870  1.00 43.57 ? 4    G   B OP1   1 
ATOM   551  O  OP2   . G   B 1 4  ? -8.820  0.614   16.747  1.00 41.48 ? 4    G   B OP2   1 
ATOM   552  O  "O5'" . G   B 1 4  ? -7.427  0.190   18.753  1.00 43.33 ? 4    G   B "O5'" 1 
ATOM   553  C  "C5'" . G   B 1 4  ? -6.771  0.525   19.994  1.00 45.78 ? 4    G   B "C5'" 1 
ATOM   554  C  "C4'" . G   B 1 4  ? -6.058  -0.685  20.561  1.00 46.93 ? 4    G   B "C4'" 1 
ATOM   555  O  "O4'" . G   B 1 4  ? -7.024  -1.718  20.892  1.00 45.36 ? 4    G   B "O4'" 1 
ATOM   556  C  "C3'" . G   B 1 4  ? -5.079  -1.381  19.631  1.00 48.71 ? 4    G   B "C3'" 1 
ATOM   557  O  "O3'" . G   B 1 4  ? -3.813  -0.736  19.615  1.00 51.55 ? 4    G   B "O3'" 1 
ATOM   558  C  "C2'" . G   B 1 4  ? -5.001  -2.776  20.231  1.00 47.34 ? 4    G   B "C2'" 1 
ATOM   559  O  "O2'" . G   B 1 4  ? -4.174  -2.808  21.372  1.00 49.40 ? 4    G   B "O2'" 1 
ATOM   560  C  "C1'" . G   B 1 4  ? -6.451  -2.995  20.667  1.00 44.99 ? 4    G   B "C1'" 1 
ATOM   561  N  N9    . G   B 1 4  ? -7.256  -3.688  19.666  1.00 42.96 ? 4    G   B N9    1 
ATOM   562  C  C8    . G   B 1 4  ? -8.137  -3.125  18.773  1.00 41.40 ? 4    G   B C8    1 
ATOM   563  N  N7    . G   B 1 4  ? -8.721  -4.005  18.006  1.00 39.91 ? 4    G   B N7    1 
ATOM   564  C  C5    . G   B 1 4  ? -8.196  -5.223  18.416  1.00 39.47 ? 4    G   B C5    1 
ATOM   565  C  C6    . G   B 1 4  ? -8.458  -6.538  17.957  1.00 38.44 ? 4    G   B C6    1 
ATOM   566  O  O6    . G   B 1 4  ? -9.234  -6.903  17.071  1.00 35.21 ? 4    G   B O6    1 
ATOM   567  N  N1    . G   B 1 4  ? -7.704  -7.480  18.650  1.00 38.23 ? 4    G   B N1    1 
ATOM   568  C  C2    . G   B 1 4  ? -6.812  -7.192  19.657  1.00 38.87 ? 4    G   B C2    1 
ATOM   569  N  N2    . G   B 1 4  ? -6.178  -8.242  20.206  1.00 39.47 ? 4    G   B N2    1 
ATOM   570  N  N3    . G   B 1 4  ? -6.562  -5.970  20.094  1.00 39.47 ? 4    G   B N3    1 
ATOM   571  C  C4    . G   B 1 4  ? -7.283  -5.043  19.435  1.00 41.25 ? 4    G   B C4    1 
ATOM   572  P  P     . C   B 1 5  ? -2.832  -0.943  18.359  1.00 54.75 ? 5    C   B P     1 
ATOM   573  O  OP1   . C   B 1 5  ? -1.664  -0.045  18.546  1.00 55.35 ? 5    C   B OP1   1 
ATOM   574  O  OP2   . C   B 1 5  ? -3.648  -0.838  17.123  1.00 53.79 ? 5    C   B OP2   1 
ATOM   575  O  "O5'" . C   B 1 5  ? -2.353  -2.463  18.477  1.00 55.73 ? 5    C   B "O5'" 1 
ATOM   576  C  "C5'" . C   B 1 5  ? -1.512  -2.898  19.564  1.00 54.36 ? 5    C   B "C5'" 1 
ATOM   577  C  "C4'" . C   B 1 5  ? -1.278  -4.394  19.492  1.00 54.72 ? 5    C   B "C4'" 1 
ATOM   578  O  "O4'" . C   B 1 5  ? -2.535  -5.110  19.659  1.00 53.82 ? 5    C   B "O4'" 1 
ATOM   579  C  "C3'" . C   B 1 5  ? -0.750  -4.934  18.174  1.00 54.60 ? 5    C   B "C3'" 1 
ATOM   580  O  "O3'" . C   B 1 5  ? 0.645   -4.724  18.013  1.00 55.03 ? 5    C   B "O3'" 1 
ATOM   581  C  "C2'" . C   B 1 5  ? -1.107  -6.408  18.282  1.00 54.18 ? 5    C   B "C2'" 1 
ATOM   582  O  "O2'" . C   B 1 5  ? -0.239  -7.103  19.148  1.00 53.80 ? 5    C   B "O2'" 1 
ATOM   583  C  "C1'" . C   B 1 5  ? -2.489  -6.327  18.932  1.00 53.27 ? 5    C   B "C1'" 1 
ATOM   584  N  N1    . C   B 1 5  ? -3.564  -6.308  17.932  1.00 52.70 ? 5    C   B N1    1 
ATOM   585  C  C2    . C   B 1 5  ? -4.070  -7.521  17.468  1.00 51.95 ? 5    C   B C2    1 
ATOM   586  O  O2    . C   B 1 5  ? -3.600  -8.573  17.915  1.00 53.18 ? 5    C   B O2    1 
ATOM   587  N  N3    . C   B 1 5  ? -5.058  -7.518  16.545  1.00 50.99 ? 5    C   B N3    1 
ATOM   588  C  C4    . C   B 1 5  ? -5.543  -6.360  16.093  1.00 52.02 ? 5    C   B C4    1 
ATOM   589  N  N4    . C   B 1 5  ? -6.529  -6.402  15.192  1.00 50.52 ? 5    C   B N4    1 
ATOM   590  C  C5    . C   B 1 5  ? -5.042  -5.107  16.547  1.00 51.89 ? 5    C   B C5    1 
ATOM   591  C  C6    . C   B 1 5  ? -4.062  -5.127  17.459  1.00 52.68 ? 5    C   B C6    1 
ATOM   592  P  P     . U   B 1 6  ? 1.243   -4.522  16.539  1.00 56.59 ? 6    U   B P     1 
ATOM   593  O  OP1   . U   B 1 6  ? 2.702   -4.252  16.648  1.00 56.95 ? 6    U   B OP1   1 
ATOM   594  O  OP2   . U   B 1 6  ? 0.371   -3.545  15.846  1.00 55.70 ? 6    U   B OP2   1 
ATOM   595  O  "O5'" . U   B 1 6  ? 1.055   -5.949  15.850  1.00 54.35 ? 6    U   B "O5'" 1 
ATOM   596  C  "C5'" . U   B 1 6  ? 1.858   -7.067  16.265  1.00 50.56 ? 6    U   B "C5'" 1 
ATOM   597  C  "C4'" . U   B 1 6  ? 1.335   -8.354  15.674  1.00 48.24 ? 6    U   B "C4'" 1 
ATOM   598  O  "O4'" . U   B 1 6  ? -0.078  -8.483  15.994  1.00 47.12 ? 6    U   B "O4'" 1 
ATOM   599  C  "C3'" . U   B 1 6  ? 1.356   -8.497  14.159  1.00 47.18 ? 6    U   B "C3'" 1 
ATOM   600  O  "O3'" . U   B 1 6  ? 2.655   -8.807  13.631  1.00 47.33 ? 6    U   B "O3'" 1 
ATOM   601  C  "C2'" . U   B 1 6  ? 0.342   -9.619  13.950  1.00 45.47 ? 6    U   B "C2'" 1 
ATOM   602  O  "O2'" . U   B 1 6  ? 0.835   -10.916 14.225  1.00 44.02 ? 6    U   B "O2'" 1 
ATOM   603  C  "C1'" . U   B 1 6  ? -0.717  -9.262  14.995  1.00 45.43 ? 6    U   B "C1'" 1 
ATOM   604  N  N1    . U   B 1 6  ? -1.816  -8.486  14.404  1.00 44.22 ? 6    U   B N1    1 
ATOM   605  C  C2    . U   B 1 6  ? -2.783  -9.195  13.702  1.00 44.65 ? 6    U   B C2    1 
ATOM   606  O  O2    . U   B 1 6  ? -2.751  -10.408 13.571  1.00 45.23 ? 6    U   B O2    1 
ATOM   607  N  N3    . U   B 1 6  ? -3.783  -8.429  13.153  1.00 43.10 ? 6    U   B N3    1 
ATOM   608  C  C4    . U   B 1 6  ? -3.912  -7.057  13.226  1.00 44.17 ? 6    U   B C4    1 
ATOM   609  O  O4    . U   B 1 6  ? -4.864  -6.515  12.663  1.00 44.31 ? 6    U   B O4    1 
ATOM   610  C  C5    . U   B 1 6  ? -2.876  -6.393  13.968  1.00 43.54 ? 6    U   B C5    1 
ATOM   611  C  C6    . U   B 1 6  ? -1.891  -7.113  14.521  1.00 43.61 ? 6    U   B C6    1 
ATOM   612  P  P     . G   B 1 7  ? 2.986   -8.515  12.077  1.00 48.08 ? 7    G   B P     1 
ATOM   613  O  OP1   . G   B 1 7  ? 4.404   -8.872  11.830  1.00 49.96 ? 7    G   B OP1   1 
ATOM   614  O  OP2   . G   B 1 7  ? 2.502   -7.162  11.714  1.00 47.86 ? 7    G   B OP2   1 
ATOM   615  O  "O5'" . G   B 1 7  ? 2.084   -9.551  11.277  1.00 44.62 ? 7    G   B "O5'" 1 
ATOM   616  C  "C5'" . G   B 1 7  ? 2.308   -10.954 11.386  1.00 41.94 ? 7    G   B "C5'" 1 
ATOM   617  C  "C4'" . G   B 1 7  ? 1.275   -11.696 10.582  1.00 42.02 ? 7    G   B "C4'" 1 
ATOM   618  O  "O4'" . G   B 1 7  ? -0.040  -11.363 11.098  1.00 40.66 ? 7    G   B "O4'" 1 
ATOM   619  C  "C3'" . G   B 1 7  ? 1.207   -11.319 9.112   1.00 41.74 ? 7    G   B "C3'" 1 
ATOM   620  O  "O3'" . G   B 1 7  ? 2.179   -12.050 8.361   1.00 43.46 ? 7    G   B "O3'" 1 
ATOM   621  C  "C2'" . G   B 1 7  ? -0.226  -11.694 8.751   1.00 41.01 ? 7    G   B "C2'" 1 
ATOM   622  O  "O2'" . G   B 1 7  ? -0.415  -13.072 8.517   1.00 43.46 ? 7    G   B "O2'" 1 
ATOM   623  C  "C1'" . G   B 1 7  ? -0.975  -11.319 10.035  1.00 38.09 ? 7    G   B "C1'" 1 
ATOM   624  N  N9    . G   B 1 7  ? -1.586  -9.990  10.000  1.00 34.00 ? 7    G   B N9    1 
ATOM   625  C  C8    . G   B 1 7  ? -1.073  -8.813  10.501  1.00 31.36 ? 7    G   B C8    1 
ATOM   626  N  N7    . G   B 1 7  ? -1.850  -7.786  10.290  1.00 29.03 ? 7    G   B N7    1 
ATOM   627  C  C5    . G   B 1 7  ? -2.944  -8.318  9.617   1.00 28.41 ? 7    G   B C5    1 
ATOM   628  C  C6    . G   B 1 7  ? -4.118  -7.688  9.120   1.00 27.79 ? 7    G   B C6    1 
ATOM   629  O  O6    . G   B 1 7  ? -4.441  -6.488  9.187   1.00 27.03 ? 7    G   B O6    1 
ATOM   630  N  N1    . G   B 1 7  ? -4.963  -8.600  8.494   1.00 26.22 ? 7    G   B N1    1 
ATOM   631  C  C2    . G   B 1 7  ? -4.720  -9.946  8.369   1.00 27.03 ? 7    G   B C2    1 
ATOM   632  N  N2    . G   B 1 7  ? -5.666  -10.678 7.728   1.00 20.13 ? 7    G   B N2    1 
ATOM   633  N  N3    . G   B 1 7  ? -3.638  -10.544 8.834   1.00 26.68 ? 7    G   B N3    1 
ATOM   634  C  C4    . G   B 1 7  ? -2.797  -9.676  9.439   1.00 28.24 ? 7    G   B C4    1 
ATOM   635  P  P     . A   B 1 8  ? 2.637   -11.537 6.902   1.00 45.59 ? 8    A   B P     1 
ATOM   636  O  OP1   . A   B 1 8  ? 1.548   -10.744 6.287   1.00 44.65 ? 8    A   B OP1   1 
ATOM   637  O  OP2   . A   B 1 8  ? 3.167   -12.725 6.179   1.00 45.29 ? 8    A   B OP2   1 
ATOM   638  O  "O5'" . A   B 1 8  ? 3.870   -10.567 7.195   1.00 40.96 ? 8    A   B "O5'" 1 
ATOM   639  C  "C5'" . A   B 1 8  ? 3.671   -9.217  7.653   1.00 37.55 ? 8    A   B "C5'" 1 
ATOM   640  C  "C4'" . A   B 1 8  ? 4.765   -8.320  7.112   1.00 32.92 ? 8    A   B "C4'" 1 
ATOM   641  O  "O4'" . A   B 1 8  ? 6.046   -8.826  7.566   1.00 30.72 ? 8    A   B "O4'" 1 
ATOM   642  C  "C3'" . A   B 1 8  ? 4.894   -8.261  5.595   1.00 31.34 ? 8    A   B "C3'" 1 
ATOM   643  O  "O3'" . A   B 1 8  ? 4.015   -7.278  5.040   1.00 31.28 ? 8    A   B "O3'" 1 
ATOM   644  C  "C2'" . A   B 1 8  ? 6.362   -7.890  5.396   1.00 28.86 ? 8    A   B "C2'" 1 
ATOM   645  O  "O2'" . A   B 1 8  ? 6.625   -6.511  5.524   1.00 28.34 ? 8    A   B "O2'" 1 
ATOM   646  C  "C1'" . A   B 1 8  ? 7.024   -8.640  6.558   1.00 26.84 ? 8    A   B "C1'" 1 
ATOM   647  N  N9    . A   B 1 8  ? 7.517   -9.961  6.188   1.00 21.92 ? 8    A   B N9    1 
ATOM   648  C  C8    . A   B 1 8  ? 6.965   -11.168 6.543   1.00 19.94 ? 8    A   B C8    1 
ATOM   649  N  N7    . A   B 1 8  ? 7.626   -12.203 6.095   1.00 21.33 ? 8    A   B N7    1 
ATOM   650  C  C5    . A   B 1 8  ? 8.685   -11.642 5.395   1.00 19.13 ? 8    A   B C5    1 
ATOM   651  C  C6    . A   B 1 8  ? 9.757   -12.213 4.697   1.00 21.42 ? 8    A   B C6    1 
ATOM   652  N  N6    . A   B 1 8  ? 9.952   -13.528 4.599   1.00 23.39 ? 8    A   B N6    1 
ATOM   653  N  N1    . A   B 1 8  ? 10.632  -11.376 4.098   1.00 21.22 ? 8    A   B N1    1 
ATOM   654  C  C2    . A   B 1 8  ? 10.437  -10.054 4.209   1.00 20.04 ? 8    A   B C2    1 
ATOM   655  N  N3    . A   B 1 8  ? 9.474   -9.398  4.851   1.00 20.93 ? 8    A   B N3    1 
ATOM   656  C  C4    . A   B 1 8  ? 8.621   -10.260 5.432   1.00 20.08 ? 8    A   B C4    1 
ATOM   657  P  P     . A   B 1 9  ? 3.365   -7.498  3.582   1.00 29.26 ? 9    A   B P     1 
ATOM   658  O  OP1   . A   B 1 9  ? 2.325   -6.447  3.448   1.00 34.43 ? 9    A   B OP1   1 
ATOM   659  O  OP2   . A   B 1 9  ? 2.981   -8.923  3.422   1.00 27.43 ? 9    A   B OP2   1 
ATOM   660  O  "O5'" . A   B 1 9  ? 4.559   -7.205  2.555   1.00 28.08 ? 9    A   B "O5'" 1 
ATOM   661  C  "C5'" . A   B 1 9  ? 5.340   -5.987  2.608   1.00 25.48 ? 9    A   B "C5'" 1 
ATOM   662  C  "C4'" . A   B 1 9  ? 6.532   -6.090  1.670   1.00 25.68 ? 9    A   B "C4'" 1 
ATOM   663  O  "O4'" . A   B 1 9  ? 7.324   -7.250  2.070   1.00 25.42 ? 9    A   B "O4'" 1 
ATOM   664  C  "C3'" . A   B 1 9  ? 6.201   -6.314  0.188   1.00 26.47 ? 9    A   B "C3'" 1 
ATOM   665  O  "O3'" . A   B 1 9  ? 7.302   -5.918  -0.620  1.00 31.71 ? 9    A   B "O3'" 1 
ATOM   666  C  "C2'" . A   B 1 9  ? 6.187   -7.834  0.104   1.00 24.62 ? 9    A   B "C2'" 1 
ATOM   667  O  "O2'" . A   B 1 9  ? 6.409   -8.344  -1.201  1.00 21.14 ? 9    A   B "O2'" 1 
ATOM   668  C  "C1'" . A   B 1 9  ? 7.380   -8.170  0.996   1.00 22.68 ? 9    A   B "C1'" 1 
ATOM   669  N  N9    . A   B 1 9  ? 7.267   -9.523  1.521   1.00 18.73 ? 9    A   B N9    1 
ATOM   670  C  C8    . A   B 1 9  ? 6.201   -10.072 2.196   1.00 17.62 ? 9    A   B C8    1 
ATOM   671  N  N7    . A   B 1 9  ? 6.344   -11.350 2.452   1.00 13.36 ? 9    A   B N7    1 
ATOM   672  C  C5    . A   B 1 9  ? 7.591   -11.661 1.923   1.00 13.70 ? 9    A   B C5    1 
ATOM   673  C  C6    . A   B 1 9  ? 8.303   -12.872 1.832   1.00 11.75 ? 9    A   B C6    1 
ATOM   674  N  N6    . A   B 1 9  ? 7.818   -14.049 2.269   1.00 11.74 ? 9    A   B N6    1 
ATOM   675  N  N1    . A   B 1 9  ? 9.529   -12.837 1.260   1.00 11.64 ? 9    A   B N1    1 
ATOM   676  C  C2    . A   B 1 9  ? 9.990   -11.665 0.793   1.00 14.77 ? 9    A   B C2    1 
ATOM   677  N  N3    . A   B 1 9  ? 9.403   -10.464 0.798   1.00 17.93 ? 9    A   B N3    1 
ATOM   678  C  C4    . A   B 1 9  ? 8.187   -10.537 1.380   1.00 14.76 ? 9    A   B C4    1 
ATOM   679  P  P     . G   B 1 10 ? 7.303   -4.492  -1.369  1.00 33.03 ? 10   G   B P     1 
ATOM   680  O  OP1   . G   B 1 10 ? 5.924   -3.940  -1.469  1.00 30.78 ? 10   G   B OP1   1 
ATOM   681  O  OP2   . G   B 1 10 ? 8.109   -4.662  -2.600  1.00 33.11 ? 10   G   B OP2   1 
ATOM   682  O  "O5'" . G   B 1 10 ? 8.162   -3.589  -0.385  1.00 34.86 ? 10   G   B "O5'" 1 
ATOM   683  C  "C5'" . G   B 1 10 ? 9.470   -4.011  0.057   1.00 35.02 ? 10   G   B "C5'" 1 
ATOM   684  C  "C4'" . G   B 1 10 ? 10.301  -2.798  0.383   1.00 35.67 ? 10   G   B "C4'" 1 
ATOM   685  O  "O4'" . G   B 1 10 ? 10.639  -2.097  -0.843  1.00 36.05 ? 10   G   B "O4'" 1 
ATOM   686  C  "C3'" . G   B 1 10 ? 9.539   -1.778  1.205   1.00 35.32 ? 10   G   B "C3'" 1 
ATOM   687  O  "O3'" . G   B 1 10 ? 9.573   -2.081  2.586   1.00 34.74 ? 10   G   B "O3'" 1 
ATOM   688  C  "C2'" . G   B 1 10 ? 10.207  -0.467  0.816   1.00 34.41 ? 10   G   B "C2'" 1 
ATOM   689  O  "O2'" . G   B 1 10 ? 11.454  -0.276  1.453   1.00 34.18 ? 10   G   B "O2'" 1 
ATOM   690  C  "C1'" . G   B 1 10 ? 10.433  -0.704  -0.677  1.00 34.07 ? 10   G   B "C1'" 1 
ATOM   691  N  N9    . G   B 1 10 ? 9.275   -0.334  -1.484  1.00 32.05 ? 10   G   B N9    1 
ATOM   692  C  C8    . G   B 1 10 ? 8.504   -1.172  -2.256  1.00 30.67 ? 10   G   B C8    1 
ATOM   693  N  N7    . G   B 1 10 ? 7.533   -0.556  -2.869  1.00 28.74 ? 10   G   B N7    1 
ATOM   694  C  C5    . G   B 1 10 ? 7.668   0.770   -2.480  1.00 28.91 ? 10   G   B C5    1 
ATOM   695  C  C6    . G   B 1 10 ? 6.895   1.911   -2.819  1.00 26.87 ? 10   G   B C6    1 
ATOM   696  O  O6    . G   B 1 10 ? 5.900   1.982   -3.554  1.00 21.62 ? 10   G   B O6    1 
ATOM   697  N  N1    . G   B 1 10 ? 7.381   3.059   -2.196  1.00 26.73 ? 10   G   B N1    1 
ATOM   698  C  C2    . G   B 1 10 ? 8.461   3.107   -1.346  1.00 27.58 ? 10   G   B C2    1 
ATOM   699  N  N2    . G   B 1 10 ? 8.756   4.315   -0.836  1.00 27.12 ? 10   G   B N2    1 
ATOM   700  N  N3    . G   B 1 10 ? 9.190   2.052   -1.022  1.00 28.79 ? 10   G   B N3    1 
ATOM   701  C  C4    . G   B 1 10 ? 8.739   0.923   -1.623  1.00 29.72 ? 10   G   B C4    1 
ATOM   702  P  P     . U   B 1 11 ? 8.275   -1.794  3.483   1.00 36.13 ? 11   U   B P     1 
ATOM   703  O  OP1   . U   B 1 11 ? 8.522   -2.356  4.840   1.00 39.28 ? 11   U   B OP1   1 
ATOM   704  O  OP2   . U   B 1 11 ? 7.108   -2.263  2.694   1.00 37.16 ? 11   U   B OP2   1 
ATOM   705  O  "O5'" . U   B 1 11 ? 8.197   -0.205  3.567   1.00 36.44 ? 11   U   B "O5'" 1 
ATOM   706  C  "C5'" . U   B 1 11 ? 9.274   0.568   4.134   1.00 33.73 ? 11   U   B "C5'" 1 
ATOM   707  C  "C4'" . U   B 1 11 ? 8.930   2.043   4.111   1.00 32.38 ? 11   U   B "C4'" 1 
ATOM   708  O  "O4'" . U   B 1 11 ? 8.827   2.515   2.738   1.00 28.25 ? 11   U   B "O4'" 1 
ATOM   709  C  "C3'" . U   B 1 11 ? 7.588   2.415   4.726   1.00 32.97 ? 11   U   B "C3'" 1 
ATOM   710  O  "O3'" . U   B 1 11 ? 7.656   2.520   6.141   1.00 35.31 ? 11   U   B "O3'" 1 
ATOM   711  C  "C2'" . U   B 1 11 ? 7.308   3.759   4.075   1.00 31.53 ? 11   U   B "C2'" 1 
ATOM   712  O  "O2'" . U   B 1 11 ? 8.072   4.792   4.668   1.00 32.74 ? 11   U   B "O2'" 1 
ATOM   713  C  "C1'" . U   B 1 11 ? 7.816   3.507   2.655   1.00 29.66 ? 11   U   B "C1'" 1 
ATOM   714  N  N1    . U   B 1 11 ? 6.763   3.044   1.736   1.00 27.44 ? 11   U   B N1    1 
ATOM   715  C  C2    . U   B 1 11 ? 5.868   3.989   1.293   1.00 25.43 ? 11   U   B C2    1 
ATOM   716  O  O2    . U   B 1 11 ? 5.925   5.159   1.636   1.00 27.63 ? 11   U   B O2    1 
ATOM   717  N  N3    . U   B 1 11 ? 4.912   3.524   0.429   1.00 20.53 ? 11   U   B N3    1 
ATOM   718  C  C4    . U   B 1 11 ? 4.769   2.238   -0.044  1.00 23.45 ? 11   U   B C4    1 
ATOM   719  O  O4    . U   B 1 11 ? 3.844   1.978   -0.816  1.00 20.36 ? 11   U   B O4    1 
ATOM   720  C  C5    . U   B 1 11 ? 5.736   1.311   0.456   1.00 23.12 ? 11   U   B C5    1 
ATOM   721  C  C6    . U   B 1 11 ? 6.673   1.734   1.317   1.00 25.83 ? 11   U   B C6    1 
ATOM   722  P  P     . G   B 1 12 ? 6.317   2.382   7.015   1.00 38.00 ? 12   G   B P     1 
ATOM   723  O  OP1   . G   B 1 12 ? 6.722   2.389   8.442   1.00 38.89 ? 12   G   B OP1   1 
ATOM   724  O  OP2   . G   B 1 12 ? 5.518   1.250   6.493   1.00 38.72 ? 12   G   B OP2   1 
ATOM   725  O  "O5'" . G   B 1 12 ? 5.524   3.726   6.717   1.00 38.78 ? 12   G   B "O5'" 1 
ATOM   726  C  "C5'" . G   B 1 12 ? 5.977   4.971   7.268   1.00 36.24 ? 12   G   B "C5'" 1 
ATOM   727  C  "C4'" . G   B 1 12 ? 4.975   6.059   6.995   1.00 34.91 ? 12   G   B "C4'" 1 
ATOM   728  O  "O4'" . G   B 1 12 ? 4.907   6.316   5.569   1.00 34.71 ? 12   G   B "O4'" 1 
ATOM   729  C  "C3'" . G   B 1 12 ? 3.536   5.753   7.367   1.00 34.65 ? 12   G   B "C3'" 1 
ATOM   730  O  "O3'" . G   B 1 12 ? 3.301   5.903   8.761   1.00 35.46 ? 12   G   B "O3'" 1 
ATOM   731  C  "C2'" . G   B 1 12 ? 2.786   6.776   6.526   1.00 33.75 ? 12   G   B "C2'" 1 
ATOM   732  O  "O2'" . G   B 1 12 ? 2.867   8.087   7.046   1.00 32.85 ? 12   G   B "O2'" 1 
ATOM   733  C  "C1'" . G   B 1 12 ? 3.596   6.734   5.232   1.00 32.19 ? 12   G   B "C1'" 1 
ATOM   734  N  N9    . G   B 1 12 ? 3.046   5.792   4.268   1.00 29.15 ? 12   G   B N9    1 
ATOM   735  C  C8    . G   B 1 12 ? 3.429   4.490   4.054   1.00 28.18 ? 12   G   B C8    1 
ATOM   736  N  N7    . G   B 1 12 ? 2.745   3.911   3.102   1.00 26.49 ? 12   G   B N7    1 
ATOM   737  C  C5    . G   B 1 12 ? 1.859   4.889   2.670   1.00 25.98 ? 12   G   B C5    1 
ATOM   738  C  C6    . G   B 1 12 ? 0.863   4.852   1.651   1.00 24.02 ? 12   G   B C6    1 
ATOM   739  O  O6    . G   B 1 12 ? 0.554   3.915   0.897   1.00 23.18 ? 12   G   B O6    1 
ATOM   740  N  N1    . G   B 1 12 ? 0.199   6.066   1.549   1.00 21.22 ? 12   G   B N1    1 
ATOM   741  C  C2    . G   B 1 12 ? 0.457   7.178   2.322   1.00 24.28 ? 12   G   B C2    1 
ATOM   742  N  N2    . G   B 1 12 ? -0.295  8.272   2.074   1.00 24.71 ? 12   G   B N2    1 
ATOM   743  N  N3    . G   B 1 12 ? 1.380   7.222   3.265   1.00 24.85 ? 12   G   B N3    1 
ATOM   744  C  C4    . G   B 1 12 ? 2.034   6.052   3.383   1.00 26.71 ? 12   G   B C4    1 
ATOM   745  P  P     . C   B 1 13 ? 2.133   5.048   9.464   1.00 37.20 ? 13   C   B P     1 
ATOM   746  O  OP1   . C   B 1 13 ? 2.214   5.245   10.936  1.00 37.92 ? 13   C   B OP1   1 
ATOM   747  O  OP2   . C   B 1 13 ? 2.161   3.672   8.905   1.00 37.89 ? 13   C   B OP2   1 
ATOM   748  O  "O5'" . C   B 1 13 ? 0.814   5.771   8.966   1.00 35.58 ? 13   C   B "O5'" 1 
ATOM   749  C  "C5'" . C   B 1 13 ? 0.579   7.147   9.303   1.00 32.02 ? 13   C   B "C5'" 1 
ATOM   750  C  "C4'" . C   B 1 13 ? -0.606  7.672   8.538   1.00 28.90 ? 13   C   B "C4'" 1 
ATOM   751  O  "O4'" . C   B 1 13 ? -0.292  7.685   7.116   1.00 29.20 ? 13   C   B "O4'" 1 
ATOM   752  C  "C3'" . C   B 1 13 ? -1.857  6.811   8.615   1.00 28.58 ? 13   C   B "C3'" 1 
ATOM   753  O  "O3'" . C   B 1 13 ? -2.576  6.977   9.836   1.00 28.16 ? 13   C   B "O3'" 1 
ATOM   754  C  "C2'" . C   B 1 13 ? -2.615  7.273   7.377   1.00 27.69 ? 13   C   B "C2'" 1 
ATOM   755  O  "O2'" . C   B 1 13 ? -3.214  8.546   7.536   1.00 31.29 ? 13   C   B "O2'" 1 
ATOM   756  C  "C1'" . C   B 1 13 ? -1.467  7.394   6.371   1.00 26.19 ? 13   C   B "C1'" 1 
ATOM   757  N  N1    . C   B 1 13 ? -1.266  6.128   5.639   1.00 24.92 ? 13   C   B N1    1 
ATOM   758  C  C2    . C   B 1 13 ? -2.128  5.838   4.589   1.00 21.85 ? 13   C   B C2    1 
ATOM   759  O  O2    . C   B 1 13 ? -3.016  6.654   4.319   1.00 22.87 ? 13   C   B O2    1 
ATOM   760  N  N3    . C   B 1 13 ? -1.983  4.676   3.900   1.00 20.90 ? 13   C   B N3    1 
ATOM   761  C  C4    . C   B 1 13 ? -1.020  3.822   4.241   1.00 18.40 ? 13   C   B C4    1 
ATOM   762  N  N4    . C   B 1 13 ? -0.929  2.685   3.558   1.00 19.71 ? 13   C   B N4    1 
ATOM   763  C  C5    . C   B 1 13 ? -0.110  4.098   5.314   1.00 21.06 ? 13   C   B C5    1 
ATOM   764  C  C6    . C   B 1 13 ? -0.271  5.253   5.980   1.00 22.18 ? 13   C   B C6    1 
ATOM   765  P  P     . A   B 1 14 ? -3.414  5.738   10.441  1.00 30.42 ? 14   A   B P     1 
ATOM   766  O  OP1   . A   B 1 14 ? -3.839  6.101   11.812  1.00 29.01 ? 14   A   B OP1   1 
ATOM   767  O  OP2   . A   B 1 14 ? -2.646  4.473   10.222  1.00 30.43 ? 14   A   B OP2   1 
ATOM   768  O  "O5'" . A   B 1 14 ? -4.706  5.648   9.513   1.00 28.04 ? 14   A   B "O5'" 1 
ATOM   769  C  "C5'" . A   B 1 14 ? -5.625  6.743   9.437   1.00 25.71 ? 14   A   B "C5'" 1 
ATOM   770  C  "C4'" . A   B 1 14 ? -6.558  6.563   8.266   1.00 24.39 ? 14   A   B "C4'" 1 
ATOM   771  O  "O4'" . A   B 1 14 ? -5.791  6.527   7.031   1.00 23.76 ? 14   A   B "O4'" 1 
ATOM   772  C  "C3'" . A   B 1 14 ? -7.319  5.256   8.202   1.00 24.33 ? 14   A   B "C3'" 1 
ATOM   773  O  "O3'" . A   B 1 14 ? -8.404  5.176   9.110   1.00 27.39 ? 14   A   B "O3'" 1 
ATOM   774  C  "C2'" . A   B 1 14 ? -7.755  5.244   6.748   1.00 24.52 ? 14   A   B "C2'" 1 
ATOM   775  O  "O2'" . A   B 1 14 ? -8.780  6.188   6.473   1.00 27.61 ? 14   A   B "O2'" 1 
ATOM   776  C  "C1'" . A   B 1 14 ? -6.473  5.719   6.074   1.00 23.64 ? 14   A   B "C1'" 1 
ATOM   777  N  N9    . A   B 1 14 ? -5.618  4.590   5.699   1.00 21.53 ? 14   A   B N9    1 
ATOM   778  C  C8    . A   B 1 14 ? -4.472  4.146   6.310   1.00 22.02 ? 14   A   B C8    1 
ATOM   779  N  N7    . A   B 1 14 ? -3.929  3.102   5.729   1.00 20.99 ? 14   A   B N7    1 
ATOM   780  C  C5    . A   B 1 14 ? -4.778  2.835   4.663   1.00 21.21 ? 14   A   B C5    1 
ATOM   781  C  C6    . A   B 1 14 ? -4.762  1.840   3.663   1.00 18.53 ? 14   A   B C6    1 
ATOM   782  N  N6    . A   B 1 14 ? -3.827  0.892   3.585   1.00 17.60 ? 14   A   B N6    1 
ATOM   783  N  N1    . A   B 1 14 ? -5.756  1.848   2.744   1.00 18.31 ? 14   A   B N1    1 
ATOM   784  C  C2    . A   B 1 14 ? -6.703  2.787   2.841   1.00 18.68 ? 14   A   B C2    1 
ATOM   785  N  N3    . A   B 1 14 ? -6.828  3.777   3.739   1.00 20.48 ? 14   A   B N3    1 
ATOM   786  C  C4    . A   B 1 14 ? -5.821  3.742   4.630   1.00 20.31 ? 14   A   B C4    1 
ATOM   787  P  P     . C   B 1 15 ? -8.848  3.733   9.681   1.00 30.98 ? 15   C   B P     1 
ATOM   788  O  OP1   . C   B 1 15 ? -9.965  3.981   10.625  1.00 29.93 ? 15   C   B OP1   1 
ATOM   789  O  OP2   . C   B 1 15 ? -7.627  3.044   10.159  1.00 28.70 ? 15   C   B OP2   1 
ATOM   790  O  "O5'" . C   B 1 15 ? -9.407  2.977   8.393   1.00 27.90 ? 15   C   B "O5'" 1 
ATOM   791  C  "C5'" . C   B 1 15 ? -10.545 3.506   7.688   1.00 27.88 ? 15   C   B "C5'" 1 
ATOM   792  C  "C4'" . C   B 1 15 ? -10.880 2.660   6.474   1.00 27.56 ? 15   C   B "C4'" 1 
ATOM   793  O  "O4'" . C   B 1 15 ? -9.761  2.637   5.547   1.00 25.55 ? 15   C   B "O4'" 1 
ATOM   794  C  "C3'" . C   B 1 15 ? -11.166 1.182   6.673   1.00 27.38 ? 15   C   B "C3'" 1 
ATOM   795  O  "O3'" . C   B 1 15 ? -12.458 0.925   7.209   1.00 31.50 ? 15   C   B "O3'" 1 
ATOM   796  C  "C2'" . C   B 1 15 ? -11.053 0.680   5.240   1.00 26.98 ? 15   C   B "C2'" 1 
ATOM   797  O  "O2'" . C   B 1 15 ? -12.156 1.048   4.429   1.00 26.55 ? 15   C   B "O2'" 1 
ATOM   798  C  "C1'" . C   B 1 15 ? -9.826  1.458   4.759   1.00 24.57 ? 15   C   B "C1'" 1 
ATOM   799  N  N1    . C   B 1 15 ? -8.594  0.669   4.953   1.00 20.23 ? 15   C   B N1    1 
ATOM   800  C  C2    . C   B 1 15 ? -8.321  -0.369  4.052   1.00 18.75 ? 15   C   B C2    1 
ATOM   801  O  O2    . C   B 1 15 ? -9.137  -0.589  3.136   1.00 17.60 ? 15   C   B O2    1 
ATOM   802  N  N3    . C   B 1 15 ? -7.185  -1.110  4.207   1.00 16.70 ? 15   C   B N3    1 
ATOM   803  C  C4    . C   B 1 15 ? -6.357  -0.852  5.222   1.00 18.79 ? 15   C   B C4    1 
ATOM   804  N  N4    . C   B 1 15 ? -5.251  -1.609  5.352   1.00 17.88 ? 15   C   B N4    1 
ATOM   805  C  C5    . C   B 1 15 ? -6.621  0.194   6.160   1.00 18.51 ? 15   C   B C5    1 
ATOM   806  C  C6    . C   B 1 15 ? -7.739  0.926   5.983   1.00 19.49 ? 15   C   B C6    1 
ATOM   807  P  P     . A   B 1 16 ? -12.722 -0.439  8.026   1.00 37.38 ? 16   A   B P     1 
ATOM   808  O  OP1   . A   B 1 16 ? -14.150 -0.450  8.436   1.00 37.24 ? 16   A   B OP1   1 
ATOM   809  O  OP2   . A   B 1 16 ? -11.657 -0.599  9.048   1.00 32.45 ? 16   A   B OP2   1 
ATOM   810  O  "O5'" . A   B 1 16 ? -12.522 -1.604  6.961   1.00 34.68 ? 16   A   B "O5'" 1 
ATOM   811  C  "C5'" . A   B 1 16 ? -13.488 -1.809  5.921   1.00 35.54 ? 16   A   B "C5'" 1 
ATOM   812  C  "C4'" . A   B 1 16 ? -13.058 -2.941  5.014   1.00 34.94 ? 16   A   B "C4'" 1 
ATOM   813  O  "O4'" . A   B 1 16 ? -11.755 -2.633  4.444   1.00 34.47 ? 16   A   B "O4'" 1 
ATOM   814  C  "C3'" . A   B 1 16 ? -12.837 -4.304  5.656   1.00 35.27 ? 16   A   B "C3'" 1 
ATOM   815  O  "O3'" . A   B 1 16 ? -14.060 -4.992  5.905   1.00 36.90 ? 16   A   B "O3'" 1 
ATOM   816  C  "C2'" . A   B 1 16 ? -11.989 -4.989  4.590   1.00 34.30 ? 16   A   B "C2'" 1 
ATOM   817  O  "O2'" . A   B 1 16 ? -12.762 -5.359  3.461   1.00 35.11 ? 16   A   B "O2'" 1 
ATOM   818  C  "C1'" . A   B 1 16 ? -11.058 -3.844  4.180   1.00 31.54 ? 16   A   B "C1'" 1 
ATOM   819  N  N9    . A   B 1 16 ? -9.804  -3.853  4.933   1.00 26.57 ? 16   A   B N9    1 
ATOM   820  C  C8    . A   B 1 16 ? -9.411  -3.069  5.997   1.00 25.40 ? 16   A   B C8    1 
ATOM   821  N  N7    . A   B 1 16 ? -8.214  -3.373  6.468   1.00 21.41 ? 16   A   B N7    1 
ATOM   822  C  C5    . A   B 1 16 ? -7.798  -4.419  5.656   1.00 21.47 ? 16   A   B C5    1 
ATOM   823  C  C6    . A   B 1 16 ? -6.634  -5.193  5.646   1.00 20.19 ? 16   A   B C6    1 
ATOM   824  N  N6    . A   B 1 16 ? -5.631  -5.026  6.507   1.00 16.03 ? 16   A   B N6    1 
ATOM   825  N  N1    . A   B 1 16 ? -6.531  -6.158  4.712   1.00 19.01 ? 16   A   B N1    1 
ATOM   826  C  C2    . A   B 1 16 ? -7.533  -6.327  3.846   1.00 21.49 ? 16   A   B C2    1 
ATOM   827  N  N3    . A   B 1 16 ? -8.687  -5.662  3.751   1.00 24.92 ? 16   A   B N3    1 
ATOM   828  C  C4    . A   B 1 16 ? -8.760  -4.715  4.699   1.00 24.92 ? 16   A   B C4    1 
ATOM   829  P  P     . C   B 1 17 ? -14.170 -6.007  7.157   1.00 39.26 ? 17   C   B P     1 
ATOM   830  O  OP1   . C   B 1 17 ? -15.590 -6.449  7.228   1.00 38.82 ? 17   C   B OP1   1 
ATOM   831  O  OP2   . C   B 1 17 ? -13.536 -5.387  8.362   1.00 38.86 ? 17   C   B OP2   1 
ATOM   832  O  "O5'" . C   B 1 17 ? -13.288 -7.258  6.717   1.00 40.12 ? 17   C   B "O5'" 1 
ATOM   833  C  "C5'" . C   B 1 17 ? -13.631 -8.022  5.548   1.00 40.24 ? 17   C   B "C5'" 1 
ATOM   834  C  "C4'" . C   B 1 17 ? -12.565 -9.047  5.264   1.00 40.73 ? 17   C   B "C4'" 1 
ATOM   835  O  "O4'" . C   B 1 17 ? -11.322 -8.376  4.938   1.00 39.10 ? 17   C   B "O4'" 1 
ATOM   836  C  "C3'" . C   B 1 17 ? -12.191 -9.928  6.442   1.00 42.71 ? 17   C   B "C3'" 1 
ATOM   837  O  "O3'" . C   B 1 17 ? -13.109 -10.995 6.625   1.00 46.39 ? 17   C   B "O3'" 1 
ATOM   838  C  "C2'" . C   B 1 17 ? -10.804 -10.409 6.045   1.00 41.80 ? 17   C   B "C2'" 1 
ATOM   839  O  "O2'" . C   B 1 17 ? -10.828 -11.429 5.062   1.00 42.11 ? 17   C   B "O2'" 1 
ATOM   840  C  "C1'" . C   B 1 17 ? -10.229 -9.138  5.424   1.00 38.27 ? 17   C   B "C1'" 1 
ATOM   841  N  N1    . C   B 1 17 ? -9.501  -8.331  6.408   1.00 35.29 ? 17   C   B N1    1 
ATOM   842  C  C2    . C   B 1 17 ? -8.183  -8.670  6.704   1.00 33.55 ? 17   C   B C2    1 
ATOM   843  O  O2    . C   B 1 17 ? -7.677  -9.652  6.134   1.00 36.71 ? 17   C   B O2    1 
ATOM   844  N  N3    . C   B 1 17 ? -7.491  -7.928  7.600   1.00 30.62 ? 17   C   B N3    1 
ATOM   845  C  C4    . C   B 1 17 ? -8.073  -6.881  8.187   1.00 30.11 ? 17   C   B C4    1 
ATOM   846  N  N4    . C   B 1 17 ? -7.348  -6.159  9.048   1.00 27.62 ? 17   C   B N4    1 
ATOM   847  C  C5    . C   B 1 17 ? -9.423  -6.521  7.915   1.00 29.31 ? 17   C   B C5    1 
ATOM   848  C  C6    . C   B 1 17 ? -10.095 -7.267  7.025   1.00 33.45 ? 17   C   B C6    1 
ATOM   849  P  P     . A   B 1 18 ? -13.361 -11.579 8.099   1.00 49.77 ? 18   A   B P     1 
ATOM   850  O  OP1   . A   B 1 18 ? -14.488 -12.527 8.000   1.00 48.51 ? 18   A   B OP1   1 
ATOM   851  O  OP2   . A   B 1 18 ? -13.434 -10.441 9.055   1.00 49.34 ? 18   A   B OP2   1 
ATOM   852  O  "O5'" . A   B 1 18 ? -12.030 -12.384 8.429   1.00 49.10 ? 18   A   B "O5'" 1 
ATOM   853  C  "C5'" . A   B 1 18 ? -11.742 -13.644 7.804   1.00 48.37 ? 18   A   B "C5'" 1 
ATOM   854  C  "C4'" . A   B 1 18 ? -10.438 -14.188 8.336   1.00 47.34 ? 18   A   B "C4'" 1 
ATOM   855  O  "O4'" . A   B 1 18 ? -9.373  -13.264 7.991   1.00 46.00 ? 18   A   B "O4'" 1 
ATOM   856  C  "C3'" . A   B 1 18 ? -10.362 -14.289 9.849   1.00 48.05 ? 18   A   B "C3'" 1 
ATOM   857  O  "O3'" . A   B 1 18 ? -10.954 -15.497 10.314  1.00 52.08 ? 18   A   B "O3'" 1 
ATOM   858  C  "C2'" . A   B 1 18 ? -8.865  -14.212 10.106  1.00 46.84 ? 18   A   B "C2'" 1 
ATOM   859  O  "O2'" . A   B 1 18 ? -8.198  -15.427 9.845   1.00 47.37 ? 18   A   B "O2'" 1 
ATOM   860  C  "C1'" . A   B 1 18 ? -8.442  -13.187 9.053   1.00 44.03 ? 18   A   B "C1'" 1 
ATOM   861  N  N9    . A   B 1 18 ? -8.456  -11.819 9.560   1.00 40.26 ? 18   A   B N9    1 
ATOM   862  C  C8    . A   B 1 18 ? -9.398  -10.843 9.351   1.00 39.18 ? 18   A   B C8    1 
ATOM   863  N  N7    . A   B 1 18 ? -9.118  -9.707  9.941   1.00 37.07 ? 18   A   B N7    1 
ATOM   864  C  C5    . A   B 1 18 ? -7.914  -9.952  10.585  1.00 35.67 ? 18   A   B C5    1 
ATOM   865  C  C6    . A   B 1 18 ? -7.081  -9.146  11.379  1.00 34.84 ? 18   A   B C6    1 
ATOM   866  N  N6    . A   B 1 18 ? -7.342  -7.872  11.681  1.00 33.87 ? 18   A   B N6    1 
ATOM   867  N  N1    . A   B 1 18 ? -5.947  -9.699  11.858  1.00 34.58 ? 18   A   B N1    1 
ATOM   868  C  C2    . A   B 1 18 ? -5.677  -10.975 11.554  1.00 35.42 ? 18   A   B C2    1 
ATOM   869  N  N3    . A   B 1 18 ? -6.381  -11.832 10.818  1.00 35.58 ? 18   A   B N3    1 
ATOM   870  C  C4    . A   B 1 18 ? -7.498  -11.250 10.359  1.00 37.22 ? 18   A   B C4    1 
ATOM   871  P  P     . G   B 1 19 ? -11.508 -15.590 11.823  1.00 55.03 ? 19   G   B P     1 
ATOM   872  O  OP1   . G   B 1 19 ? -12.291 -16.846 11.929  1.00 54.85 ? 19   G   B OP1   1 
ATOM   873  O  OP2   . G   B 1 19 ? -12.151 -14.294 12.161  1.00 56.46 ? 19   G   B OP2   1 
ATOM   874  O  "O5'" . G   B 1 19 ? -10.192 -15.713 12.715  1.00 52.96 ? 19   G   B "O5'" 1 
ATOM   875  C  "C5'" . G   B 1 19 ? -9.154  -16.652 12.375  1.00 51.07 ? 19   G   B "C5'" 1 
ATOM   876  C  "C4'" . G   B 1 19 ? -7.971  -16.471 13.295  1.00 50.82 ? 19   G   B "C4'" 1 
ATOM   877  O  "O4'" . G   B 1 19 ? -7.163  -15.331 12.899  1.00 49.44 ? 19   G   B "O4'" 1 
ATOM   878  C  "C3'" . G   B 1 19 ? -8.351  -16.165 14.726  1.00 51.46 ? 19   G   B "C3'" 1 
ATOM   879  O  "O3'" . G   B 1 19 ? -8.765  -17.340 15.401  1.00 55.28 ? 19   G   B "O3'" 1 
ATOM   880  C  "C2'" . G   B 1 19 ? -7.077  -15.527 15.265  1.00 49.80 ? 19   G   B "C2'" 1 
ATOM   881  O  "O2'" . G   B 1 19 ? -6.055  -16.452 15.563  1.00 50.17 ? 19   G   B "O2'" 1 
ATOM   882  C  "C1'" . G   B 1 19 ? -6.639  -14.695 14.058  1.00 47.36 ? 19   G   B "C1'" 1 
ATOM   883  N  N9    . G   B 1 19 ? -7.147  -13.326 14.093  1.00 42.57 ? 19   G   B N9    1 
ATOM   884  C  C8    . G   B 1 19 ? -8.312  -12.865 13.533  1.00 41.12 ? 19   G   B C8    1 
ATOM   885  N  N7    . G   B 1 19 ? -8.490  -11.583 13.703  1.00 38.79 ? 19   G   B N7    1 
ATOM   886  C  C5    . G   B 1 19 ? -7.377  -11.174 14.425  1.00 37.59 ? 19   G   B C5    1 
ATOM   887  C  C6    . G   B 1 19 ? -7.007  -9.885  14.899  1.00 37.10 ? 19   G   B C6    1 
ATOM   888  O  O6    . G   B 1 19 ? -7.605  -8.814  14.775  1.00 39.29 ? 19   G   B O6    1 
ATOM   889  N  N1    . G   B 1 19 ? -5.803  -9.920  15.588  1.00 36.88 ? 19   G   B N1    1 
ATOM   890  C  C2    . G   B 1 19 ? -5.055  -11.044 15.809  1.00 36.50 ? 19   G   B C2    1 
ATOM   891  N  N2    . G   B 1 19 ? -3.933  -10.869 16.525  1.00 35.59 ? 19   G   B N2    1 
ATOM   892  N  N3    . G   B 1 19 ? -5.383  -12.250 15.370  1.00 36.10 ? 19   G   B N3    1 
ATOM   893  C  C4    . G   B 1 19 ? -6.545  -12.239 14.688  1.00 38.25 ? 19   G   B C4    1 
ATOM   894  P  P     . C   B 1 20 ? -9.433  -17.228 16.855  1.00 57.74 ? 20   C   B P     1 
ATOM   895  O  OP1   . C   B 1 20 ? -10.034 -18.549 17.186  1.00 57.24 ? 20   C   B OP1   1 
ATOM   896  O  OP2   . C   B 1 20 ? -10.277 -16.008 16.906  1.00 57.40 ? 20   C   B OP2   1 
ATOM   897  O  "O5'" . C   B 1 20 ? -8.171  -16.993 17.786  1.00 55.00 ? 20   C   B "O5'" 1 
ATOM   898  C  "C5'" . C   B 1 20 ? -8.341  -16.454 19.073  1.00 54.57 ? 20   C   B "C5'" 1 
ATOM   899  C  "C4'" . C   B 1 20 ? -7.129  -15.675 19.465  1.00 55.04 ? 20   C   B "C4'" 1 
ATOM   900  O  "O4'" . C   B 1 20 ? -6.691  -14.829 18.374  1.00 54.40 ? 20   C   B "O4'" 1 
ATOM   901  C  "C3'" . C   B 1 20 ? -7.455  -14.719 20.585  1.00 56.47 ? 20   C   B "C3'" 1 
ATOM   902  O  "O3'" . C   B 1 20 ? -7.424  -15.406 21.811  1.00 58.93 ? 20   C   B "O3'" 1 
ATOM   903  C  "C2'" . C   B 1 20 ? -6.404  -13.640 20.412  1.00 55.68 ? 20   C   B "C2'" 1 
ATOM   904  O  "O2'" . C   B 1 20 ? -5.147  -13.991 20.945  1.00 55.20 ? 20   C   B "O2'" 1 
ATOM   905  C  "C1'" . C   B 1 20 ? -6.339  -13.550 18.884  1.00 54.44 ? 20   C   B "C1'" 1 
ATOM   906  N  N1    . C   B 1 20 ? -7.317  -12.590 18.360  1.00 52.15 ? 20   C   B N1    1 
ATOM   907  C  C2    . C   B 1 20 ? -7.168  -11.229 18.663  1.00 50.86 ? 20   C   B C2    1 
ATOM   908  O  O2    . C   B 1 20 ? -6.215  -10.869 19.376  1.00 49.21 ? 20   C   B O2    1 
ATOM   909  N  N3    . C   B 1 20 ? -8.068  -10.344 18.172  1.00 50.43 ? 20   C   B N3    1 
ATOM   910  C  C4    . C   B 1 20 ? -9.080  -10.775 17.411  1.00 50.83 ? 20   C   B C4    1 
ATOM   911  N  N4    . C   B 1 20 ? -9.934  -9.869  16.937  1.00 50.30 ? 20   C   B N4    1 
ATOM   912  C  C5    . C   B 1 20 ? -9.258  -12.156 17.099  1.00 51.24 ? 20   C   B C5    1 
ATOM   913  C  C6    . C   B 1 20 ? -8.361  -13.018 17.588  1.00 51.52 ? 20   C   B C6    1 
ATOM   914  P  P     . A   B 1 21 ? -8.680  -15.307 22.796  1.00 60.31 ? 21   A   B P     1 
ATOM   915  O  OP1   . A   B 1 21 ? -8.864  -16.636 23.438  1.00 61.43 ? 21   A   B OP1   1 
ATOM   916  O  OP2   . A   B 1 21 ? -9.814  -14.687 22.068  1.00 60.88 ? 21   A   B OP2   1 
ATOM   917  O  "O5'" . A   B 1 21 ? -8.138  -14.304 23.897  1.00 59.29 ? 21   A   B "O5'" 1 
ATOM   918  C  "C5'" . A   B 1 21 ? -8.907  -13.193 24.312  1.00 59.50 ? 21   A   B "C5'" 1 
ATOM   919  C  "C4'" . A   B 1 21 ? -7.998  -12.054 24.675  1.00 59.18 ? 21   A   B "C4'" 1 
ATOM   920  O  "O4'" . A   B 1 21 ? -7.308  -11.546 23.501  1.00 59.13 ? 21   A   B "O4'" 1 
ATOM   921  C  "C3'" . A   B 1 21 ? -8.754  -10.875 25.237  1.00 58.99 ? 21   A   B "C3'" 1 
ATOM   922  O  "O3'" . A   B 1 21 ? -8.941  -11.053 26.622  1.00 59.04 ? 21   A   B "O3'" 1 
ATOM   923  C  "C2'" . A   B 1 21 ? -7.911  -9.688  24.810  1.00 57.80 ? 21   A   B "C2'" 1 
ATOM   924  O  "O2'" . A   B 1 21 ? -6.771  -9.507  25.628  1.00 58.45 ? 21   A   B "O2'" 1 
ATOM   925  C  "C1'" . A   B 1 21 ? -7.505  -10.145 23.408  1.00 56.88 ? 21   A   B "C1'" 1 
ATOM   926  N  N9    . A   B 1 21 ? -8.559  -9.928  22.417  1.00 54.59 ? 21   A   B N9    1 
ATOM   927  C  C8    . A   B 1 21 ? -9.242  -10.895 21.720  1.00 53.89 ? 21   A   B C8    1 
ATOM   928  N  N7    . A   B 1 21 ? -10.106 -10.416 20.861  1.00 53.41 ? 21   A   B N7    1 
ATOM   929  C  C5    . A   B 1 21 ? -9.991  -9.039  21.007  1.00 52.38 ? 21   A   B C5    1 
ATOM   930  C  C6    . A   B 1 21 ? -10.627 -7.966  20.364  1.00 50.92 ? 21   A   B C6    1 
ATOM   931  N  N6    . A   B 1 21 ? -11.531 -8.119  19.391  1.00 49.39 ? 21   A   B N6    1 
ATOM   932  N  N1    . A   B 1 21 ? -10.295 -6.714  20.751  1.00 50.04 ? 21   A   B N1    1 
ATOM   933  C  C2    . A   B 1 21 ? -9.375  -6.564  21.714  1.00 50.88 ? 21   A   B C2    1 
ATOM   934  N  N3    . A   B 1 21 ? -8.698  -7.493  22.384  1.00 51.59 ? 21   A   B N3    1 
ATOM   935  C  C4    . A   B 1 21 ? -9.055  -8.725  21.976  1.00 53.04 ? 21   A   B C4    1 
ATOM   936  P  P     . A   B 1 22 ? -10.433 -11.152 27.195  1.00 60.91 ? 22   A   B P     1 
ATOM   937  O  OP1   . A   B 1 22 ? -10.331 -11.648 28.599  1.00 60.69 ? 22   A   B OP1   1 
ATOM   938  O  OP2   . A   B 1 22 ? -11.264 -11.898 26.204  1.00 59.18 ? 22   A   B OP2   1 
ATOM   939  O  "O5'" . A   B 1 22 ? -10.903 -9.631  27.199  1.00 58.84 ? 22   A   B "O5'" 1 
ATOM   940  C  "C5'" . A   B 1 22 ? -10.058 -8.625  27.774  1.00 54.60 ? 22   A   B "C5'" 1 
ATOM   941  C  "C4'" . A   B 1 22 ? -10.432 -7.261  27.260  1.00 51.88 ? 22   A   B "C4'" 1 
ATOM   942  O  "O4'" . A   B 1 22 ? -10.146 -7.163  25.840  1.00 50.55 ? 22   A   B "O4'" 1 
ATOM   943  C  "C3'" . A   B 1 22 ? -11.900 -6.879  27.337  1.00 50.00 ? 22   A   B "C3'" 1 
ATOM   944  O  "O3'" . A   B 1 22 ? -12.290 -6.506  28.652  1.00 49.18 ? 22   A   B "O3'" 1 
ATOM   945  C  "C2'" . A   B 1 22 ? -11.941 -5.708  26.366  1.00 48.91 ? 22   A   B "C2'" 1 
ATOM   946  O  "O2'" . A   B 1 22 ? -11.353 -4.543  26.907  1.00 49.11 ? 22   A   B "O2'" 1 
ATOM   947  C  "C1'" . A   B 1 22 ? -11.033 -6.224  25.251  1.00 47.82 ? 22   A   B "C1'" 1 
ATOM   948  N  N9    . A   B 1 22 ? -11.811 -6.895  24.212  1.00 43.35 ? 22   A   B N9    1 
ATOM   949  C  C8    . A   B 1 22 ? -11.945 -8.236  23.947  1.00 42.22 ? 22   A   B C8    1 
ATOM   950  N  N7    . A   B 1 22 ? -12.753 -8.497  22.948  1.00 40.31 ? 22   A   B N7    1 
ATOM   951  C  C5    . A   B 1 22 ? -13.170 -7.242  22.520  1.00 38.15 ? 22   A   B C5    1 
ATOM   952  C  C6    . A   B 1 22 ? -14.034 -6.824  21.484  1.00 35.26 ? 22   A   B C6    1 
ATOM   953  N  N6    . A   B 1 22 ? -14.624 -7.654  20.620  1.00 29.45 ? 22   A   B N6    1 
ATOM   954  N  N1    . A   B 1 22 ? -14.259 -5.502  21.355  1.00 35.39 ? 22   A   B N1    1 
ATOM   955  C  C2    . A   B 1 22 ? -13.632 -4.657  22.186  1.00 37.14 ? 22   A   B C2    1 
ATOM   956  N  N3    . A   B 1 22 ? -12.781 -4.924  23.173  1.00 38.90 ? 22   A   B N3    1 
ATOM   957  C  C4    . A   B 1 22 ? -12.598 -6.249  23.291  1.00 40.32 ? 22   A   B C4    1 
ATOM   958  P  P     . G   B 1 23 ? -13.796 -6.779  29.138  1.00 49.49 ? 23   G   B P     1 
ATOM   959  O  OP1   . G   B 1 23 ? -13.825 -6.642  30.618  1.00 50.17 ? 23   G   B OP1   1 
ATOM   960  O  OP2   . G   B 1 23 ? -14.278 -8.039  28.502  1.00 49.69 ? 23   G   B OP2   1 
ATOM   961  O  "O5'" . G   B 1 23 ? -14.618 -5.567  28.522  1.00 48.02 ? 23   G   B "O5'" 1 
ATOM   962  C  "C5'" . G   B 1 23 ? -14.204 -4.211  28.749  1.00 43.53 ? 23   G   B "C5'" 1 
ATOM   963  C  "C4'" . G   B 1 23 ? -14.987 -3.279  27.866  1.00 42.10 ? 23   G   B "C4'" 1 
ATOM   964  O  "O4'" . G   B 1 23 ? -14.675 -3.553  26.471  1.00 38.77 ? 23   G   B "O4'" 1 
ATOM   965  C  "C3'" . G   B 1 23 ? -16.494 -3.451  27.929  1.00 41.89 ? 23   G   B "C3'" 1 
ATOM   966  O  "O3'" . G   B 1 23 ? -17.063 -2.907  29.122  1.00 43.38 ? 23   G   B "O3'" 1 
ATOM   967  C  "C2'" . G   B 1 23 ? -16.933 -2.818  26.615  1.00 40.56 ? 23   G   B "C2'" 1 
ATOM   968  O  "O2'" . G   B 1 23 ? -16.908 -1.403  26.693  1.00 40.51 ? 23   G   B "O2'" 1 
ATOM   969  C  "C1'" . G   B 1 23 ? -15.820 -3.294  25.670  1.00 37.18 ? 23   G   B "C1'" 1 
ATOM   970  N  N9    . G   B 1 23 ? -16.136 -4.516  24.939  1.00 33.36 ? 23   G   B N9    1 
ATOM   971  C  C8    . G   B 1 23 ? -15.725 -5.788  25.253  1.00 31.41 ? 23   G   B C8    1 
ATOM   972  N  N7    . G   B 1 23 ? -16.159 -6.688  24.415  1.00 30.22 ? 23   G   B N7    1 
ATOM   973  C  C5    . G   B 1 23 ? -16.904 -5.970  23.489  1.00 29.86 ? 23   G   B C5    1 
ATOM   974  C  C6    . G   B 1 23 ? -17.629 -6.411  22.340  1.00 30.44 ? 23   G   B C6    1 
ATOM   975  O  O6    . G   B 1 23 ? -17.756 -7.567  21.900  1.00 31.70 ? 23   G   B O6    1 
ATOM   976  N  N1    . G   B 1 23 ? -18.248 -5.346  21.686  1.00 28.53 ? 23   G   B N1    1 
ATOM   977  C  C2    . G   B 1 23 ? -18.174 -4.034  22.080  1.00 29.41 ? 23   G   B C2    1 
ATOM   978  N  N2    . G   B 1 23 ? -18.836 -3.148  21.318  1.00 27.27 ? 23   G   B N2    1 
ATOM   979  N  N3    . G   B 1 23 ? -17.499 -3.613  23.145  1.00 29.78 ? 23   G   B N3    1 
ATOM   980  C  C4    . G   B 1 23 ? -16.899 -4.625  23.797  1.00 30.90 ? 23   G   B C4    1 
HETATM 981  C  C1    . NMY C 2 .  ? 4.905   -0.435  -7.339  1.00 20.11 ? 1001 NMY A C1    1 
HETATM 982  O  O1    . NMY C 2 .  ? 4.361   -1.241  -6.280  1.00 21.00 ? 1001 NMY A O1    1 
HETATM 983  C  C2    . NMY C 2 .  ? 4.452   -1.107  -8.636  1.00 19.53 ? 1001 NMY A C2    1 
HETATM 984  N  N2    . NMY C 2 .  ? 2.989   -1.244  -8.610  1.00 22.30 ? 1001 NMY A N2    1 
HETATM 985  C  C3    . NMY C 2 .  ? 5.090   -2.494  -8.744  1.00 21.58 ? 1001 NMY A C3    1 
HETATM 986  O  O3    . NMY C 2 .  ? 4.684   -3.142  -9.953  1.00 24.53 ? 1001 NMY A O3    1 
HETATM 987  C  C4    . NMY C 2 .  ? 6.612   -2.356  -8.696  1.00 21.05 ? 1001 NMY A C4    1 
HETATM 988  O  O4    . NMY C 2 .  ? 7.202   -3.656  -8.699  1.00 23.25 ? 1001 NMY A O4    1 
HETATM 989  C  C5    . NMY C 2 .  ? 7.003   -1.661  -7.391  1.00 18.86 ? 1001 NMY A C5    1 
HETATM 990  O  O5    . NMY C 2 .  ? 6.346   -0.386  -7.311  1.00 19.12 ? 1001 NMY A O5    1 
HETATM 991  C  C6    . NMY C 2 .  ? 8.525   -1.508  -7.335  1.00 22.63 ? 1001 NMY A C6    1 
HETATM 992  C  C7    . NMY C 2 .  ? 2.508   -0.330  -2.622  1.00 22.98 ? 1001 NMY A C7    1 
HETATM 993  N  N7    . NMY C 2 .  ? 2.090   0.147   -1.295  1.00 20.94 ? 1001 NMY A N7    1 
HETATM 994  C  C12   . NMY C 2 .  ? 2.609   0.836   -3.607  1.00 23.95 ? 1001 NMY A C12   1 
HETATM 995  C  C11   . NMY C 2 .  ? 2.955   0.352   -5.021  1.00 22.75 ? 1001 NMY A C11   1 
HETATM 996  O  O11   . NMY C 2 .  ? 3.317   1.478   -5.837  1.00 26.68 ? 1001 NMY A O11   1 
HETATM 997  C  C10   . NMY C 2 .  ? 4.174   -0.564  -5.024  1.00 22.24 ? 1001 NMY A C10   1 
HETATM 998  C  C9    . NMY C 2 .  ? 4.178   -1.627  -3.922  1.00 20.57 ? 1001 NMY A C9    1 
HETATM 999  N  N9    . NMY C 2 .  ? 5.515   -2.238  -3.893  1.00 20.29 ? 1001 NMY A N9    1 
HETATM 1000 C  C8    . NMY C 2 .  ? 3.861   -1.040  -2.543  1.00 21.08 ? 1001 NMY A C8    1 
HETATM 1001 C  C13   . NMY C 2 .  ? 2.255   2.048   -6.619  1.00 33.26 ? 1001 NMY A C13   1 
HETATM 1002 C  C14   . NMY C 2 .  ? 2.715   3.431   -7.083  1.00 36.02 ? 1001 NMY A C14   1 
HETATM 1003 C  C15   . NMY C 2 .  ? 1.720   3.638   -8.222  1.00 38.57 ? 1001 NMY A C15   1 
HETATM 1004 C  C16   . NMY C 2 .  ? 1.796   2.281   -8.903  1.00 38.36 ? 1001 NMY A C16   1 
HETATM 1005 O  O16   . NMY C 2 .  ? 1.990   1.327   -7.839  1.00 34.99 ? 1001 NMY A O16   1 
HETATM 1006 C  C17   . NMY C 2 .  ? 2.970   2.282   -9.890  1.00 38.71 ? 1001 NMY A C17   1 
HETATM 1007 C  C21   . NMY C 2 .  ? -2.605  5.755   -9.892  1.00 54.91 ? 1001 NMY A C21   1 
HETATM 1008 C  C20   . NMY C 2 .  ? -2.286  6.361   -8.522  1.00 53.68 ? 1001 NMY A C20   1 
HETATM 1009 C  C19   . NMY C 2 .  ? -1.496  5.354   -7.680  1.00 51.14 ? 1001 NMY A C19   1 
HETATM 1010 C  C18   . NMY C 2 .  ? -0.269  4.859   -8.452  1.00 49.32 ? 1001 NMY A C18   1 
HETATM 1011 O  O18   . NMY C 2 .  ? 0.404   3.847   -7.686  1.00 42.92 ? 1001 NMY A O18   1 
HETATM 1012 C  C22   . NMY C 2 .  ? -1.308  5.287   -10.560 1.00 54.78 ? 1001 NMY A C22   1 
HETATM 1013 O  O22   . NMY C 2 .  ? -0.651  4.314   -9.727  1.00 51.54 ? 1001 NMY A O22   1 
HETATM 1014 C  C23   . NMY C 2 .  ? -1.571  4.691   -11.945 1.00 55.19 ? 1001 NMY A C23   1 
HETATM 1015 N  N6    . NMY C 2 .  ? 8.948   -0.917  -6.057  1.00 19.99 ? 1001 NMY A N6    1 
HETATM 1016 O  O14   . NMY C 2 .  ? 2.469   4.391   -6.053  1.00 33.39 ? 1001 NMY A O14   1 
HETATM 1017 O  O20   . NMY C 2 .  ? -1.535  7.568   -8.688  1.00 54.72 ? 1001 NMY A O20   1 
HETATM 1018 O  O21   . NMY C 2 .  ? -3.489  4.645   -9.705  1.00 55.88 ? 1001 NMY A O21   1 
HETATM 1019 O  O17   . NMY C 2 .  ? 2.953   1.096   -10.691 1.00 41.01 ? 1001 NMY A O17   1 
HETATM 1020 O  O12   . NMY C 2 .  ? 1.357   1.527   -3.598  1.00 23.55 ? 1001 NMY A O12   1 
HETATM 1021 N  N19   . NMY C 2 .  ? -2.414  3.491   -11.832 1.00 54.91 ? 1001 NMY A N19   1 
HETATM 1022 N  N23   . NMY C 2 .  ? -2.367  4.205   -7.392  1.00 50.00 ? 1001 NMY A N23   1 
HETATM 1023 K  K     . K   D 3 .  ? -2.099  -14.832 -7.418  1.00 62.89 ? 1002 K   A K     1 
HETATM 1024 K  K     . K   E 3 .  ? 6.021   -6.295  -7.745  1.00 53.46 ? 1003 K   A K     1 
HETATM 1025 K  K     . K   F 3 .  ? 9.996   9.929   -14.532 1.00 55.02 ? 1004 K   A K     1 
HETATM 1026 K  K     . K   G 3 .  ? -1.406  -7.805  -13.990 0.67 58.16 ? 1005 K   A K     1 
HETATM 1027 C  C1    . NMY H 2 .  ? -2.054  -6.036  5.741   1.00 22.93 ? 2001 NMY B C1    1 
HETATM 1028 O  O1    . NMY H 2 .  ? -1.262  -5.706  4.589   1.00 25.06 ? 2001 NMY B O1    1 
HETATM 1029 C  C2    . NMY H 2 .  ? -1.132  -6.722  6.754   1.00 23.50 ? 2001 NMY B C2    1 
HETATM 1030 N  N2    . NMY H 2 .  ? 0.011   -5.850  7.053   1.00 16.49 ? 2001 NMY B N2    1 
HETATM 1031 C  C3    . NMY H 2 .  ? -0.627  -8.050  6.182   1.00 23.46 ? 2001 NMY B C3    1 
HETATM 1032 O  O3    . NMY H 2 .  ? 0.204   -8.719  7.134   1.00 27.57 ? 2001 NMY B O3    1 
HETATM 1033 C  C4    . NMY H 2 .  ? -1.830  -8.924  5.833   1.00 24.63 ? 2001 NMY B C4    1 
HETATM 1034 O  O4    . NMY H 2 .  ? -1.372  -10.147 5.251   1.00 25.53 ? 2001 NMY B O4    1 
HETATM 1035 C  C5    . NMY H 2 .  ? -2.729  -8.186  4.837   1.00 22.83 ? 2001 NMY B C5    1 
HETATM 1036 O  O5    . NMY H 2 .  ? -3.135  -6.918  5.382   1.00 23.48 ? 2001 NMY B O5    1 
HETATM 1037 C  C6    . NMY H 2 .  ? -3.959  -9.059  4.565   1.00 23.75 ? 2001 NMY B C6    1 
HETATM 1038 C  C7    . NMY H 2 .  ? -1.075  -2.293  2.142   1.00 27.14 ? 2001 NMY B C7    1 
HETATM 1039 N  N7    . NMY H 2 .  ? -1.357  -1.154  1.257   1.00 22.14 ? 2001 NMY B N7    1 
HETATM 1040 C  C12   . NMY H 2 .  ? -1.741  -2.101  3.506   1.00 29.59 ? 2001 NMY B C12   1 
HETATM 1041 C  C11   . NMY H 2 .  ? -1.440  -3.262  4.465   1.00 30.88 ? 2001 NMY B C11   1 
HETATM 1042 O  O11   . NMY H 2 .  ? -2.267  -3.163  5.637   1.00 37.63 ? 2001 NMY B O11   1 
HETATM 1043 C  C10   . NMY H 2 .  ? -1.759  -4.605  3.812   1.00 28.61 ? 2001 NMY B C10   1 
HETATM 1044 C  C9    . NMY H 2 .  ? -1.185  -4.758  2.400   1.00 26.16 ? 2001 NMY B C9    1 
HETATM 1045 N  N9    . NMY H 2 .  ? -1.677  -6.020  1.824   1.00 23.73 ? 2001 NMY B N9    1 
HETATM 1046 C  C8    . NMY H 2 .  ? -1.583  -3.586  1.499   1.00 24.11 ? 2001 NMY B C8    1 
HETATM 1047 C  C13   . NMY H 2 .  ? -1.786  -2.337  6.712   1.00 44.63 ? 2001 NMY B C13   1 
HETATM 1048 C  C14   . NMY H 2 .  ? -2.982  -1.948  7.587   1.00 47.28 ? 2001 NMY B C14   1 
HETATM 1049 C  C15   . NMY H 2 .  ? -2.288  -1.679  8.920   1.00 49.87 ? 2001 NMY B C15   1 
HETATM 1050 C  C16   . NMY H 2 .  ? -1.317  -2.849  8.956   1.00 50.27 ? 2001 NMY B C16   1 
HETATM 1051 O  O16   . NMY H 2 .  ? -0.891  -3.045  7.592   1.00 47.55 ? 2001 NMY B O16   1 
HETATM 1052 C  C17   . NMY H 2 .  ? -2.018  -4.093  9.513   1.00 50.05 ? 2001 NMY B C17   1 
HETATM 1053 C  C21   . NMY H 2 .  ? 0.273   1.285   12.197  1.00 61.59 ? 2001 NMY B C21   1 
HETATM 1054 C  C20   . NMY H 2 .  ? -0.719  2.170   11.435  1.00 60.91 ? 2001 NMY B C20   1 
HETATM 1055 C  C19   . NMY H 2 .  ? -0.995  1.600   10.042  1.00 59.35 ? 2001 NMY B C19   1 
HETATM 1056 C  C18   . NMY H 2 .  ? -1.422  0.134   10.166  1.00 58.11 ? 2001 NMY B C18   1 
HETATM 1057 O  O18   . NMY H 2 .  ? -1.575  -0.433  8.856   1.00 54.24 ? 2001 NMY B O18   1 
HETATM 1058 C  C22   . NMY H 2 .  ? -0.265  -0.147  12.254  1.00 61.75 ? 2001 NMY B C22   1 
HETATM 1059 O  O22   . NMY H 2 .  ? -0.460  -0.631  10.914  1.00 61.10 ? 2001 NMY B O22   1 
HETATM 1060 C  C23   . NMY H 2 .  ? 0.709   -1.071  12.993  1.00 62.26 ? 2001 NMY B C23   1 
HETATM 1061 N  N6    . NMY H 2 .  ? -4.837  -8.411  3.578   1.00 20.26 ? 2001 NMY B N6    1 
HETATM 1062 O  O14   . NMY H 2 .  ? -3.552  -0.724  7.115   1.00 45.93 ? 2001 NMY B O14   1 
HETATM 1063 O  O20   . NMY H 2 .  ? -1.948  2.221   12.164  1.00 61.40 ? 2001 NMY B O20   1 
HETATM 1064 O  O21   . NMY H 2 .  ? 1.539   1.303   11.532  1.00 63.80 ? 2001 NMY B O21   1 
HETATM 1065 O  O17   . NMY H 2 .  ? -1.094  -5.179  9.607   1.00 51.00 ? 2001 NMY B O17   1 
HETATM 1066 O  O12   . NMY H 2 .  ? -1.293  -0.862  4.066   1.00 27.13 ? 2001 NMY B O12   1 
HETATM 1067 N  N19   . NMY H 2 .  ? 1.984   -1.158  12.265  1.00 62.61 ? 2001 NMY B N19   1 
HETATM 1068 N  N23   . NMY H 2 .  ? 0.217   1.710   9.216   1.00 58.33 ? 2001 NMY B N23   1 
HETATM 1069 K  K     . K   I 3 .  ? 0.785   -10.720 3.475   1.00 46.35 ? 2002 K   B K     1 
HETATM 1070 K  K     . K   J 3 .  ? -11.273 -6.101  15.405  1.00 49.72 ? 2003 K   B K     1 
HETATM 1071 CL CL    . CL  K 4 .  ? 12.322  -14.952 3.471   0.67 46.62 ? 2004 CL  B CL    1 
HETATM 1072 S  S     . SO4 L 5 .  ? -17.002 -10.872 17.761  0.37 48.68 ? 32   SO4 B S     1 
HETATM 1073 O  O1    . SO4 L 5 .  ? -16.357 -9.676  17.190  0.37 49.02 ? 32   SO4 B O1    1 
HETATM 1074 O  O2    . SO4 L 5 .  ? -18.093 -10.459 18.664  0.37 49.05 ? 32   SO4 B O2    1 
HETATM 1075 O  O3    . SO4 L 5 .  ? -16.007 -11.654 18.519  0.37 49.33 ? 32   SO4 B O3    1 
HETATM 1076 O  O4    . SO4 L 5 .  ? -17.553 -11.701 16.672  0.37 48.71 ? 32   SO4 B O4    1 
HETATM 1077 O  O     . HOH M 6 .  ? -3.601  -8.306  -7.742  1.00 44.27 ? 1006 HOH A O     1 
HETATM 1078 O  O     . HOH M 6 .  ? 16.372  -2.431  -10.527 1.00 48.17 ? 1007 HOH A O     1 
HETATM 1079 O  O     . HOH M 6 .  ? 8.980   -5.599  -6.584  1.00 37.52 ? 1008 HOH A O     1 
HETATM 1080 O  O     . HOH M 6 .  ? 5.908   3.564   -21.285 1.00 33.54 ? 1009 HOH A O     1 
HETATM 1081 O  O     . HOH M 6 .  ? -0.138  4.685   -4.552  1.00 24.05 ? 1010 HOH A O     1 
HETATM 1082 O  O     . HOH M 6 .  ? 3.301   10.390  0.808   1.00 35.44 ? 1011 HOH A O     1 
HETATM 1083 O  O     . HOH M 6 .  ? 1.857   -2.149  0.397   1.00 45.28 ? 1012 HOH A O     1 
HETATM 1084 O  O     . HOH M 6 .  ? 15.665  7.422   -13.670 1.00 51.77 ? 1013 HOH A O     1 
HETATM 1085 O  O     . HOH M 6 .  ? 15.446  11.212  -13.806 1.00 46.45 ? 1014 HOH A O     1 
HETATM 1086 O  O     . HOH M 6 .  ? 9.681   7.827   0.095   1.00 32.94 ? 1015 HOH A O     1 
HETATM 1087 O  O     . HOH M 6 .  ? 10.412  7.411   -13.755 1.00 42.80 ? 1016 HOH A O     1 
HETATM 1088 O  O     . HOH M 6 .  ? 16.250  10.622  -18.529 1.00 48.96 ? 1017 HOH A O     1 
HETATM 1089 O  O     . HOH M 6 .  ? 8.930   7.261   -11.514 1.00 50.44 ? 1018 HOH A O     1 
HETATM 1090 O  O     . HOH M 6 .  ? -1.979  2.441   -3.283  1.00 31.65 ? 1019 HOH A O     1 
HETATM 1091 O  O     . HOH M 6 .  ? 3.965   6.380   -21.970 1.00 31.09 ? 1020 HOH A O     1 
HETATM 1092 O  O     . HOH M 6 .  ? -2.961  -0.052  -2.193  1.00 46.16 ? 1021 HOH A O     1 
HETATM 1093 O  O     . HOH M 6 .  ? 1.666   -2.143  -10.964 1.00 25.99 ? 1022 HOH A O     1 
HETATM 1094 O  O     . HOH M 6 .  ? -0.645  0.159   -4.803  1.00 24.35 ? 1023 HOH A O     1 
HETATM 1095 O  O     . HOH M 6 .  ? 12.779  -2.319  -10.753 1.00 34.67 ? 1024 HOH A O     1 
HETATM 1096 O  O     . HOH M 6 .  ? 9.671   -4.084  -9.943  1.00 31.23 ? 1025 HOH A O     1 
HETATM 1097 O  O     . HOH M 6 .  ? -7.923  6.816   1.012   1.00 36.91 ? 1026 HOH A O     1 
HETATM 1098 O  O     . HOH M 6 .  ? -1.024  1.423   -0.882  1.00 43.46 ? 1027 HOH A O     1 
HETATM 1099 O  O     . HOH M 6 .  ? 6.472   19.084  -17.963 1.00 30.78 ? 1028 HOH A O     1 
HETATM 1100 O  O     . HOH M 6 .  ? 3.646   -11.930 -11.556 1.00 47.72 ? 1029 HOH A O     1 
HETATM 1101 O  O     . HOH M 6 .  ? 10.051  20.743  -22.173 1.00 34.86 ? 1030 HOH A O     1 
HETATM 1102 O  O     . HOH M 6 .  ? 5.203   -9.272  -8.646  1.00 39.11 ? 1031 HOH A O     1 
HETATM 1103 O  O     . HOH M 6 .  ? -2.542  -3.817  -1.965  1.00 27.81 ? 1032 HOH A O     1 
HETATM 1104 O  O     . HOH M 6 .  ? 5.337   -4.340  -5.610  1.00 38.36 ? 1033 HOH A O     1 
HETATM 1105 O  O     . HOH M 6 .  ? 13.576  20.180  -16.950 1.00 37.87 ? 1034 HOH A O     1 
HETATM 1106 O  O     . HOH M 6 .  ? -2.786  -9.129  1.581   1.00 35.05 ? 1035 HOH A O     1 
HETATM 1107 O  O     . HOH M 6 .  ? 8.464   -6.966  -9.825  1.00 46.65 ? 1036 HOH A O     1 
HETATM 1108 O  O     . HOH M 6 .  ? 5.236   4.988   -7.647  1.00 35.10 ? 1037 HOH A O     1 
HETATM 1109 O  O     . HOH M 6 .  ? 12.630  5.880   -14.054 1.00 40.88 ? 1038 HOH A O     1 
HETATM 1110 O  O     . HOH M 6 .  ? 6.318   8.461   -12.582 1.00 40.94 ? 1039 HOH A O     1 
HETATM 1111 O  O     . HOH M 6 .  ? -0.276  -11.126 -1.336  1.00 47.92 ? 1040 HOH A O     1 
HETATM 1112 O  O     . HOH M 6 .  ? 13.131  10.549  -22.267 1.00 46.41 ? 1041 HOH A O     1 
HETATM 1113 O  O     . HOH M 6 .  ? 12.776  10.542  -17.119 1.00 39.04 ? 1042 HOH A O     1 
HETATM 1114 O  O     . HOH N 6 .  ? 6.944   -14.782 7.133   1.00 40.06 ? 2005 HOH B O     1 
HETATM 1115 O  O     . HOH N 6 .  ? 4.735   -5.584  13.980  1.00 42.01 ? 2006 HOH B O     1 
HETATM 1116 O  O     . HOH N 6 .  ? 10.021  -16.134 1.624   1.00 41.67 ? 2007 HOH B O     1 
HETATM 1117 O  O     . HOH N 6 .  ? -1.193  -1.603  -1.490  1.00 37.79 ? 2008 HOH B O     1 
HETATM 1118 O  O     . HOH N 6 .  ? 15.797  -11.400 -1.055  1.00 44.12 ? 2009 HOH B O     1 
HETATM 1119 O  O     . HOH N 6 .  ? -6.033  -2.925  8.258   1.00 31.96 ? 2010 HOH B O     1 
HETATM 1120 O  O     . HOH N 6 .  ? 12.998  -11.652 2.867   1.00 39.44 ? 2011 HOH B O     1 
HETATM 1121 O  O     . HOH N 6 .  ? 8.759   -7.154  -2.915  1.00 28.05 ? 2012 HOH B O     1 
HETATM 1122 O  O     . HOH N 6 .  ? -12.063 -0.876  1.968   1.00 38.09 ? 2013 HOH B O     1 
HETATM 1123 O  O     . HOH N 6 .  ? -2.034  -13.028 17.857  1.00 43.86 ? 2014 HOH B O     1 
HETATM 1124 O  O     . HOH N 6 .  ? -11.582 -2.342  24.460  1.00 43.41 ? 2015 HOH B O     1 
HETATM 1125 O  O     . HOH N 6 .  ? -10.727 -6.504  1.652   1.00 29.41 ? 2016 HOH B O     1 
HETATM 1126 O  O     . HOH N 6 .  ? 2.696   1.137   2.554   1.00 41.11 ? 2017 HOH B O     1 
HETATM 1127 O  O     . HOH N 6 .  ? 4.246   -7.341  -3.105  1.00 20.86 ? 2018 HOH B O     1 
HETATM 1128 O  O     . HOH N 6 .  ? 0.115   -8.104  2.520   1.00 31.97 ? 2019 HOH B O     1 
HETATM 1129 O  O     . HOH N 6 .  ? -9.813  4.371   13.224  1.00 28.77 ? 2020 HOH B O     1 
HETATM 1130 O  O     . HOH N 6 .  ? 5.338   -1.976  0.707   1.00 32.23 ? 2021 HOH B O     1 
HETATM 1131 O  O     . HOH N 6 .  ? -10.149 -3.929  15.698  1.00 33.41 ? 2022 HOH B O     1 
HETATM 1132 O  O     . HOH N 6 .  ? 8.254   -3.410  -4.933  1.00 36.81 ? 2023 HOH B O     1 
HETATM 1133 O  O     . HOH N 6 .  ? 1.506   -4.961  5.188   1.00 41.60 ? 2024 HOH B O     1 
HETATM 1134 O  O     . HOH N 6 .  ? -8.657  -4.022  10.216  1.00 36.88 ? 2025 HOH B O     1 
HETATM 1135 O  O     . HOH N 6 .  ? -13.916 -1.576  13.044  1.00 45.93 ? 2026 HOH B O     1 
HETATM 1136 O  O     . HOH N 6 .  ? -14.929 -7.659  15.780  1.00 51.67 ? 2027 HOH B O     1 
HETATM 1137 O  O     . HOH N 6 .  ? 2.294   -6.404  8.973   1.00 34.43 ? 2028 HOH B O     1 
HETATM 1138 O  O     . HOH N 6 .  ? -12.082 -8.818  10.322  1.00 48.40 ? 2029 HOH B O     1 
HETATM 1139 O  O     . HOH N 6 .  ? -10.621 -1.041  14.851  1.00 36.89 ? 2030 HOH B O     1 
HETATM 1140 O  O     . HOH N 6 .  ? 11.093  -2.390  5.688   1.00 38.76 ? 2031 HOH B O     1 
HETATM 1141 O  O     . HOH N 6 .  ? -9.959  -8.174  13.300  1.00 45.88 ? 2032 HOH B O     1 
HETATM 1142 O  O     . HOH N 6 .  ? 11.330  5.159   1.100   1.00 38.71 ? 2033 HOH B O     1 
HETATM 1143 O  O     . HOH N 6 .  ? -2.100  1.418   6.338   1.00 37.38 ? 2034 HOH B O     1 
HETATM 1144 O  O     . HOH N 6 .  ? 0.416   0.988   1.026   1.00 47.57 ? 2035 HOH B O     1 
HETATM 1145 O  O     . HOH N 6 .  ? -5.963  -1.786  15.664  1.00 37.94 ? 2036 HOH B O     1 
HETATM 1146 O  O     . HOH N 6 .  ? -12.627 4.492   11.080  1.00 48.17 ? 2037 HOH B O     1 
HETATM 1147 O  O     . HOH N 6 .  ? 7.066   7.512   1.659   1.00 41.54 ? 2038 HOH B O     1 
HETATM 1148 O  O     . HOH N 6 .  ? 1.696   -5.446  0.698   1.00 44.14 ? 2039 HOH B O     1 
HETATM 1149 O  O     . HOH N 6 .  ? -8.119  -4.414  14.003  1.00 50.06 ? 2040 HOH B O     1 
HETATM 1150 O  O     . HOH N 6 .  ? -15.218 -10.417 12.472  1.00 50.69 ? 2041 HOH B O     1 
# 
loop_
_pdbx_poly_seq_scheme.asym_id 
_pdbx_poly_seq_scheme.entity_id 
_pdbx_poly_seq_scheme.seq_id 
_pdbx_poly_seq_scheme.mon_id 
_pdbx_poly_seq_scheme.ndb_seq_num 
_pdbx_poly_seq_scheme.pdb_seq_num 
_pdbx_poly_seq_scheme.auth_seq_num 
_pdbx_poly_seq_scheme.pdb_mon_id 
_pdbx_poly_seq_scheme.auth_mon_id 
_pdbx_poly_seq_scheme.pdb_strand_id 
_pdbx_poly_seq_scheme.pdb_ins_code 
_pdbx_poly_seq_scheme.hetero 
A 1 1  C   1  1  1  C   C A . n 
A 1 2  U   2  2  2  U   U A . n 
A 1 3  5BU 3  3  3  5BU U A . n 
A 1 4  G   4  4  4  G   G A . n 
A 1 5  C   5  5  5  C   C A . n 
A 1 6  U   6  6  6  U   U A . n 
A 1 7  G   7  7  7  G   G A . n 
A 1 8  A   8  8  8  A   A A . n 
A 1 9  A   9  9  9  A   A A . n 
A 1 10 G   10 10 10 G   G A . n 
A 1 11 U   11 11 11 U   U A . n 
A 1 12 G   12 12 12 G   G A . n 
A 1 13 C   13 13 13 C   C A . n 
A 1 14 A   14 14 14 A   A A . n 
A 1 15 C   15 15 15 C   C A . n 
A 1 16 A   16 16 16 A   A A . n 
A 1 17 C   17 17 17 C   C A . n 
A 1 18 A   18 18 18 A   A A . n 
A 1 19 G   19 19 19 G   G A . n 
A 1 20 C   20 20 20 C   C A . n 
A 1 21 A   21 21 21 A   A A . n 
A 1 22 A   22 22 22 A   A A . n 
A 1 23 G   23 23 23 G   G A . n 
B 1 1  C   1  1  1  C   C B . n 
B 1 2  U   2  2  2  U   U B . n 
B 1 3  5BU 3  3  3  5BU U B . n 
B 1 4  G   4  4  4  G   G B . n 
B 1 5  C   5  5  5  C   C B . n 
B 1 6  U   6  6  6  U   U B . n 
B 1 7  G   7  7  7  G   G B . n 
B 1 8  A   8  8  8  A   A B . n 
B 1 9  A   9  9  9  A   A B . n 
B 1 10 G   10 10 10 G   G B . n 
B 1 11 U   11 11 11 U   U B . n 
B 1 12 G   12 12 12 G   G B . n 
B 1 13 C   13 13 13 C   C B . n 
B 1 14 A   14 14 14 A   A B . n 
B 1 15 C   15 15 15 C   C B . n 
B 1 16 A   16 16 16 A   A B . n 
B 1 17 C   17 17 17 C   C B . n 
B 1 18 A   18 18 18 A   A B . n 
B 1 19 G   19 19 19 G   G B . n 
B 1 20 C   20 20 20 C   C B . n 
B 1 21 A   21 21 21 A   A B . n 
B 1 22 A   22 22 22 A   A B . n 
B 1 23 G   23 23 23 G   G B . n 
# 
loop_
_pdbx_nonpoly_scheme.asym_id 
_pdbx_nonpoly_scheme.entity_id 
_pdbx_nonpoly_scheme.mon_id 
_pdbx_nonpoly_scheme.ndb_seq_num 
_pdbx_nonpoly_scheme.pdb_seq_num 
_pdbx_nonpoly_scheme.auth_seq_num 
_pdbx_nonpoly_scheme.pdb_mon_id 
_pdbx_nonpoly_scheme.auth_mon_id 
_pdbx_nonpoly_scheme.pdb_strand_id 
_pdbx_nonpoly_scheme.pdb_ins_code 
C 2 NMY 1  1001 1  NMY NEO A . 
D 3 K   1  1002 2  K   K1  A . 
E 3 K   1  1003 4  K   K1  A . 
F 3 K   1  1004 6  K   K1  A . 
G 3 K   1  1005 7  K   K1  A . 
H 2 NMY 1  2001 1  NMY NEO B . 
I 3 K   1  2002 18 K   K1  B . 
J 3 K   1  2003 22 K   K1  B . 
K 4 CL  1  2004 11 CL  CL1 B . 
L 5 SO4 1  32   32 SO4 SO4 B . 
M 6 HOH 1  1006 5  HOH HOH A . 
M 6 HOH 2  1007 8  HOH HOH A . 
M 6 HOH 3  1008 9  HOH HOH A . 
M 6 HOH 4  1009 13 HOH HOH A . 
M 6 HOH 5  1010 14 HOH HOH A . 
M 6 HOH 6  1011 15 HOH HOH A . 
M 6 HOH 7  1012 16 HOH HOH A . 
M 6 HOH 8  1013 20 HOH HOH A . 
M 6 HOH 9  1014 23 HOH HOH A . 
M 6 HOH 10 1015 26 HOH HOH A . 
M 6 HOH 11 1016 28 HOH HOH A . 
M 6 HOH 12 1017 29 HOH HOH A . 
M 6 HOH 13 1018 30 HOH HOH A . 
M 6 HOH 14 1019 31 HOH HOH A . 
M 6 HOH 15 1020 34 HOH HOH A . 
M 6 HOH 16 1021 35 HOH HOH A . 
M 6 HOH 17 1022 39 HOH HOH A . 
M 6 HOH 18 1023 42 HOH HOH A . 
M 6 HOH 19 1024 45 HOH HOH A . 
M 6 HOH 20 1025 46 HOH HOH A . 
M 6 HOH 21 1026 48 HOH HOH A . 
M 6 HOH 22 1027 49 HOH HOH A . 
M 6 HOH 23 1028 50 HOH HOH A . 
M 6 HOH 24 1029 51 HOH HOH A . 
M 6 HOH 25 1030 52 HOH HOH A . 
M 6 HOH 26 1031 53 HOH HOH A . 
M 6 HOH 27 1032 54 HOH HOH A . 
M 6 HOH 28 1033 55 HOH HOH A . 
M 6 HOH 29 1034 58 HOH HOH A . 
M 6 HOH 30 1035 59 HOH HOH A . 
M 6 HOH 31 1036 61 HOH HOH A . 
M 6 HOH 32 1037 62 HOH HOH A . 
M 6 HOH 33 1038 66 HOH HOH A . 
M 6 HOH 34 1039 70 HOH HOH A . 
M 6 HOH 35 1040 72 HOH HOH A . 
M 6 HOH 36 1041 78 HOH HOH A . 
M 6 HOH 37 1042 82 HOH HOH A . 
N 6 HOH 1  2005 1  HOH HOH B . 
N 6 HOH 2  2006 3  HOH HOH B . 
N 6 HOH 3  2007 10 HOH HOH B . 
N 6 HOH 4  2008 12 HOH HOH B . 
N 6 HOH 5  2009 17 HOH HOH B . 
N 6 HOH 6  2010 19 HOH HOH B . 
N 6 HOH 7  2011 21 HOH HOH B . 
N 6 HOH 8  2012 24 HOH HOH B . 
N 6 HOH 9  2013 25 HOH HOH B . 
N 6 HOH 10 2014 27 HOH HOH B . 
N 6 HOH 11 2015 33 HOH HOH B . 
N 6 HOH 12 2016 36 HOH HOH B . 
N 6 HOH 13 2017 37 HOH HOH B . 
N 6 HOH 14 2018 38 HOH HOH B . 
N 6 HOH 15 2019 40 HOH HOH B . 
N 6 HOH 16 2020 41 HOH HOH B . 
N 6 HOH 17 2021 43 HOH HOH B . 
N 6 HOH 18 2022 44 HOH HOH B . 
N 6 HOH 19 2023 47 HOH HOH B . 
N 6 HOH 20 2024 56 HOH HOH B . 
N 6 HOH 21 2025 57 HOH HOH B . 
N 6 HOH 22 2026 60 HOH HOH B . 
N 6 HOH 23 2027 63 HOH HOH B . 
N 6 HOH 24 2028 64 HOH HOH B . 
N 6 HOH 25 2029 65 HOH HOH B . 
N 6 HOH 26 2030 67 HOH HOH B . 
N 6 HOH 27 2031 68 HOH HOH B . 
N 6 HOH 28 2032 69 HOH HOH B . 
N 6 HOH 29 2033 71 HOH HOH B . 
N 6 HOH 30 2034 73 HOH HOH B . 
N 6 HOH 31 2035 74 HOH HOH B . 
N 6 HOH 32 2036 75 HOH HOH B . 
N 6 HOH 33 2037 76 HOH HOH B . 
N 6 HOH 34 2038 77 HOH HOH B . 
N 6 HOH 35 2039 79 HOH HOH B . 
N 6 HOH 36 2040 80 HOH HOH B . 
N 6 HOH 37 2041 81 HOH HOH B . 
# 
loop_
_pdbx_struct_mod_residue.id 
_pdbx_struct_mod_residue.label_asym_id 
_pdbx_struct_mod_residue.label_comp_id 
_pdbx_struct_mod_residue.label_seq_id 
_pdbx_struct_mod_residue.auth_asym_id 
_pdbx_struct_mod_residue.auth_comp_id 
_pdbx_struct_mod_residue.auth_seq_id 
_pdbx_struct_mod_residue.PDB_ins_code 
_pdbx_struct_mod_residue.parent_comp_id 
_pdbx_struct_mod_residue.details 
1 A 5BU 3 A 5BU 3 ? U "5-BROMO-URIDINE-5'-MONOPHOSPHATE" 
2 B 5BU 3 B 5BU 3 ? U "5-BROMO-URIDINE-5'-MONOPHOSPHATE" 
# 
_pdbx_struct_assembly.id                   1 
_pdbx_struct_assembly.details              author_defined_assembly 
_pdbx_struct_assembly.method_details       ? 
_pdbx_struct_assembly.oligomeric_details   dimeric 
_pdbx_struct_assembly.oligomeric_count     2 
# 
_pdbx_struct_assembly_gen.assembly_id       1 
_pdbx_struct_assembly_gen.oper_expression   1 
_pdbx_struct_assembly_gen.asym_id_list      A,B,C,D,E,F,G,H,I,J,K,L,M,N 
# 
_pdbx_struct_oper_list.id                   1 
_pdbx_struct_oper_list.type                 'identity operation' 
_pdbx_struct_oper_list.name                 1_555 
_pdbx_struct_oper_list.symmetry_operation   x,y,z 
_pdbx_struct_oper_list.matrix[1][1]         1.0000000000 
_pdbx_struct_oper_list.matrix[1][2]         0.0000000000 
_pdbx_struct_oper_list.matrix[1][3]         0.0000000000 
_pdbx_struct_oper_list.vector[1]            0.0000000000 
_pdbx_struct_oper_list.matrix[2][1]         0.0000000000 
_pdbx_struct_oper_list.matrix[2][2]         1.0000000000 
_pdbx_struct_oper_list.matrix[2][3]         0.0000000000 
_pdbx_struct_oper_list.vector[2]            0.0000000000 
_pdbx_struct_oper_list.matrix[3][1]         0.0000000000 
_pdbx_struct_oper_list.matrix[3][2]         0.0000000000 
_pdbx_struct_oper_list.matrix[3][3]         1.0000000000 
_pdbx_struct_oper_list.vector[3]            0.0000000000 
# 
loop_
_pdbx_struct_conn_angle.id 
_pdbx_struct_conn_angle.ptnr1_label_atom_id 
_pdbx_struct_conn_angle.ptnr1_label_alt_id 
_pdbx_struct_conn_angle.ptnr1_label_asym_id 
_pdbx_struct_conn_angle.ptnr1_label_comp_id 
_pdbx_struct_conn_angle.ptnr1_label_seq_id 
_pdbx_struct_conn_angle.ptnr1_auth_atom_id 
_pdbx_struct_conn_angle.ptnr1_auth_asym_id 
_pdbx_struct_conn_angle.ptnr1_auth_comp_id 
_pdbx_struct_conn_angle.ptnr1_auth_seq_id 
_pdbx_struct_conn_angle.ptnr1_PDB_ins_code 
_pdbx_struct_conn_angle.ptnr1_symmetry 
_pdbx_struct_conn_angle.ptnr2_label_atom_id 
_pdbx_struct_conn_angle.ptnr2_label_alt_id 
_pdbx_struct_conn_angle.ptnr2_label_asym_id 
_pdbx_struct_conn_angle.ptnr2_label_comp_id 
_pdbx_struct_conn_angle.ptnr2_label_seq_id 
_pdbx_struct_conn_angle.ptnr2_auth_atom_id 
_pdbx_struct_conn_angle.ptnr2_auth_asym_id 
_pdbx_struct_conn_angle.ptnr2_auth_comp_id 
_pdbx_struct_conn_angle.ptnr2_auth_seq_id 
_pdbx_struct_conn_angle.ptnr2_PDB_ins_code 
_pdbx_struct_conn_angle.ptnr2_symmetry 
_pdbx_struct_conn_angle.ptnr3_label_atom_id 
_pdbx_struct_conn_angle.ptnr3_label_alt_id 
_pdbx_struct_conn_angle.ptnr3_label_asym_id 
_pdbx_struct_conn_angle.ptnr3_label_comp_id 
_pdbx_struct_conn_angle.ptnr3_label_seq_id 
_pdbx_struct_conn_angle.ptnr3_auth_atom_id 
_pdbx_struct_conn_angle.ptnr3_auth_asym_id 
_pdbx_struct_conn_angle.ptnr3_auth_comp_id 
_pdbx_struct_conn_angle.ptnr3_auth_seq_id 
_pdbx_struct_conn_angle.ptnr3_PDB_ins_code 
_pdbx_struct_conn_angle.ptnr3_symmetry 
_pdbx_struct_conn_angle.value 
_pdbx_struct_conn_angle.value_esd 
1  O4    ? A 5BU 3 ? A 5BU 3    ? 1_555 K ? F K . ? A K 1004 ? 1_555 O6  ? A G   4 ? A G   4    ? 1_555 72.8  ? 
2  O4    ? A 5BU 3 ? A 5BU 3    ? 1_555 K ? F K . ? A K 1004 ? 1_555 O   ? M HOH . ? A HOH 1016 ? 1_555 149.5 ? 
3  O6    ? A G   4 ? A G   4    ? 1_555 K ? F K . ? A K 1004 ? 1_555 O   ? M HOH . ? A HOH 1016 ? 1_555 78.8  ? 
4  OP1   ? A A   8 ? A A   8    ? 1_555 K ? E K . ? A K 1003 ? 1_555 OP2 ? A A   9 ? A A   9    ? 1_555 90.3  ? 
5  OP1   ? A A   8 ? A A   8    ? 1_555 K ? E K . ? A K 1003 ? 1_555 O4  ? C NMY . ? A NMY 1001 ? 1_555 66.9  ? 
6  OP2   ? A A   9 ? A A   9    ? 1_555 K ? E K . ? A K 1003 ? 1_555 O4  ? C NMY . ? A NMY 1001 ? 1_555 105.7 ? 
7  OP1   ? A A   8 ? A A   8    ? 1_555 K ? E K . ? A K 1003 ? 1_555 O   ? M HOH . ? A HOH 1008 ? 1_555 118.4 ? 
8  OP2   ? A A   9 ? A A   9    ? 1_555 K ? E K . ? A K 1003 ? 1_555 O   ? M HOH . ? A HOH 1008 ? 1_555 137.8 ? 
9  O4    ? C NMY . ? A NMY 1001 ? 1_555 K ? E K . ? A K 1003 ? 1_555 O   ? M HOH . ? A HOH 1008 ? 1_555 64.8  ? 
10 OP1   ? A A   8 ? A A   8    ? 1_555 K ? E K . ? A K 1003 ? 1_555 O   ? M HOH . ? A HOH 1031 ? 1_555 81.8  ? 
11 OP2   ? A A   9 ? A A   9    ? 1_555 K ? E K . ? A K 1003 ? 1_555 O   ? M HOH . ? A HOH 1031 ? 1_555 90.3  ? 
12 O4    ? C NMY . ? A NMY 1001 ? 1_555 K ? E K . ? A K 1003 ? 1_555 O   ? M HOH . ? A HOH 1031 ? 1_555 144.4 ? 
13 O     ? M HOH . ? A HOH 1008 ? 1_555 K ? E K . ? A K 1003 ? 1_555 O   ? M HOH . ? A HOH 1031 ? 1_555 122.0 ? 
14 OP1   ? A A   8 ? A A   8    ? 1_555 K ? E K . ? A K 1003 ? 1_555 O   ? M HOH . ? A HOH 1033 ? 1_555 121.5 ? 
15 OP2   ? A A   9 ? A A   9    ? 1_555 K ? E K . ? A K 1003 ? 1_555 O   ? M HOH . ? A HOH 1033 ? 1_555 58.9  ? 
16 O4    ? C NMY . ? A NMY 1001 ? 1_555 K ? E K . ? A K 1003 ? 1_555 O   ? M HOH . ? A HOH 1033 ? 1_555 75.2  ? 
17 O     ? M HOH . ? A HOH 1008 ? 1_555 K ? E K . ? A K 1003 ? 1_555 O   ? M HOH . ? A HOH 1033 ? 1_555 79.2  ? 
18 O     ? M HOH . ? A HOH 1031 ? 1_555 K ? E K . ? A K 1003 ? 1_555 O   ? M HOH . ? A HOH 1033 ? 1_555 138.7 ? 
19 OP1   ? A A   8 ? A A   8    ? 1_555 K ? E K . ? A K 1003 ? 1_555 O   ? M HOH . ? A HOH 1036 ? 1_555 64.5  ? 
20 OP2   ? A A   9 ? A A   9    ? 1_555 K ? E K . ? A K 1003 ? 1_555 O   ? M HOH . ? A HOH 1036 ? 1_555 153.9 ? 
21 O4    ? C NMY . ? A NMY 1001 ? 1_555 K ? E K . ? A K 1003 ? 1_555 O   ? M HOH . ? A HOH 1036 ? 1_555 71.9  ? 
22 O     ? M HOH . ? A HOH 1008 ? 1_555 K ? E K . ? A K 1003 ? 1_555 O   ? M HOH . ? A HOH 1036 ? 1_555 66.0  ? 
23 O     ? M HOH . ? A HOH 1031 ? 1_555 K ? E K . ? A K 1003 ? 1_555 O   ? M HOH . ? A HOH 1036 ? 1_555 79.8  ? 
24 O     ? M HOH . ? A HOH 1033 ? 1_555 K ? E K . ? A K 1003 ? 1_555 O   ? M HOH . ? A HOH 1036 ? 1_555 139.6 ? 
25 "O4'" ? A A   8 ? A A   8    ? 1_555 K ? G K . ? A K 1005 ? 1_555 N1  ? B A   9 ? B A   9    ? 3_555 81.8  ? 
26 "O4'" ? A A   8 ? A A   8    ? 1_555 K ? G K . ? A K 1005 ? 1_555 CL  ? K CL  . ? B CL  2004 ? 3_555 138.8 ? 
27 N1    ? B A   9 ? B A   9    ? 3_555 K ? G K . ? A K 1005 ? 1_555 CL  ? K CL  . ? B CL  2004 ? 3_555 82.3  ? 
28 "O4'" ? A A   8 ? A A   8    ? 1_555 K ? G K . ? A K 1005 ? 1_555 O   ? N HOH . ? B HOH 2007 ? 3_555 77.0  ? 
29 N1    ? B A   9 ? B A   9    ? 3_555 K ? G K . ? A K 1005 ? 1_555 O   ? N HOH . ? B HOH 2007 ? 3_555 62.5  ? 
30 CL    ? K CL  . ? B CL  2004 ? 3_555 K ? G K . ? A K 1005 ? 1_555 O   ? N HOH . ? B HOH 2007 ? 3_555 62.0  ? 
31 "O4'" ? A A   8 ? A A   8    ? 1_555 K ? G K . ? A K 1005 ? 1_555 O   ? N HOH . ? B HOH 2011 ? 3_555 143.5 ? 
32 N1    ? B A   9 ? B A   9    ? 3_555 K ? G K . ? A K 1005 ? 1_555 O   ? N HOH . ? B HOH 2011 ? 3_555 71.0  ? 
33 CL    ? K CL  . ? B CL  2004 ? 3_555 K ? G K . ? A K 1005 ? 1_555 O   ? N HOH . ? B HOH 2011 ? 3_555 61.8  ? 
34 O     ? N HOH . ? B HOH 2007 ? 3_555 K ? G K . ? A K 1005 ? 1_555 O   ? N HOH . ? B HOH 2011 ? 3_555 109.4 ? 
35 BR    ? B 5BU 3 ? B 5BU 3    ? 1_555 K ? J K . ? B K 2003 ? 1_555 O4  ? B 5BU 3 ? B 5BU 3    ? 1_555 56.8  ? 
36 BR    ? B 5BU 3 ? B 5BU 3    ? 1_555 K ? J K . ? B K 2003 ? 1_555 O6  ? B G   4 ? B G   4    ? 1_555 126.5 ? 
37 O4    ? B 5BU 3 ? B 5BU 3    ? 1_555 K ? J K . ? B K 2003 ? 1_555 O6  ? B G   4 ? B G   4    ? 1_555 81.6  ? 
38 BR    ? B 5BU 3 ? B 5BU 3    ? 1_555 K ? J K . ? B K 2003 ? 1_555 O   ? N HOH . ? B HOH 2022 ? 1_555 68.9  ? 
39 O4    ? B 5BU 3 ? B 5BU 3    ? 1_555 K ? J K . ? B K 2003 ? 1_555 O   ? N HOH . ? B HOH 2022 ? 1_555 91.1  ? 
40 O6    ? B G   4 ? B G   4    ? 1_555 K ? J K . ? B K 2003 ? 1_555 O   ? N HOH . ? B HOH 2022 ? 1_555 81.2  ? 
41 BR    ? B 5BU 3 ? B 5BU 3    ? 1_555 K ? J K . ? B K 2003 ? 1_555 O   ? N HOH . ? B HOH 2032 ? 1_555 148.4 ? 
42 O4    ? B 5BU 3 ? B 5BU 3    ? 1_555 K ? J K . ? B K 2003 ? 1_555 O   ? N HOH . ? B HOH 2032 ? 1_555 146.1 ? 
43 O6    ? B G   4 ? B G   4    ? 1_555 K ? J K . ? B K 2003 ? 1_555 O   ? N HOH . ? B HOH 2032 ? 1_555 84.6  ? 
44 O     ? N HOH . ? B HOH 2022 ? 1_555 K ? J K . ? B K 2003 ? 1_555 O   ? N HOH . ? B HOH 2032 ? 1_555 117.2 ? 
45 OP1   ? B A   8 ? B A   8    ? 1_555 K ? I K . ? B K 2002 ? 1_555 OP2 ? B A   9 ? B A   9    ? 1_555 79.7  ? 
46 OP1   ? B A   8 ? B A   8    ? 1_555 K ? I K . ? B K 2002 ? 1_555 O4  ? H NMY . ? B NMY 2001 ? 1_555 66.3  ? 
47 OP2   ? B A   9 ? B A   9    ? 1_555 K ? I K . ? B K 2002 ? 1_555 O4  ? H NMY . ? B NMY 2001 ? 1_555 118.0 ? 
48 OP1   ? B A   8 ? B A   8    ? 1_555 K ? I K . ? B K 2002 ? 1_555 O   ? N HOH . ? B HOH 2019 ? 1_555 113.0 ? 
49 OP2   ? B A   9 ? B A   9    ? 1_555 K ? I K . ? B K 2002 ? 1_555 O   ? N HOH . ? B HOH 2019 ? 1_555 66.2  ? 
50 O4    ? H NMY . ? B NMY 2001 ? 1_555 K ? I K . ? B K 2002 ? 1_555 O   ? N HOH . ? B HOH 2019 ? 1_555 81.2  ? 
# 
loop_
_pdbx_audit_revision_history.ordinal 
_pdbx_audit_revision_history.data_content_type 
_pdbx_audit_revision_history.major_revision 
_pdbx_audit_revision_history.minor_revision 
_pdbx_audit_revision_history.revision_date 
1 'Structure model' 1 0 2006-05-16 
2 'Structure model' 1 1 2008-05-01 
3 'Structure model' 1 2 2011-07-13 
4 'Structure model' 1 3 2023-08-30 
# 
_pdbx_audit_revision_details.ordinal             1 
_pdbx_audit_revision_details.revision_ordinal    1 
_pdbx_audit_revision_details.data_content_type   'Structure model' 
_pdbx_audit_revision_details.provider            repository 
_pdbx_audit_revision_details.type                'Initial release' 
_pdbx_audit_revision_details.description         ? 
_pdbx_audit_revision_details.details             ? 
# 
loop_
_pdbx_audit_revision_group.ordinal 
_pdbx_audit_revision_group.revision_ordinal 
_pdbx_audit_revision_group.data_content_type 
_pdbx_audit_revision_group.group 
1 2 'Structure model' 'Version format compliance' 
2 3 'Structure model' 'Version format compliance' 
3 4 'Structure model' 'Data collection'           
4 4 'Structure model' 'Database references'       
5 4 'Structure model' 'Derived calculations'      
6 4 'Structure model' 'Refinement description'    
# 
loop_
_pdbx_audit_revision_category.ordinal 
_pdbx_audit_revision_category.revision_ordinal 
_pdbx_audit_revision_category.data_content_type 
_pdbx_audit_revision_category.category 
1 4 'Structure model' chem_comp_atom                
2 4 'Structure model' chem_comp_bond                
3 4 'Structure model' database_2                    
4 4 'Structure model' pdbx_initial_refinement_model 
5 4 'Structure model' pdbx_struct_conn_angle        
6 4 'Structure model' struct_conn                   
7 4 'Structure model' struct_site                   
# 
loop_
_pdbx_audit_revision_item.ordinal 
_pdbx_audit_revision_item.revision_ordinal 
_pdbx_audit_revision_item.data_content_type 
_pdbx_audit_revision_item.item 
1  4 'Structure model' '_database_2.pdbx_DOI'                        
2  4 'Structure model' '_database_2.pdbx_database_accession'         
3  4 'Structure model' '_pdbx_struct_conn_angle.ptnr1_auth_comp_id'  
4  4 'Structure model' '_pdbx_struct_conn_angle.ptnr1_auth_seq_id'   
5  4 'Structure model' '_pdbx_struct_conn_angle.ptnr1_label_asym_id' 
6  4 'Structure model' '_pdbx_struct_conn_angle.ptnr1_label_atom_id' 
7  4 'Structure model' '_pdbx_struct_conn_angle.ptnr1_label_comp_id' 
8  4 'Structure model' '_pdbx_struct_conn_angle.ptnr1_label_seq_id'  
9  4 'Structure model' '_pdbx_struct_conn_angle.ptnr2_auth_seq_id'   
10 4 'Structure model' '_pdbx_struct_conn_angle.ptnr2_label_asym_id' 
11 4 'Structure model' '_pdbx_struct_conn_angle.ptnr3_auth_comp_id'  
12 4 'Structure model' '_pdbx_struct_conn_angle.ptnr3_auth_seq_id'   
13 4 'Structure model' '_pdbx_struct_conn_angle.ptnr3_label_asym_id' 
14 4 'Structure model' '_pdbx_struct_conn_angle.ptnr3_label_atom_id' 
15 4 'Structure model' '_pdbx_struct_conn_angle.ptnr3_label_comp_id' 
16 4 'Structure model' '_pdbx_struct_conn_angle.ptnr3_label_seq_id'  
17 4 'Structure model' '_pdbx_struct_conn_angle.value'               
18 4 'Structure model' '_struct_conn.conn_type_id'                   
19 4 'Structure model' '_struct_conn.id'                             
20 4 'Structure model' '_struct_conn.pdbx_dist_value'                
21 4 'Structure model' '_struct_conn.pdbx_leaving_atom_flag'         
22 4 'Structure model' '_struct_conn.ptnr1_auth_asym_id'             
23 4 'Structure model' '_struct_conn.ptnr1_auth_comp_id'             
24 4 'Structure model' '_struct_conn.ptnr1_auth_seq_id'              
25 4 'Structure model' '_struct_conn.ptnr1_label_asym_id'            
26 4 'Structure model' '_struct_conn.ptnr1_label_atom_id'            
27 4 'Structure model' '_struct_conn.ptnr1_label_comp_id'            
28 4 'Structure model' '_struct_conn.ptnr1_label_seq_id'             
29 4 'Structure model' '_struct_conn.ptnr2_auth_asym_id'             
30 4 'Structure model' '_struct_conn.ptnr2_auth_comp_id'             
31 4 'Structure model' '_struct_conn.ptnr2_auth_seq_id'              
32 4 'Structure model' '_struct_conn.ptnr2_label_asym_id'            
33 4 'Structure model' '_struct_conn.ptnr2_label_atom_id'            
34 4 'Structure model' '_struct_conn.ptnr2_label_comp_id'            
35 4 'Structure model' '_struct_conn.ptnr2_label_seq_id'             
36 4 'Structure model' '_struct_conn.ptnr2_symmetry'                 
37 4 'Structure model' '_struct_site.pdbx_auth_asym_id'              
38 4 'Structure model' '_struct_site.pdbx_auth_comp_id'              
39 4 'Structure model' '_struct_site.pdbx_auth_seq_id'               
# 
loop_
_software.name 
_software.classification 
_software.version 
_software.citation_id 
_software.pdbx_ordinal 
CNS       refinement       1.1 ? 1 
HKL-2000  'data reduction' .   ? 2 
SCALEPACK 'data scaling'   .   ? 3 
MOLREP    phasing          .   ? 4 
# 
_pdbx_validate_planes.id              1 
_pdbx_validate_planes.PDB_model_num   1 
_pdbx_validate_planes.auth_comp_id    A 
_pdbx_validate_planes.auth_asym_id    B 
_pdbx_validate_planes.auth_seq_id     9 
_pdbx_validate_planes.PDB_ins_code    ? 
_pdbx_validate_planes.label_alt_id    ? 
_pdbx_validate_planes.rmsd            0.054 
_pdbx_validate_planes.type            'SIDE CHAIN' 
# 
loop_
_chem_comp_atom.comp_id 
_chem_comp_atom.atom_id 
_chem_comp_atom.type_symbol 
_chem_comp_atom.pdbx_aromatic_flag 
_chem_comp_atom.pdbx_stereo_config 
_chem_comp_atom.pdbx_ordinal 
5BU P      P  N N 1   
5BU OP1    O  N N 2   
5BU OP2    O  N N 3   
5BU OP3    O  N N 4   
5BU "O5'"  O  N N 5   
5BU "C5'"  C  N N 6   
5BU "C4'"  C  N R 7   
5BU "O4'"  O  N N 8   
5BU "C3'"  C  N S 9   
5BU "O3'"  O  N N 10  
5BU "C2'"  C  N R 11  
5BU "O2'"  O  N N 12  
5BU "C1'"  C  N R 13  
5BU N1     N  N N 14  
5BU C2     C  N N 15  
5BU O2     O  N N 16  
5BU N3     N  N N 17  
5BU C4     C  N N 18  
5BU O4     O  N N 19  
5BU C5     C  N N 20  
5BU C6     C  N N 21  
5BU BR     BR N N 22  
5BU HOP2   H  N N 23  
5BU HOP3   H  N N 24  
5BU "H5'"  H  N N 25  
5BU "H5''" H  N N 26  
5BU "H4'"  H  N N 27  
5BU "H3'"  H  N N 28  
5BU "HO3'" H  N N 29  
5BU "H2'"  H  N N 30  
5BU "HO2'" H  N N 31  
5BU "H1'"  H  N N 32  
5BU H3     H  N N 33  
5BU H6     H  N N 34  
A   OP3    O  N N 35  
A   P      P  N N 36  
A   OP1    O  N N 37  
A   OP2    O  N N 38  
A   "O5'"  O  N N 39  
A   "C5'"  C  N N 40  
A   "C4'"  C  N R 41  
A   "O4'"  O  N N 42  
A   "C3'"  C  N S 43  
A   "O3'"  O  N N 44  
A   "C2'"  C  N R 45  
A   "O2'"  O  N N 46  
A   "C1'"  C  N R 47  
A   N9     N  Y N 48  
A   C8     C  Y N 49  
A   N7     N  Y N 50  
A   C5     C  Y N 51  
A   C6     C  Y N 52  
A   N6     N  N N 53  
A   N1     N  Y N 54  
A   C2     C  Y N 55  
A   N3     N  Y N 56  
A   C4     C  Y N 57  
A   HOP3   H  N N 58  
A   HOP2   H  N N 59  
A   "H5'"  H  N N 60  
A   "H5''" H  N N 61  
A   "H4'"  H  N N 62  
A   "H3'"  H  N N 63  
A   "HO3'" H  N N 64  
A   "H2'"  H  N N 65  
A   "HO2'" H  N N 66  
A   "H1'"  H  N N 67  
A   H8     H  N N 68  
A   H61    H  N N 69  
A   H62    H  N N 70  
A   H2     H  N N 71  
C   OP3    O  N N 72  
C   P      P  N N 73  
C   OP1    O  N N 74  
C   OP2    O  N N 75  
C   "O5'"  O  N N 76  
C   "C5'"  C  N N 77  
C   "C4'"  C  N R 78  
C   "O4'"  O  N N 79  
C   "C3'"  C  N S 80  
C   "O3'"  O  N N 81  
C   "C2'"  C  N R 82  
C   "O2'"  O  N N 83  
C   "C1'"  C  N R 84  
C   N1     N  N N 85  
C   C2     C  N N 86  
C   O2     O  N N 87  
C   N3     N  N N 88  
C   C4     C  N N 89  
C   N4     N  N N 90  
C   C5     C  N N 91  
C   C6     C  N N 92  
C   HOP3   H  N N 93  
C   HOP2   H  N N 94  
C   "H5'"  H  N N 95  
C   "H5''" H  N N 96  
C   "H4'"  H  N N 97  
C   "H3'"  H  N N 98  
C   "HO3'" H  N N 99  
C   "H2'"  H  N N 100 
C   "HO2'" H  N N 101 
C   "H1'"  H  N N 102 
C   H41    H  N N 103 
C   H42    H  N N 104 
C   H5     H  N N 105 
C   H6     H  N N 106 
CL  CL     CL N N 107 
G   OP3    O  N N 108 
G   P      P  N N 109 
G   OP1    O  N N 110 
G   OP2    O  N N 111 
G   "O5'"  O  N N 112 
G   "C5'"  C  N N 113 
G   "C4'"  C  N R 114 
G   "O4'"  O  N N 115 
G   "C3'"  C  N S 116 
G   "O3'"  O  N N 117 
G   "C2'"  C  N R 118 
G   "O2'"  O  N N 119 
G   "C1'"  C  N R 120 
G   N9     N  Y N 121 
G   C8     C  Y N 122 
G   N7     N  Y N 123 
G   C5     C  Y N 124 
G   C6     C  N N 125 
G   O6     O  N N 126 
G   N1     N  N N 127 
G   C2     C  N N 128 
G   N2     N  N N 129 
G   N3     N  N N 130 
G   C4     C  Y N 131 
G   HOP3   H  N N 132 
G   HOP2   H  N N 133 
G   "H5'"  H  N N 134 
G   "H5''" H  N N 135 
G   "H4'"  H  N N 136 
G   "H3'"  H  N N 137 
G   "HO3'" H  N N 138 
G   "H2'"  H  N N 139 
G   "HO2'" H  N N 140 
G   "H1'"  H  N N 141 
G   H8     H  N N 142 
G   H1     H  N N 143 
G   H21    H  N N 144 
G   H22    H  N N 145 
HOH O      O  N N 146 
HOH H1     H  N N 147 
HOH H2     H  N N 148 
K   K      K  N N 149 
NMY C1     C  N R 150 
NMY O1     O  N N 151 
NMY C2     C  N R 152 
NMY N2     N  N N 153 
NMY C3     C  N R 154 
NMY O3     O  N N 155 
NMY C4     C  N S 156 
NMY O4     O  N N 157 
NMY C5     C  N R 158 
NMY O5     O  N N 159 
NMY C6     C  N N 160 
NMY C7     C  N R 161 
NMY N7     N  N N 162 
NMY C12    C  N S 163 
NMY C11    C  N R 164 
NMY O11    O  N N 165 
NMY C10    C  N R 166 
NMY C9     C  N S 167 
NMY N9     N  N N 168 
NMY C8     C  N N 169 
NMY C13    C  N S 170 
NMY C14    C  N R 171 
NMY C15    C  N S 172 
NMY C16    C  N R 173 
NMY O16    O  N N 174 
NMY C17    C  N N 175 
NMY C21    C  N S 176 
NMY C20    C  N R 177 
NMY C19    C  N R 178 
NMY C18    C  N R 179 
NMY O18    O  N N 180 
NMY C22    C  N S 181 
NMY O22    O  N N 182 
NMY C23    C  N N 183 
NMY N6     N  N N 184 
NMY O14    O  N N 185 
NMY O20    O  N N 186 
NMY O21    O  N N 187 
NMY O17    O  N N 188 
NMY O12    O  N N 189 
NMY N19    N  N N 190 
NMY N23    N  N N 191 
NMY H1     H  N N 192 
NMY H2     H  N N 193 
NMY HN21   H  N N 194 
NMY HN22   H  N N 195 
NMY H3     H  N N 196 
NMY HO3    H  N N 197 
NMY H4     H  N N 198 
NMY HO4    H  N N 199 
NMY H5     H  N N 200 
NMY H61    H  N N 201 
NMY H62    H  N N 202 
NMY H7     H  N N 203 
NMY H71    H  N N 204 
NMY H72    H  N N 205 
NMY H12    H  N N 206 
NMY H11    H  N N 207 
NMY H10    H  N N 208 
NMY H9     H  N N 209 
NMY H91    H  N N 210 
NMY H92    H  N N 211 
NMY H81    H  N N 212 
NMY H82    H  N N 213 
NMY H13    H  N N 214 
NMY H14    H  N N 215 
NMY H15    H  N N 216 
NMY H16    H  N N 217 
NMY H171   H  N N 218 
NMY H172   H  N N 219 
NMY H21    H  N N 220 
NMY H20    H  N N 221 
NMY H19    H  N N 222 
NMY H18    H  N N 223 
NMY H22    H  N N 224 
NMY H231   H  N N 225 
NMY H232   H  N N 226 
NMY HN61   H  N N 227 
NMY HN62   H  N N 228 
NMY HO41   H  N N 229 
NMY HO22   H  N N 230 
NMY HO21   H  N N 231 
NMY H17    H  N N 232 
NMY HO12   H  N N 233 
NMY H191   H  N N 234 
NMY H192   H  N N 235 
NMY HN31   H  N N 236 
NMY HN32   H  N N 237 
SO4 S      S  N N 238 
SO4 O1     O  N N 239 
SO4 O2     O  N N 240 
SO4 O3     O  N N 241 
SO4 O4     O  N N 242 
U   OP3    O  N N 243 
U   P      P  N N 244 
U   OP1    O  N N 245 
U   OP2    O  N N 246 
U   "O5'"  O  N N 247 
U   "C5'"  C  N N 248 
U   "C4'"  C  N R 249 
U   "O4'"  O  N N 250 
U   "C3'"  C  N S 251 
U   "O3'"  O  N N 252 
U   "C2'"  C  N R 253 
U   "O2'"  O  N N 254 
U   "C1'"  C  N R 255 
U   N1     N  N N 256 
U   C2     C  N N 257 
U   O2     O  N N 258 
U   N3     N  N N 259 
U   C4     C  N N 260 
U   O4     O  N N 261 
U   C5     C  N N 262 
U   C6     C  N N 263 
U   HOP3   H  N N 264 
U   HOP2   H  N N 265 
U   "H5'"  H  N N 266 
U   "H5''" H  N N 267 
U   "H4'"  H  N N 268 
U   "H3'"  H  N N 269 
U   "HO3'" H  N N 270 
U   "H2'"  H  N N 271 
U   "HO2'" H  N N 272 
U   "H1'"  H  N N 273 
U   H3     H  N N 274 
U   H5     H  N N 275 
U   H6     H  N N 276 
# 
loop_
_chem_comp_bond.comp_id 
_chem_comp_bond.atom_id_1 
_chem_comp_bond.atom_id_2 
_chem_comp_bond.value_order 
_chem_comp_bond.pdbx_aromatic_flag 
_chem_comp_bond.pdbx_stereo_config 
_chem_comp_bond.pdbx_ordinal 
5BU P     OP1    doub N N 1   
5BU P     OP2    sing N N 2   
5BU P     OP3    sing N N 3   
5BU P     "O5'"  sing N N 4   
5BU OP2   HOP2   sing N N 5   
5BU OP3   HOP3   sing N N 6   
5BU "O5'" "C5'"  sing N N 7   
5BU "C5'" "C4'"  sing N N 8   
5BU "C5'" "H5'"  sing N N 9   
5BU "C5'" "H5''" sing N N 10  
5BU "C4'" "O4'"  sing N N 11  
5BU "C4'" "C3'"  sing N N 12  
5BU "C4'" "H4'"  sing N N 13  
5BU "O4'" "C1'"  sing N N 14  
5BU "C3'" "O3'"  sing N N 15  
5BU "C3'" "C2'"  sing N N 16  
5BU "C3'" "H3'"  sing N N 17  
5BU "O3'" "HO3'" sing N N 18  
5BU "C2'" "O2'"  sing N N 19  
5BU "C2'" "C1'"  sing N N 20  
5BU "C2'" "H2'"  sing N N 21  
5BU "O2'" "HO2'" sing N N 22  
5BU "C1'" N1     sing N N 23  
5BU "C1'" "H1'"  sing N N 24  
5BU N1    C2     sing N N 25  
5BU N1    C6     sing N N 26  
5BU C2    O2     doub N N 27  
5BU C2    N3     sing N N 28  
5BU N3    C4     sing N N 29  
5BU N3    H3     sing N N 30  
5BU C4    O4     doub N N 31  
5BU C4    C5     sing N N 32  
5BU C5    C6     doub N N 33  
5BU C5    BR     sing N N 34  
5BU C6    H6     sing N N 35  
A   OP3   P      sing N N 36  
A   OP3   HOP3   sing N N 37  
A   P     OP1    doub N N 38  
A   P     OP2    sing N N 39  
A   P     "O5'"  sing N N 40  
A   OP2   HOP2   sing N N 41  
A   "O5'" "C5'"  sing N N 42  
A   "C5'" "C4'"  sing N N 43  
A   "C5'" "H5'"  sing N N 44  
A   "C5'" "H5''" sing N N 45  
A   "C4'" "O4'"  sing N N 46  
A   "C4'" "C3'"  sing N N 47  
A   "C4'" "H4'"  sing N N 48  
A   "O4'" "C1'"  sing N N 49  
A   "C3'" "O3'"  sing N N 50  
A   "C3'" "C2'"  sing N N 51  
A   "C3'" "H3'"  sing N N 52  
A   "O3'" "HO3'" sing N N 53  
A   "C2'" "O2'"  sing N N 54  
A   "C2'" "C1'"  sing N N 55  
A   "C2'" "H2'"  sing N N 56  
A   "O2'" "HO2'" sing N N 57  
A   "C1'" N9     sing N N 58  
A   "C1'" "H1'"  sing N N 59  
A   N9    C8     sing Y N 60  
A   N9    C4     sing Y N 61  
A   C8    N7     doub Y N 62  
A   C8    H8     sing N N 63  
A   N7    C5     sing Y N 64  
A   C5    C6     sing Y N 65  
A   C5    C4     doub Y N 66  
A   C6    N6     sing N N 67  
A   C6    N1     doub Y N 68  
A   N6    H61    sing N N 69  
A   N6    H62    sing N N 70  
A   N1    C2     sing Y N 71  
A   C2    N3     doub Y N 72  
A   C2    H2     sing N N 73  
A   N3    C4     sing Y N 74  
C   OP3   P      sing N N 75  
C   OP3   HOP3   sing N N 76  
C   P     OP1    doub N N 77  
C   P     OP2    sing N N 78  
C   P     "O5'"  sing N N 79  
C   OP2   HOP2   sing N N 80  
C   "O5'" "C5'"  sing N N 81  
C   "C5'" "C4'"  sing N N 82  
C   "C5'" "H5'"  sing N N 83  
C   "C5'" "H5''" sing N N 84  
C   "C4'" "O4'"  sing N N 85  
C   "C4'" "C3'"  sing N N 86  
C   "C4'" "H4'"  sing N N 87  
C   "O4'" "C1'"  sing N N 88  
C   "C3'" "O3'"  sing N N 89  
C   "C3'" "C2'"  sing N N 90  
C   "C3'" "H3'"  sing N N 91  
C   "O3'" "HO3'" sing N N 92  
C   "C2'" "O2'"  sing N N 93  
C   "C2'" "C1'"  sing N N 94  
C   "C2'" "H2'"  sing N N 95  
C   "O2'" "HO2'" sing N N 96  
C   "C1'" N1     sing N N 97  
C   "C1'" "H1'"  sing N N 98  
C   N1    C2     sing N N 99  
C   N1    C6     sing N N 100 
C   C2    O2     doub N N 101 
C   C2    N3     sing N N 102 
C   N3    C4     doub N N 103 
C   C4    N4     sing N N 104 
C   C4    C5     sing N N 105 
C   N4    H41    sing N N 106 
C   N4    H42    sing N N 107 
C   C5    C6     doub N N 108 
C   C5    H5     sing N N 109 
C   C6    H6     sing N N 110 
G   OP3   P      sing N N 111 
G   OP3   HOP3   sing N N 112 
G   P     OP1    doub N N 113 
G   P     OP2    sing N N 114 
G   P     "O5'"  sing N N 115 
G   OP2   HOP2   sing N N 116 
G   "O5'" "C5'"  sing N N 117 
G   "C5'" "C4'"  sing N N 118 
G   "C5'" "H5'"  sing N N 119 
G   "C5'" "H5''" sing N N 120 
G   "C4'" "O4'"  sing N N 121 
G   "C4'" "C3'"  sing N N 122 
G   "C4'" "H4'"  sing N N 123 
G   "O4'" "C1'"  sing N N 124 
G   "C3'" "O3'"  sing N N 125 
G   "C3'" "C2'"  sing N N 126 
G   "C3'" "H3'"  sing N N 127 
G   "O3'" "HO3'" sing N N 128 
G   "C2'" "O2'"  sing N N 129 
G   "C2'" "C1'"  sing N N 130 
G   "C2'" "H2'"  sing N N 131 
G   "O2'" "HO2'" sing N N 132 
G   "C1'" N9     sing N N 133 
G   "C1'" "H1'"  sing N N 134 
G   N9    C8     sing Y N 135 
G   N9    C4     sing Y N 136 
G   C8    N7     doub Y N 137 
G   C8    H8     sing N N 138 
G   N7    C5     sing Y N 139 
G   C5    C6     sing N N 140 
G   C5    C4     doub Y N 141 
G   C6    O6     doub N N 142 
G   C6    N1     sing N N 143 
G   N1    C2     sing N N 144 
G   N1    H1     sing N N 145 
G   C2    N2     sing N N 146 
G   C2    N3     doub N N 147 
G   N2    H21    sing N N 148 
G   N2    H22    sing N N 149 
G   N3    C4     sing N N 150 
HOH O     H1     sing N N 151 
HOH O     H2     sing N N 152 
NMY C1    O5     sing N N 153 
NMY C1    O1     sing N N 154 
NMY C1    C2     sing N N 155 
NMY C1    H1     sing N N 156 
NMY O1    C10    sing N N 157 
NMY C2    N2     sing N N 158 
NMY C2    C3     sing N N 159 
NMY C2    H2     sing N N 160 
NMY N2    HN21   sing N N 161 
NMY N2    HN22   sing N N 162 
NMY C3    C4     sing N N 163 
NMY C3    O3     sing N N 164 
NMY C3    H3     sing N N 165 
NMY O3    HO3    sing N N 166 
NMY C4    C5     sing N N 167 
NMY C4    O4     sing N N 168 
NMY C4    H4     sing N N 169 
NMY O4    HO4    sing N N 170 
NMY C5    O5     sing N N 171 
NMY C5    C6     sing N N 172 
NMY C5    H5     sing N N 173 
NMY C6    N6     sing N N 174 
NMY C6    H61    sing N N 175 
NMY C6    H62    sing N N 176 
NMY C7    N7     sing N N 177 
NMY C7    C12    sing N N 178 
NMY C7    C8     sing N N 179 
NMY C7    H7     sing N N 180 
NMY N7    H71    sing N N 181 
NMY N7    H72    sing N N 182 
NMY C12   O12    sing N N 183 
NMY C12   C11    sing N N 184 
NMY C12   H12    sing N N 185 
NMY C11   O11    sing N N 186 
NMY C11   C10    sing N N 187 
NMY C11   H11    sing N N 188 
NMY O11   C13    sing N N 189 
NMY C10   C9     sing N N 190 
NMY C10   H10    sing N N 191 
NMY C9    C8     sing N N 192 
NMY C9    N9     sing N N 193 
NMY C9    H9     sing N N 194 
NMY N9    H91    sing N N 195 
NMY N9    H92    sing N N 196 
NMY C8    H81    sing N N 197 
NMY C8    H82    sing N N 198 
NMY C13   C14    sing N N 199 
NMY C13   O16    sing N N 200 
NMY C13   H13    sing N N 201 
NMY C14   O14    sing N N 202 
NMY C14   C15    sing N N 203 
NMY C14   H14    sing N N 204 
NMY C15   O18    sing N N 205 
NMY C15   C16    sing N N 206 
NMY C15   H15    sing N N 207 
NMY C16   O16    sing N N 208 
NMY C16   C17    sing N N 209 
NMY C16   H16    sing N N 210 
NMY C17   O17    sing N N 211 
NMY C17   H171   sing N N 212 
NMY C17   H172   sing N N 213 
NMY C21   C20    sing N N 214 
NMY C21   C22    sing N N 215 
NMY C21   O21    sing N N 216 
NMY C21   H21    sing N N 217 
NMY C20   C19    sing N N 218 
NMY C20   O20    sing N N 219 
NMY C20   H20    sing N N 220 
NMY C19   N23    sing N N 221 
NMY C19   C18    sing N N 222 
NMY C19   H19    sing N N 223 
NMY C18   O22    sing N N 224 
NMY C18   O18    sing N N 225 
NMY C18   H18    sing N N 226 
NMY C22   O22    sing N N 227 
NMY C22   C23    sing N N 228 
NMY C22   H22    sing N N 229 
NMY C23   N19    sing N N 230 
NMY C23   H231   sing N N 231 
NMY C23   H232   sing N N 232 
NMY N6    HN61   sing N N 233 
NMY N6    HN62   sing N N 234 
NMY O14   HO41   sing N N 235 
NMY O20   HO22   sing N N 236 
NMY O21   HO21   sing N N 237 
NMY O17   H17    sing N N 238 
NMY O12   HO12   sing N N 239 
NMY N19   H191   sing N N 240 
NMY N19   H192   sing N N 241 
NMY N23   HN31   sing N N 242 
NMY N23   HN32   sing N N 243 
SO4 S     O1     doub N N 244 
SO4 S     O2     doub N N 245 
SO4 S     O3     sing N N 246 
SO4 S     O4     sing N N 247 
U   OP3   P      sing N N 248 
U   OP3   HOP3   sing N N 249 
U   P     OP1    doub N N 250 
U   P     OP2    sing N N 251 
U   P     "O5'"  sing N N 252 
U   OP2   HOP2   sing N N 253 
U   "O5'" "C5'"  sing N N 254 
U   "C5'" "C4'"  sing N N 255 
U   "C5'" "H5'"  sing N N 256 
U   "C5'" "H5''" sing N N 257 
U   "C4'" "O4'"  sing N N 258 
U   "C4'" "C3'"  sing N N 259 
U   "C4'" "H4'"  sing N N 260 
U   "O4'" "C1'"  sing N N 261 
U   "C3'" "O3'"  sing N N 262 
U   "C3'" "C2'"  sing N N 263 
U   "C3'" "H3'"  sing N N 264 
U   "O3'" "HO3'" sing N N 265 
U   "C2'" "O2'"  sing N N 266 
U   "C2'" "C1'"  sing N N 267 
U   "C2'" "H2'"  sing N N 268 
U   "O2'" "HO2'" sing N N 269 
U   "C1'" N1     sing N N 270 
U   "C1'" "H1'"  sing N N 271 
U   N1    C2     sing N N 272 
U   N1    C6     sing N N 273 
U   C2    O2     doub N N 274 
U   C2    N3     sing N N 275 
U   N3    C4     sing N N 276 
U   N3    H3     sing N N 277 
U   C4    O4     doub N N 278 
U   C4    C5     sing N N 279 
U   C5    C6     doub N N 280 
U   C5    H5     sing N N 281 
U   C6    H6     sing N N 282 
# 
loop_
_ndb_struct_conf_na.entry_id 
_ndb_struct_conf_na.feature 
2FCY 'double helix'        
2FCY 'a-form double helix' 
# 
loop_
_ndb_struct_na_base_pair.model_number 
_ndb_struct_na_base_pair.i_label_asym_id 
_ndb_struct_na_base_pair.i_label_comp_id 
_ndb_struct_na_base_pair.i_label_seq_id 
_ndb_struct_na_base_pair.i_symmetry 
_ndb_struct_na_base_pair.j_label_asym_id 
_ndb_struct_na_base_pair.j_label_comp_id 
_ndb_struct_na_base_pair.j_label_seq_id 
_ndb_struct_na_base_pair.j_symmetry 
_ndb_struct_na_base_pair.shear 
_ndb_struct_na_base_pair.stretch 
_ndb_struct_na_base_pair.stagger 
_ndb_struct_na_base_pair.buckle 
_ndb_struct_na_base_pair.propeller 
_ndb_struct_na_base_pair.opening 
_ndb_struct_na_base_pair.pair_number 
_ndb_struct_na_base_pair.pair_name 
_ndb_struct_na_base_pair.i_auth_asym_id 
_ndb_struct_na_base_pair.i_auth_seq_id 
_ndb_struct_na_base_pair.i_PDB_ins_code 
_ndb_struct_na_base_pair.j_auth_asym_id 
_ndb_struct_na_base_pair.j_auth_seq_id 
_ndb_struct_na_base_pair.j_PDB_ins_code 
_ndb_struct_na_base_pair.hbond_type_28 
_ndb_struct_na_base_pair.hbond_type_12 
1 A C   1  1_555 A G 23 1_555 0.024  -0.139 0.047  3.378  -18.979 1.583  1  A_C1:G23_A   A 1  ? A 23 ? 19 1 
1 A U   2  1_555 A A 22 1_555 -0.097 -0.352 0.202  0.148  -17.490 0.204  2  A_U2:A22_A   A 2  ? A 22 ? 20 1 
1 A 5BU 3  1_555 A A 21 1_555 0.076  -0.071 0.206  -5.245 -19.251 6.127  3  A_5BU3:A21_A A 3  ? A 21 ? 20 1 
1 A G   4  1_555 A C 20 1_555 -0.035 -0.135 -0.086 -2.973 -17.855 -0.544 4  A_G4:C20_A   A 4  ? A 20 ? 19 1 
1 A C   5  1_555 A G 19 1_555 0.136  -0.315 0.235  -1.043 -18.568 -1.698 5  A_C5:G19_A   A 5  ? A 19 ? 19 1 
1 A U   6  1_555 A A 18 1_555 -0.369 -0.227 0.525  -5.227 -13.179 0.534  6  A_U6:A18_A   A 6  ? A 18 ? 20 1 
1 A G   7  1_555 A C 17 1_555 -0.116 -0.360 0.107  -6.586 -22.130 -0.471 7  A_G7:C17_A   A 7  ? A 17 ? 19 1 
1 B C   1  1_555 B G 23 1_555 -0.063 -0.184 0.014  11.971 -17.095 -1.426 8  B_C1:G23_B   B 1  ? B 23 ? 19 1 
1 B U   2  1_555 B A 22 1_555 -0.055 -0.089 0.057  5.033  -15.078 1.574  9  B_U2:A22_B   B 2  ? B 22 ? 20 1 
1 B 5BU 3  1_555 B A 21 1_555 0.329  -0.151 0.117  -1.898 -12.094 1.393  10 B_5BU3:A21_B B 3  ? B 21 ? 20 1 
1 B G   4  1_555 B C 20 1_555 -0.020 -0.068 0.313  0.152  -13.109 1.216  11 B_G4:C20_B   B 4  ? B 20 ? 19 1 
1 B C   5  1_555 B G 19 1_555 0.226  -0.369 0.035  0.518  -16.406 -1.400 12 B_C5:G19_B   B 5  ? B 19 ? 19 1 
1 B U   6  1_555 B A 18 1_555 -0.250 -0.110 0.348  3.482  -11.440 0.823  13 B_U6:A18_B   B 6  ? B 18 ? 20 1 
1 B G   7  1_555 B C 17 1_555 0.080  -0.209 0.099  -9.432 -25.767 0.675  14 B_G7:C17_B   B 7  ? B 17 ? 19 1 
1 A G   10 1_555 B C 15 1_555 -0.341 -0.195 0.057  -1.068 -5.572  -0.094 15 A_G10:C15_B  A 10 ? B 15 ? 19 1 
1 A U   11 1_555 B A 14 1_555 -0.296 -0.170 0.100  -4.331 -7.664  -3.549 16 A_U11:A14_B  A 11 ? B 14 ? 20 1 
1 A G   12 1_555 B C 13 1_555 -0.259 -0.065 0.303  0.875  -9.883  4.367  17 A_G12:C13_B  A 12 ? B 13 ? 19 1 
1 A C   13 1_555 B G 12 1_555 0.181  -0.077 0.012  1.422  -7.055  3.365  18 A_C13:G12_B  A 13 ? B 12 ? 19 1 
1 A A   14 1_555 B U 11 1_555 0.060  -0.020 0.134  4.145  -4.131  3.356  19 A_A14:U11_B  A 14 ? B 11 ? 20 1 
1 A C   15 1_555 B G 10 1_555 0.113  -0.162 -0.087 1.351  -4.744  -2.604 20 A_C15:G10_B  A 15 ? B 10 ? 19 1 
# 
loop_
_ndb_struct_na_base_pair_step.model_number 
_ndb_struct_na_base_pair_step.i_label_asym_id_1 
_ndb_struct_na_base_pair_step.i_label_comp_id_1 
_ndb_struct_na_base_pair_step.i_label_seq_id_1 
_ndb_struct_na_base_pair_step.i_symmetry_1 
_ndb_struct_na_base_pair_step.j_label_asym_id_1 
_ndb_struct_na_base_pair_step.j_label_comp_id_1 
_ndb_struct_na_base_pair_step.j_label_seq_id_1 
_ndb_struct_na_base_pair_step.j_symmetry_1 
_ndb_struct_na_base_pair_step.i_label_asym_id_2 
_ndb_struct_na_base_pair_step.i_label_comp_id_2 
_ndb_struct_na_base_pair_step.i_label_seq_id_2 
_ndb_struct_na_base_pair_step.i_symmetry_2 
_ndb_struct_na_base_pair_step.j_label_asym_id_2 
_ndb_struct_na_base_pair_step.j_label_comp_id_2 
_ndb_struct_na_base_pair_step.j_label_seq_id_2 
_ndb_struct_na_base_pair_step.j_symmetry_2 
_ndb_struct_na_base_pair_step.shift 
_ndb_struct_na_base_pair_step.slide 
_ndb_struct_na_base_pair_step.rise 
_ndb_struct_na_base_pair_step.tilt 
_ndb_struct_na_base_pair_step.roll 
_ndb_struct_na_base_pair_step.twist 
_ndb_struct_na_base_pair_step.x_displacement 
_ndb_struct_na_base_pair_step.y_displacement 
_ndb_struct_na_base_pair_step.helical_rise 
_ndb_struct_na_base_pair_step.inclination 
_ndb_struct_na_base_pair_step.tip 
_ndb_struct_na_base_pair_step.helical_twist 
_ndb_struct_na_base_pair_step.step_number 
_ndb_struct_na_base_pair_step.step_name 
_ndb_struct_na_base_pair_step.i_auth_asym_id_1 
_ndb_struct_na_base_pair_step.i_auth_seq_id_1 
_ndb_struct_na_base_pair_step.i_PDB_ins_code_1 
_ndb_struct_na_base_pair_step.j_auth_asym_id_1 
_ndb_struct_na_base_pair_step.j_auth_seq_id_1 
_ndb_struct_na_base_pair_step.j_PDB_ins_code_1 
_ndb_struct_na_base_pair_step.i_auth_asym_id_2 
_ndb_struct_na_base_pair_step.i_auth_seq_id_2 
_ndb_struct_na_base_pair_step.i_PDB_ins_code_2 
_ndb_struct_na_base_pair_step.j_auth_asym_id_2 
_ndb_struct_na_base_pair_step.j_auth_seq_id_2 
_ndb_struct_na_base_pair_step.j_PDB_ins_code_2 
1 A C   1  1_555 A G 23 1_555 A U   2  1_555 A A 22 1_555 -0.549 -1.395 3.298 -5.247 14.326 31.765 -4.315 0.175  2.514 24.486 
8.968  35.154 1  AA_C1U2:A22G23_AA   A 1  ? A 23 ? A 2  ? A 22 ? 
1 A U   2  1_555 A A 22 1_555 A 5BU 3  1_555 A A 21 1_555 0.355  -0.902 3.346 1.678  10.883 35.714 -2.831 -0.336 2.968 17.247 
-2.659 37.320 2  AA_U25BU3:A21A22_AA A 2  ? A 22 ? A 3  ? A 21 ? 
1 A 5BU 3  1_555 A A 21 1_555 A G   4  1_555 A C 20 1_555 0.335  -1.465 3.091 1.228  11.526 28.863 -4.650 -0.422 2.358 22.035 
-2.347 31.058 3  AA_5BU3G4:C20A21_AA A 3  ? A 21 ? A 4  ? A 20 ? 
1 A G   4  1_555 A C 20 1_555 A C   5  1_555 A G 19 1_555 -0.359 -1.370 3.191 -2.164 3.370  34.019 -2.835 0.282  3.062 5.736  
3.682  34.247 4  AA_G4C5:G19C20_AA   A 4  ? A 20 ? A 5  ? A 19 ? 
1 A C   5  1_555 A G 19 1_555 A U   6  1_555 A A 18 1_555 0.520  -1.184 3.251 -0.728 7.508  31.025 -3.452 -1.073 2.880 13.782 
1.337  31.907 5  AA_C5U6:A18G19_AA   A 5  ? A 19 ? A 6  ? A 18 ? 
1 A U   6  1_555 A A 18 1_555 A G   7  1_555 A C 17 1_555 0.055  -1.536 3.174 2.434  10.655 35.763 -3.675 0.206  2.623 16.871 
-3.855 37.343 6  AA_U6G7:C17A18_AA   A 6  ? A 18 ? A 7  ? A 17 ? 
1 B C   1  1_555 B G 23 1_555 B U   2  1_555 B A 22 1_555 0.130  -1.627 3.441 -2.259 8.751  34.848 -3.873 -0.530 2.946 14.316 
3.696  35.966 7  BB_C1U2:A22G23_BB   B 1  ? B 23 ? B 2  ? B 22 ? 
1 B U   2  1_555 B A 22 1_555 B 5BU 3  1_555 B A 21 1_555 -0.345 -2.051 3.360 -1.594 6.624  33.083 -4.574 0.344  2.920 11.481 
2.762  33.758 8  BB_U25BU3:A21A22_BB B 2  ? B 22 ? B 3  ? B 21 ? 
1 B 5BU 3  1_555 B A 21 1_555 B G   4  1_555 B C 20 1_555 -0.174 -1.677 3.031 -3.064 9.259  33.423 -4.024 -0.112 2.498 15.688 
5.191  34.778 9  BB_5BU3G4:C20A21_BB B 3  ? B 21 ? B 4  ? B 20 ? 
1 B G   4  1_555 B C 20 1_555 B C   5  1_555 B G 19 1_555 -0.498 -1.289 3.268 2.606  3.628  32.440 -2.896 1.320  3.062 6.455  
-4.637 32.738 10 BB_G4C5:G19C20_BB   B 4  ? B 20 ? B 5  ? B 19 ? 
1 B C   5  1_555 B G 19 1_555 B U   6  1_555 B A 18 1_555 0.725  -1.536 3.087 -0.439 8.016  28.949 -4.417 -1.480 2.567 15.658 
0.858  30.018 11 BB_C5U6:A18G19_BB   B 5  ? B 19 ? B 6  ? B 18 ? 
1 B U   6  1_555 B A 18 1_555 B G   7  1_555 B C 17 1_555 0.248  -1.327 3.505 4.749  12.157 37.441 -3.412 0.201  2.959 18.273 
-7.137 39.573 12 BB_U6G7:C17A18_BB   B 6  ? B 18 ? B 7  ? B 17 ? 
1 B G   7  1_555 B C 17 1_555 A G   10 1_555 B C 15 1_555 -1.603 -3.855 6.185 7.304  17.960 78.287 -3.828 1.584  5.211 14.027 
-5.705 80.276 13 BA_G7G10:C15C17_BB  B 7  ? B 17 ? A 10 ? B 15 ? 
1 A G   10 1_555 B C 15 1_555 A U   11 1_555 B A 14 1_555 -0.542 -2.601 3.379 -1.958 0.632  29.429 -5.247 0.634  3.351 1.243  
3.849  29.500 14 AA_G10U11:A14C15_BB A 10 ? B 15 ? A 11 ? B 14 ? 
1 A U   11 1_555 B A 14 1_555 A G   12 1_555 B C 13 1_555 0.142  -1.767 2.932 0.073  7.368  31.863 -4.208 -0.242 2.473 13.201 
-0.130 32.682 15 AA_U11G12:C13A14_BB A 11 ? B 14 ? A 12 ? B 13 ? 
1 A G   12 1_555 B C 13 1_555 A C   13 1_555 B G 12 1_555 -0.184 -1.195 3.282 3.033  10.639 33.013 -3.539 0.747  2.750 18.101 
-5.161 34.769 16 AA_G12C13:G12C13_BB A 12 ? B 13 ? A 13 ? B 12 ? 
1 A C   13 1_555 B G 12 1_555 A A   14 1_555 B U 11 1_555 0.932  -1.967 3.088 -0.738 10.358 26.392 -6.008 -2.046 2.151 21.650 
1.543  28.328 17 AA_C13A14:U11G12_BB A 13 ? B 12 ? A 14 ? B 11 ? 
1 A A   14 1_555 B U 11 1_555 A C   15 1_555 B G 10 1_555 0.138  -2.501 3.390 1.312  2.111  28.738 -5.496 0.018  3.205 4.243  
-2.638 28.843 18 AA_A14C15:G10U11_BB A 14 ? B 11 ? A 15 ? B 10 ? 
# 
loop_
_pdbx_entity_nonpoly.entity_id 
_pdbx_entity_nonpoly.name 
_pdbx_entity_nonpoly.comp_id 
2 NEOMYCIN        NMY 
3 'POTASSIUM ION' K   
4 'CHLORIDE ION'  CL  
5 'SULFATE ION'   SO4 
6 water           HOH 
# 
_pdbx_initial_refinement_model.id               1 
_pdbx_initial_refinement_model.entity_id_list   ? 
_pdbx_initial_refinement_model.type             'experimental model' 
_pdbx_initial_refinement_model.source_name      PDB 
_pdbx_initial_refinement_model.accession_code   2FCX 
_pdbx_initial_refinement_model.details          ? 
# 
